data_1Q1G
#
_entry.id   1Q1G
#
_cell.length_a   86.443
_cell.length_b   91.733
_cell.length_c   238.939
_cell.angle_alpha   90
_cell.angle_beta   90
_cell.angle_gamma   90
#
_symmetry.space_group_name_H-M   'P 21 21 21'
#
loop_
_entity.id
_entity.type
_entity.pdbx_description
1 polymer 'Uridine phosphorylase putative'
2 non-polymer 'SULFATE ION'
3 non-polymer 3,4-DIHYDROXY-2-[(METHYLSULFANYL)METHYL]-5-(4-OXO-4,5-DIHYDRO-3H-PYRROLO[3,2-D]PYRIMIDIN-7-YL)PYRROLIDINIUM
4 non-polymer 'ISOPROPYL ALCOHOL'
5 water water
#
_entity_poly.entity_id   1
_entity_poly.type   'polypeptide(L)'
_entity_poly.pdbx_seq_one_letter_code
;MALDNLLRHLKISKEQITPVVLVVGDPGRVDKIKVVCDSYVDLAYNREYKSVECHYKGQKFLCVSHGVGSAGCAVCFEEL
CQNGAKVIIRAGSCGSLQPDLIKRGDICICNAAVREDRVSHLLIHGDFPAVGDFDVYDTLNKCAQELNVPVFNGISVSSD
MYYPNKIIPSRLEDYSKANAAVVEMELATLMVIGTLRKVKTGGILIVDGCPFKWDEGDFDNNLVPHQLENMIKIALGACA
KLATKYAKGEFEAYVEQKLISEEDLNSAVDHHHHHH
;
_entity_poly.pdbx_strand_id   A,B,C,D,E,F
#
# COMPACT_ATOMS: atom_id res chain seq x y z
N ASN A 5 37.63 -20.12 -4.70
CA ASN A 5 36.43 -19.52 -4.04
C ASN A 5 36.05 -18.21 -4.70
N LEU A 6 35.54 -18.28 -5.93
CA LEU A 6 35.15 -17.08 -6.64
C LEU A 6 33.72 -16.67 -6.29
N LEU A 7 33.46 -15.37 -6.32
CA LEU A 7 32.13 -14.87 -6.03
C LEU A 7 31.27 -15.24 -7.23
N ARG A 8 30.12 -15.84 -6.93
CA ARG A 8 29.18 -16.31 -7.95
C ARG A 8 29.08 -15.53 -9.26
N HIS A 9 28.98 -14.22 -9.20
CA HIS A 9 28.85 -13.45 -10.43
C HIS A 9 29.98 -12.47 -10.73
N LEU A 10 30.74 -12.09 -9.70
CA LEU A 10 31.86 -11.17 -9.90
C LEU A 10 33.05 -11.97 -10.40
N LYS A 11 33.07 -13.26 -10.07
CA LYS A 11 34.13 -14.17 -10.48
C LYS A 11 35.50 -13.83 -9.90
N ILE A 12 35.51 -13.30 -8.68
CA ILE A 12 36.74 -12.94 -8.00
C ILE A 12 36.66 -13.54 -6.61
N SER A 13 37.80 -13.70 -5.94
CA SER A 13 37.81 -14.29 -4.62
C SER A 13 37.67 -13.23 -3.54
N LYS A 14 37.40 -13.66 -2.31
CA LYS A 14 37.24 -12.75 -1.19
C LYS A 14 38.60 -12.12 -0.88
N GLU A 15 39.66 -12.74 -1.39
CA GLU A 15 41.01 -12.26 -1.16
C GLU A 15 41.35 -11.06 -2.03
N GLN A 16 40.71 -10.96 -3.18
CA GLN A 16 40.95 -9.87 -4.11
C GLN A 16 40.11 -8.64 -3.80
N ILE A 17 39.24 -8.75 -2.81
CA ILE A 17 38.36 -7.65 -2.43
C ILE A 17 39.01 -6.68 -1.45
N THR A 18 39.23 -5.45 -1.92
CA THR A 18 39.83 -4.41 -1.09
C THR A 18 38.73 -3.76 -0.26
N PRO A 19 39.11 -3.13 0.87
CA PRO A 19 38.14 -2.46 1.74
C PRO A 19 37.39 -1.33 1.05
N VAL A 20 38.07 -0.62 0.17
CA VAL A 20 37.44 0.47 -0.56
C VAL A 20 37.19 -0.02 -1.97
N VAL A 21 36.02 0.33 -2.51
CA VAL A 21 35.64 -0.08 -3.85
C VAL A 21 34.92 1.03 -4.59
N LEU A 22 35.37 1.29 -5.81
CA LEU A 22 34.75 2.32 -6.65
C LEU A 22 33.87 1.57 -7.64
N VAL A 23 32.58 1.91 -7.69
CA VAL A 23 31.67 1.24 -8.61
C VAL A 23 31.13 2.20 -9.66
N VAL A 24 31.00 1.71 -10.88
CA VAL A 24 30.49 2.50 -12.00
C VAL A 24 29.46 1.62 -12.73
N GLY A 25 28.60 2.25 -13.53
CA GLY A 25 27.60 1.48 -14.24
C GLY A 25 28.14 0.76 -15.46
N ASP A 26 28.88 1.49 -16.29
CA ASP A 26 29.43 0.95 -17.53
C ASP A 26 30.71 0.13 -17.39
N PRO A 27 30.69 -1.14 -17.82
CA PRO A 27 31.91 -1.94 -17.71
C PRO A 27 33.05 -1.34 -18.55
N GLY A 28 32.68 -0.54 -19.54
CA GLY A 28 33.68 0.10 -20.38
C GLY A 28 34.36 1.22 -19.62
N ARG A 29 33.60 1.84 -18.73
CA ARG A 29 34.12 2.94 -17.93
C ARG A 29 35.25 2.46 -17.04
N VAL A 30 35.21 1.21 -16.64
CA VAL A 30 36.25 0.66 -15.77
C VAL A 30 37.62 0.73 -16.47
N ASP A 31 37.64 0.45 -17.77
CA ASP A 31 38.90 0.49 -18.51
C ASP A 31 39.42 1.92 -18.66
N LYS A 32 38.53 2.86 -18.92
CA LYS A 32 38.93 4.25 -19.08
C LYS A 32 39.47 4.83 -17.77
N ILE A 33 39.09 4.21 -16.65
CA ILE A 33 39.53 4.67 -15.35
C ILE A 33 40.86 4.07 -14.89
N LYS A 34 41.02 2.77 -15.10
CA LYS A 34 42.23 2.08 -14.68
C LYS A 34 43.51 2.62 -15.31
N VAL A 35 43.40 3.16 -16.52
CA VAL A 35 44.58 3.69 -17.19
C VAL A 35 44.96 5.09 -16.72
N VAL A 36 44.14 5.67 -15.85
CA VAL A 36 44.43 6.99 -15.33
C VAL A 36 45.08 6.87 -13.96
N CYS A 37 45.09 5.65 -13.43
CA CYS A 37 45.70 5.35 -12.13
C CYS A 37 47.19 5.12 -12.37
N ASP A 38 47.93 4.88 -11.30
CA ASP A 38 49.37 4.63 -11.44
C ASP A 38 49.54 3.30 -12.18
N SER A 39 48.89 2.26 -11.67
CA SER A 39 48.96 0.94 -12.29
C SER A 39 47.66 0.19 -12.00
N TYR A 40 47.51 -1.01 -12.57
CA TYR A 40 46.30 -1.80 -12.37
C TYR A 40 46.52 -3.29 -12.60
N VAL A 41 45.56 -4.09 -12.14
CA VAL A 41 45.62 -5.53 -12.30
C VAL A 41 44.21 -6.06 -12.59
N ASP A 42 43.95 -6.36 -13.86
CA ASP A 42 42.65 -6.88 -14.25
C ASP A 42 42.36 -8.13 -13.43
N LEU A 43 41.12 -8.24 -12.94
CA LEU A 43 40.74 -9.39 -12.14
C LEU A 43 39.78 -10.32 -12.85
N ALA A 44 38.68 -9.78 -13.36
CA ALA A 44 37.70 -10.61 -14.05
C ALA A 44 36.67 -9.79 -14.82
N TYR A 45 35.90 -10.48 -15.64
CA TYR A 45 34.86 -9.86 -16.44
C TYR A 45 33.81 -10.90 -16.74
N ASN A 46 32.65 -10.79 -16.09
CA ASN A 46 31.54 -11.71 -16.27
C ASN A 46 30.27 -10.89 -16.45
N ARG A 47 29.51 -11.21 -17.50
CA ARG A 47 28.29 -10.47 -17.79
C ARG A 47 28.66 -8.99 -17.85
N GLU A 48 27.95 -8.14 -17.11
CA GLU A 48 28.27 -6.72 -17.16
C GLU A 48 29.14 -6.28 -15.98
N TYR A 49 29.72 -7.23 -15.27
CA TYR A 49 30.56 -6.92 -14.12
C TYR A 49 32.05 -7.11 -14.42
N LYS A 50 32.77 -6.01 -14.54
CA LYS A 50 34.20 -6.05 -14.80
C LYS A 50 34.96 -5.52 -13.58
N SER A 51 35.87 -6.34 -13.06
CA SER A 51 36.65 -5.98 -11.88
C SER A 51 38.11 -5.69 -12.23
N VAL A 52 38.66 -4.66 -11.58
CA VAL A 52 40.06 -4.26 -11.81
C VAL A 52 40.62 -3.63 -10.54
N GLU A 53 41.78 -4.10 -10.10
CA GLU A 53 42.40 -3.54 -8.90
C GLU A 53 43.20 -2.30 -9.29
N CYS A 54 42.76 -1.15 -8.82
CA CYS A 54 43.43 0.11 -9.13
C CYS A 54 44.51 0.49 -8.13
N HIS A 55 45.58 1.08 -8.65
CA HIS A 55 46.71 1.52 -7.84
C HIS A 55 46.77 3.03 -8.02
N TYR A 56 46.63 3.75 -6.92
CA TYR A 56 46.62 5.19 -6.99
C TYR A 56 47.21 5.80 -5.71
N LYS A 57 48.23 6.63 -5.88
CA LYS A 57 48.91 7.27 -4.75
C LYS A 57 49.38 6.22 -3.74
N GLY A 58 49.82 5.08 -4.25
CA GLY A 58 50.30 4.03 -3.37
C GLY A 58 49.17 3.30 -2.65
N GLN A 59 47.94 3.55 -3.08
CA GLN A 59 46.79 2.90 -2.48
C GLN A 59 46.20 1.86 -3.41
N LYS A 60 45.66 0.80 -2.81
CA LYS A 60 45.05 -0.30 -3.55
C LYS A 60 43.54 -0.34 -3.31
N PHE A 61 42.77 -0.35 -4.40
CA PHE A 61 41.32 -0.43 -4.31
C PHE A 61 40.73 -0.84 -5.65
N LEU A 62 39.64 -1.61 -5.59
CA LEU A 62 38.99 -2.10 -6.79
C LEU A 62 38.06 -1.10 -7.47
N CYS A 63 37.82 -1.35 -8.75
CA CYS A 63 36.90 -0.55 -9.54
C CYS A 63 36.09 -1.59 -10.26
N VAL A 64 34.78 -1.62 -9.99
CA VAL A 64 33.91 -2.61 -10.60
C VAL A 64 32.68 -1.99 -11.23
N SER A 65 32.24 -2.54 -12.36
CA SER A 65 31.04 -2.05 -13.03
C SER A 65 29.87 -2.82 -12.42
N HIS A 66 28.72 -2.16 -12.26
CA HIS A 66 27.56 -2.81 -11.66
C HIS A 66 26.36 -2.98 -12.60
N GLY A 67 26.47 -2.40 -13.80
CA GLY A 67 25.38 -2.52 -14.76
C GLY A 67 24.27 -1.51 -14.55
N VAL A 68 23.36 -1.42 -15.52
CA VAL A 68 22.22 -0.49 -15.43
C VAL A 68 21.09 -1.11 -14.60
N GLY A 69 20.55 -0.35 -13.66
CA GLY A 69 19.44 -0.85 -12.86
C GLY A 69 19.71 -1.38 -11.47
N SER A 70 18.78 -1.11 -10.57
CA SER A 70 18.89 -1.52 -9.17
C SER A 70 19.02 -3.03 -8.94
N ALA A 71 18.18 -3.82 -9.59
CA ALA A 71 18.24 -5.26 -9.39
C ALA A 71 19.60 -5.83 -9.77
N GLY A 72 20.14 -5.38 -10.89
CA GLY A 72 21.44 -5.86 -11.34
C GLY A 72 22.59 -5.40 -10.47
N CYS A 73 22.59 -4.12 -10.09
CA CYS A 73 23.67 -3.61 -9.26
C CYS A 73 23.60 -4.23 -7.86
N ALA A 74 22.41 -4.63 -7.45
CA ALA A 74 22.24 -5.24 -6.13
C ALA A 74 23.05 -6.54 -6.01
N VAL A 75 23.13 -7.29 -7.09
CA VAL A 75 23.90 -8.53 -7.09
C VAL A 75 25.35 -8.18 -6.82
N CYS A 76 25.83 -7.16 -7.51
CA CYS A 76 27.20 -6.68 -7.39
C CYS A 76 27.47 -6.20 -5.96
N PHE A 77 26.61 -5.30 -5.49
CA PHE A 77 26.74 -4.72 -4.15
C PHE A 77 26.69 -5.73 -3.00
N GLU A 78 25.82 -6.74 -3.11
CA GLU A 78 25.72 -7.74 -2.05
C GLU A 78 26.97 -8.61 -2.02
N GLU A 79 27.45 -9.04 -3.19
CA GLU A 79 28.64 -9.87 -3.24
C GLU A 79 29.83 -9.13 -2.64
N LEU A 80 29.92 -7.84 -2.90
CA LEU A 80 31.02 -7.02 -2.38
C LEU A 80 30.88 -6.79 -0.87
N CYS A 81 29.68 -6.42 -0.43
CA CYS A 81 29.45 -6.15 0.98
C CYS A 81 29.57 -7.41 1.83
N GLN A 82 29.14 -8.54 1.28
CA GLN A 82 29.18 -9.79 2.00
C GLN A 82 30.54 -10.49 1.93
N ASN A 83 31.52 -9.85 1.30
CA ASN A 83 32.84 -10.47 1.18
C ASN A 83 34.03 -9.55 1.38
N GLY A 84 33.91 -8.61 2.31
CA GLY A 84 35.04 -7.73 2.57
C GLY A 84 34.90 -6.24 2.41
N ALA A 85 34.25 -5.78 1.34
CA ALA A 85 34.10 -4.35 1.11
C ALA A 85 33.70 -3.64 2.40
N LYS A 86 34.30 -2.48 2.64
CA LYS A 86 34.02 -1.68 3.84
C LYS A 86 33.52 -0.30 3.42
N VAL A 87 33.90 0.11 2.21
CA VAL A 87 33.53 1.41 1.67
C VAL A 87 33.23 1.28 0.19
N ILE A 88 32.06 1.76 -0.24
CA ILE A 88 31.69 1.69 -1.65
C ILE A 88 31.20 3.04 -2.14
N ILE A 89 31.88 3.57 -3.15
CA ILE A 89 31.52 4.86 -3.72
C ILE A 89 31.06 4.67 -5.16
N ARG A 90 29.86 5.15 -5.46
CA ARG A 90 29.36 5.04 -6.81
C ARG A 90 29.61 6.35 -7.55
N ALA A 91 30.20 6.22 -8.73
CA ALA A 91 30.50 7.35 -9.60
C ALA A 91 29.75 7.04 -10.89
N GLY A 92 28.83 7.92 -11.28
CA GLY A 92 28.08 7.68 -12.50
C GLY A 92 27.46 8.94 -13.05
N SER A 93 26.53 8.78 -13.99
CA SER A 93 25.86 9.91 -14.60
C SER A 93 24.45 10.06 -14.04
N CYS A 94 23.83 11.20 -14.32
CA CYS A 94 22.48 11.43 -13.82
C CYS A 94 21.80 12.50 -14.64
N GLY A 95 20.52 12.71 -14.36
CA GLY A 95 19.77 13.72 -15.06
C GLY A 95 19.53 14.82 -14.05
N SER A 96 19.26 16.02 -14.52
CA SER A 96 19.00 17.13 -13.61
C SER A 96 17.53 17.30 -13.31
N LEU A 97 17.19 17.49 -12.04
CA LEU A 97 15.79 17.70 -11.67
C LEU A 97 15.55 19.17 -11.37
N GLN A 98 16.60 19.97 -11.54
CA GLN A 98 16.52 21.40 -11.33
C GLN A 98 17.17 22.06 -12.56
N PRO A 99 16.48 22.02 -13.71
CA PRO A 99 16.97 22.59 -14.97
C PRO A 99 17.50 24.03 -14.95
N ASP A 100 16.91 24.89 -14.14
CA ASP A 100 17.35 26.27 -14.08
C ASP A 100 18.65 26.46 -13.32
N LEU A 101 19.06 25.44 -12.58
CA LEU A 101 20.28 25.53 -11.77
C LEU A 101 21.36 24.51 -12.13
N ILE A 102 20.98 23.23 -12.17
CA ILE A 102 21.92 22.16 -12.48
C ILE A 102 21.82 21.79 -13.96
N LYS A 103 22.95 21.85 -14.64
CA LYS A 103 22.98 21.56 -16.08
C LYS A 103 24.03 20.52 -16.48
N ARG A 104 23.94 20.08 -17.74
CA ARG A 104 24.86 19.09 -18.29
C ARG A 104 26.30 19.46 -17.94
N GLY A 105 27.08 18.47 -17.52
CA GLY A 105 28.46 18.72 -17.15
C GLY A 105 28.65 18.92 -15.66
N ASP A 106 27.66 19.53 -15.00
CA ASP A 106 27.76 19.78 -13.57
C ASP A 106 27.91 18.49 -12.75
N ILE A 107 28.65 18.60 -11.65
CA ILE A 107 28.91 17.47 -10.77
C ILE A 107 28.11 17.59 -9.47
N CYS A 108 27.55 16.48 -9.02
CA CYS A 108 26.77 16.48 -7.79
C CYS A 108 27.18 15.33 -6.89
N ILE A 109 27.44 15.66 -5.62
CA ILE A 109 27.80 14.68 -4.61
C ILE A 109 26.51 14.51 -3.79
N CYS A 110 25.98 13.29 -3.77
CA CYS A 110 24.73 13.02 -3.07
C CYS A 110 24.86 12.34 -1.72
N ASN A 111 24.10 12.85 -0.75
CA ASN A 111 24.11 12.32 0.61
C ASN A 111 22.95 11.38 0.91
N ALA A 112 21.90 11.42 0.09
CA ALA A 112 20.73 10.58 0.31
C ALA A 112 19.97 10.37 -1.00
N ALA A 113 19.06 9.40 -1.02
CA ALA A 113 18.33 9.14 -2.26
C ALA A 113 16.88 8.71 -2.06
N VAL A 114 16.09 8.80 -3.13
CA VAL A 114 14.69 8.40 -3.12
C VAL A 114 14.67 6.93 -3.54
N ARG A 115 14.03 6.08 -2.74
CA ARG A 115 13.98 4.66 -3.01
C ARG A 115 12.89 4.24 -4.01
N GLU A 116 13.01 4.69 -5.26
CA GLU A 116 12.02 4.31 -6.26
C GLU A 116 12.48 3.07 -7.03
N ASP A 117 12.84 2.04 -6.26
CA ASP A 117 13.27 0.74 -6.80
C ASP A 117 12.38 -0.30 -6.11
N ARG A 118 12.75 -1.57 -6.18
CA ARG A 118 11.98 -2.60 -5.51
C ARG A 118 12.87 -3.39 -4.57
N VAL A 119 14.08 -3.70 -5.02
CA VAL A 119 14.99 -4.48 -4.18
C VAL A 119 15.26 -3.92 -2.78
N SER A 120 15.38 -2.59 -2.62
CA SER A 120 15.60 -2.06 -1.28
C SER A 120 14.37 -2.37 -0.41
N HIS A 121 13.19 -2.33 -1.03
CA HIS A 121 11.95 -2.62 -0.32
C HIS A 121 11.81 -4.10 0.06
N LEU A 122 12.42 -4.99 -0.72
CA LEU A 122 12.36 -6.41 -0.43
C LEU A 122 13.37 -6.73 0.67
N LEU A 123 14.21 -5.74 0.98
CA LEU A 123 15.23 -5.85 2.01
C LEU A 123 14.81 -5.22 3.33
N ILE A 124 14.15 -4.06 3.26
CA ILE A 124 13.70 -3.36 4.46
C ILE A 124 12.47 -2.48 4.17
N HIS A 125 11.68 -2.19 5.20
CA HIS A 125 10.48 -1.37 5.02
C HIS A 125 10.78 -0.04 4.34
N GLY A 126 9.79 0.46 3.60
CA GLY A 126 9.93 1.71 2.88
C GLY A 126 10.27 2.96 3.69
N ASP A 127 9.79 3.03 4.94
CA ASP A 127 10.06 4.19 5.78
C ASP A 127 11.56 4.40 6.06
N PHE A 128 12.36 3.34 5.89
CA PHE A 128 13.81 3.40 6.14
C PHE A 128 14.49 4.33 5.12
N PRO A 129 15.40 5.20 5.57
CA PRO A 129 16.05 6.10 4.63
C PRO A 129 17.21 5.53 3.82
N ALA A 130 17.31 5.99 2.57
CA ALA A 130 18.43 5.61 1.71
C ALA A 130 19.36 6.79 2.00
N VAL A 131 20.40 6.56 2.79
CA VAL A 131 21.31 7.65 3.13
C VAL A 131 22.76 7.20 3.09
N GLY A 132 23.63 8.07 2.58
CA GLY A 132 25.03 7.73 2.50
C GLY A 132 25.75 7.99 3.80
N ASP A 133 27.00 7.53 3.89
CA ASP A 133 27.80 7.75 5.09
C ASP A 133 28.37 9.17 5.06
N PHE A 134 28.19 9.91 6.15
CA PHE A 134 28.67 11.28 6.24
C PHE A 134 30.16 11.42 5.96
N ASP A 135 30.95 10.48 6.48
CA ASP A 135 32.39 10.49 6.30
C ASP A 135 32.76 10.47 4.82
N VAL A 136 32.16 9.54 4.08
CA VAL A 136 32.42 9.43 2.65
C VAL A 136 31.99 10.72 1.95
N TYR A 137 30.80 11.19 2.29
CA TYR A 137 30.24 12.42 1.72
C TYR A 137 31.21 13.58 2.00
N ASP A 138 31.71 13.63 3.22
CA ASP A 138 32.63 14.67 3.63
C ASP A 138 33.95 14.60 2.87
N THR A 139 34.50 13.40 2.72
CA THR A 139 35.78 13.24 2.04
C THR A 139 35.66 13.59 0.55
N LEU A 140 34.55 13.20 -0.06
CA LEU A 140 34.33 13.51 -1.47
C LEU A 140 34.28 15.01 -1.67
N ASN A 141 33.57 15.71 -0.79
CA ASN A 141 33.47 17.16 -0.88
C ASN A 141 34.81 17.86 -0.64
N LYS A 142 35.59 17.35 0.32
CA LYS A 142 36.89 17.94 0.60
C LYS A 142 37.85 17.74 -0.58
N CYS A 143 37.78 16.58 -1.21
CA CYS A 143 38.64 16.32 -2.36
C CYS A 143 38.30 17.30 -3.48
N ALA A 144 37.01 17.56 -3.63
CA ALA A 144 36.55 18.50 -4.66
C ALA A 144 37.06 19.89 -4.28
N GLN A 145 37.09 20.16 -2.98
CA GLN A 145 37.57 21.43 -2.45
C GLN A 145 39.04 21.66 -2.80
N GLU A 146 39.86 20.67 -2.51
CA GLU A 146 41.30 20.76 -2.77
C GLU A 146 41.60 20.96 -4.25
N LEU A 147 40.83 20.28 -5.10
CA LEU A 147 41.02 20.37 -6.54
C LEU A 147 40.34 21.60 -7.11
N ASN A 148 39.69 22.38 -6.24
CA ASN A 148 39.00 23.58 -6.66
C ASN A 148 37.97 23.28 -7.75
N VAL A 149 37.24 22.17 -7.58
CA VAL A 149 36.21 21.78 -8.53
C VAL A 149 34.84 22.06 -7.93
N PRO A 150 34.11 23.02 -8.50
CA PRO A 150 32.78 23.34 -7.98
C PRO A 150 31.86 22.13 -8.13
N VAL A 151 30.95 21.95 -7.17
CA VAL A 151 30.04 20.82 -7.21
C VAL A 151 28.76 21.10 -6.46
N PHE A 152 27.68 20.43 -6.85
CA PHE A 152 26.41 20.58 -6.16
C PHE A 152 26.31 19.44 -5.15
N ASN A 153 25.40 19.59 -4.20
CA ASN A 153 25.17 18.57 -3.19
C ASN A 153 23.66 18.45 -3.13
N GLY A 154 23.16 17.27 -2.78
CA GLY A 154 21.73 17.12 -2.72
C GLY A 154 21.24 15.70 -2.82
N ILE A 155 19.92 15.57 -2.85
CA ILE A 155 19.25 14.29 -2.93
C ILE A 155 19.06 13.82 -4.37
N SER A 156 19.29 12.53 -4.59
CA SER A 156 19.11 11.95 -5.91
C SER A 156 17.89 11.04 -5.92
N VAL A 157 17.14 11.08 -7.01
CA VAL A 157 15.99 10.20 -7.15
C VAL A 157 16.52 8.96 -7.88
N SER A 158 16.52 7.81 -7.21
CA SER A 158 16.96 6.57 -7.82
C SER A 158 15.70 5.84 -8.26
N SER A 159 15.34 6.00 -9.53
CA SER A 159 14.14 5.39 -10.09
C SER A 159 14.41 4.28 -11.11
N ASP A 160 13.64 3.21 -10.99
CA ASP A 160 13.77 2.06 -11.88
C ASP A 160 13.20 2.32 -13.26
N MET A 161 12.50 3.45 -13.44
CA MET A 161 11.93 3.77 -14.73
C MET A 161 12.73 4.84 -15.48
N TYR A 162 13.32 4.44 -16.60
CA TYR A 162 14.10 5.36 -17.42
C TYR A 162 13.22 5.98 -18.50
N TYR A 163 12.54 5.13 -19.26
CA TYR A 163 11.63 5.59 -20.32
C TYR A 163 10.20 5.46 -19.79
N PRO A 164 9.56 6.58 -19.43
CA PRO A 164 8.19 6.58 -18.92
C PRO A 164 7.12 6.41 -19.98
N ASN A 165 5.94 5.96 -19.55
CA ASN A 165 4.81 5.78 -20.47
C ASN A 165 3.86 6.90 -20.09
N LYS A 166 2.68 6.95 -20.70
CA LYS A 166 1.76 8.04 -20.38
C LYS A 166 0.49 7.65 -19.62
N ILE A 167 0.52 6.50 -18.97
CA ILE A 167 -0.64 6.05 -18.20
C ILE A 167 -0.50 6.47 -16.73
N ILE A 168 0.60 6.05 -16.11
CA ILE A 168 0.88 6.39 -14.72
C ILE A 168 1.84 7.58 -14.73
N PRO A 169 1.45 8.71 -14.14
CA PRO A 169 2.35 9.86 -14.16
C PRO A 169 3.67 9.60 -13.41
N SER A 170 4.73 10.26 -13.87
CA SER A 170 6.05 10.14 -13.26
C SER A 170 6.10 10.97 -11.97
N ARG A 171 6.88 10.53 -11.00
CA ARG A 171 7.02 11.26 -9.75
C ARG A 171 8.16 12.27 -9.81
N LEU A 172 8.80 12.36 -10.97
CA LEU A 172 9.93 13.27 -11.12
C LEU A 172 9.60 14.73 -10.82
N GLU A 173 8.46 15.22 -11.31
CA GLU A 173 8.09 16.59 -11.04
C GLU A 173 7.85 16.80 -9.54
N ASP A 174 7.23 15.82 -8.88
CA ASP A 174 6.97 15.91 -7.44
C ASP A 174 8.28 16.01 -6.67
N TYR A 175 9.23 15.16 -7.03
CA TYR A 175 10.52 15.17 -6.35
C TYR A 175 11.34 16.43 -6.66
N SER A 176 11.12 17.02 -7.83
CA SER A 176 11.82 18.25 -8.18
C SER A 176 11.29 19.35 -7.25
N LYS A 177 9.97 19.35 -7.02
CA LYS A 177 9.34 20.32 -6.14
C LYS A 177 9.79 20.09 -4.70
N ALA A 178 10.07 18.84 -4.36
CA ALA A 178 10.52 18.47 -3.01
C ALA A 178 12.00 18.80 -2.82
N ASN A 179 12.58 19.38 -3.86
CA ASN A 179 13.99 19.78 -3.87
C ASN A 179 15.01 18.69 -4.09
N ALA A 180 14.61 17.62 -4.77
CA ALA A 180 15.55 16.55 -5.10
C ALA A 180 16.41 17.21 -6.18
N ALA A 181 17.70 16.98 -6.14
CA ALA A 181 18.59 17.62 -7.11
C ALA A 181 18.77 16.91 -8.44
N VAL A 182 18.98 15.61 -8.35
CA VAL A 182 19.29 14.79 -9.51
C VAL A 182 18.53 13.46 -9.56
N VAL A 183 18.57 12.79 -10.71
CA VAL A 183 17.92 11.50 -10.87
C VAL A 183 18.83 10.49 -11.57
N GLU A 184 18.90 9.30 -11.02
CA GLU A 184 19.69 8.22 -11.64
C GLU A 184 19.04 6.87 -11.31
N MET A 185 19.78 5.77 -11.41
CA MET A 185 19.15 4.47 -11.20
C MET A 185 19.76 3.49 -10.20
N GLU A 186 20.80 3.86 -9.47
CA GLU A 186 21.39 2.89 -8.55
C GLU A 186 21.77 3.36 -7.14
N LEU A 187 21.84 4.67 -6.91
CA LEU A 187 22.27 5.16 -5.61
C LEU A 187 21.46 4.71 -4.38
N ALA A 188 20.14 4.76 -4.45
CA ALA A 188 19.31 4.34 -3.30
C ALA A 188 19.58 2.90 -2.90
N THR A 189 19.72 2.03 -3.89
CA THR A 189 19.98 0.62 -3.65
C THR A 189 21.33 0.39 -2.98
N LEU A 190 22.34 1.16 -3.38
CA LEU A 190 23.66 1.01 -2.76
C LEU A 190 23.61 1.46 -1.30
N MET A 191 22.98 2.61 -1.07
CA MET A 191 22.87 3.15 0.27
C MET A 191 22.18 2.21 1.24
N VAL A 192 21.01 1.71 0.85
CA VAL A 192 20.27 0.80 1.73
C VAL A 192 21.07 -0.47 2.01
N ILE A 193 21.59 -1.10 0.97
CA ILE A 193 22.37 -2.31 1.17
C ILE A 193 23.58 -1.96 2.06
N GLY A 194 24.16 -0.80 1.83
CA GLY A 194 25.30 -0.37 2.62
C GLY A 194 24.96 -0.28 4.09
N THR A 195 23.88 0.43 4.41
CA THR A 195 23.46 0.57 5.80
C THR A 195 23.18 -0.78 6.44
N LEU A 196 22.46 -1.63 5.71
CA LEU A 196 22.10 -2.95 6.23
C LEU A 196 23.32 -3.84 6.46
N ARG A 197 24.32 -3.72 5.59
CA ARG A 197 25.53 -4.54 5.67
C ARG A 197 26.70 -3.91 6.43
N LYS A 198 26.49 -2.70 6.95
CA LYS A 198 27.53 -1.99 7.68
C LYS A 198 28.70 -1.59 6.78
N VAL A 199 28.37 -1.11 5.60
CA VAL A 199 29.35 -0.67 4.64
C VAL A 199 29.07 0.81 4.36
N LYS A 200 30.10 1.65 4.46
CA LYS A 200 29.94 3.08 4.21
C LYS A 200 29.83 3.34 2.73
N THR A 201 28.83 4.13 2.33
CA THR A 201 28.63 4.41 0.91
C THR A 201 28.59 5.89 0.60
N GLY A 202 28.70 6.19 -0.70
CA GLY A 202 28.66 7.56 -1.16
C GLY A 202 28.45 7.56 -2.67
N GLY A 203 28.15 8.71 -3.23
CA GLY A 203 27.95 8.78 -4.66
C GLY A 203 28.27 10.15 -5.23
N ILE A 204 28.95 10.16 -6.37
CA ILE A 204 29.28 11.41 -7.06
C ILE A 204 28.77 11.22 -8.49
N LEU A 205 28.08 12.22 -9.01
CA LEU A 205 27.48 12.08 -10.33
C LEU A 205 27.69 13.26 -11.27
N ILE A 206 27.72 12.96 -12.56
CA ILE A 206 27.86 13.99 -13.59
C ILE A 206 26.57 14.02 -14.41
N VAL A 207 26.02 15.22 -14.59
CA VAL A 207 24.78 15.42 -15.33
C VAL A 207 24.93 15.29 -16.84
N ASP A 208 24.07 14.48 -17.47
CA ASP A 208 24.11 14.28 -18.91
C ASP A 208 22.87 14.82 -19.61
N GLY A 209 22.02 15.52 -18.87
CA GLY A 209 20.81 16.08 -19.45
C GLY A 209 19.68 16.20 -18.45
N CYS A 210 18.50 16.59 -18.93
CA CYS A 210 17.33 16.76 -18.07
C CYS A 210 16.11 16.03 -18.63
N PRO A 211 15.62 15.00 -17.92
CA PRO A 211 14.45 14.24 -18.39
C PRO A 211 13.21 15.08 -18.69
N PHE A 212 13.12 16.26 -18.10
CA PHE A 212 11.97 17.13 -18.36
C PHE A 212 12.12 17.74 -19.76
N LYS A 213 13.34 17.68 -20.31
CA LYS A 213 13.61 18.26 -21.62
C LYS A 213 14.22 17.29 -22.62
N TRP A 214 13.93 16.00 -22.48
CA TRP A 214 14.46 15.02 -23.42
C TRP A 214 13.84 15.25 -24.80
N ASP A 215 12.61 15.75 -24.81
CA ASP A 215 11.92 16.00 -26.07
C ASP A 215 12.50 17.22 -26.78
N GLU A 216 13.45 17.89 -26.12
CA GLU A 216 14.10 19.07 -26.69
C GLU A 216 15.53 18.74 -27.07
N GLY A 217 15.94 17.52 -26.78
CA GLY A 217 17.29 17.09 -27.09
C GLY A 217 18.26 17.37 -25.95
N ASP A 218 17.71 17.71 -24.78
CA ASP A 218 18.55 18.01 -23.62
C ASP A 218 19.13 16.73 -23.04
N PHE A 219 19.96 16.07 -23.84
CA PHE A 219 20.61 14.83 -23.45
C PHE A 219 21.87 14.66 -24.29
N ASP A 220 23.02 14.61 -23.62
CA ASP A 220 24.28 14.42 -24.31
C ASP A 220 24.71 12.97 -24.20
N ASN A 221 24.88 12.31 -25.34
CA ASN A 221 25.32 10.93 -25.36
C ASN A 221 26.73 10.88 -24.79
N ASN A 222 27.45 11.98 -24.98
CA ASN A 222 28.82 12.11 -24.50
C ASN A 222 28.87 13.03 -23.27
N LEU A 223 29.67 12.64 -22.28
CA LEU A 223 29.82 13.44 -21.08
C LEU A 223 30.91 14.49 -21.29
N VAL A 224 30.68 15.71 -20.79
CA VAL A 224 31.67 16.78 -20.92
C VAL A 224 33.02 16.20 -20.47
N PRO A 225 33.98 16.08 -21.40
CA PRO A 225 35.32 15.54 -21.12
C PRO A 225 36.01 16.06 -19.87
N HIS A 226 36.31 17.36 -19.85
CA HIS A 226 36.98 17.93 -18.69
C HIS A 226 36.21 17.65 -17.40
N GLN A 227 34.91 17.89 -17.42
CA GLN A 227 34.08 17.66 -16.25
C GLN A 227 34.19 16.23 -15.74
N LEU A 228 34.14 15.28 -16.67
CA LEU A 228 34.25 13.86 -16.34
C LEU A 228 35.61 13.58 -15.74
N GLU A 229 36.64 14.19 -16.30
CA GLU A 229 38.01 14.02 -15.82
C GLU A 229 38.11 14.50 -14.38
N ASN A 230 37.52 15.66 -14.11
CA ASN A 230 37.56 16.21 -12.77
C ASN A 230 36.80 15.32 -11.78
N MET A 231 35.63 14.82 -12.19
CA MET A 231 34.85 13.97 -11.30
C MET A 231 35.62 12.71 -10.91
N ILE A 232 36.26 12.07 -11.87
CA ILE A 232 37.03 10.87 -11.60
C ILE A 232 38.22 11.20 -10.68
N LYS A 233 38.77 12.39 -10.84
CA LYS A 233 39.87 12.83 -10.00
C LYS A 233 39.38 12.88 -8.56
N ILE A 234 38.20 13.48 -8.38
CA ILE A 234 37.59 13.59 -7.05
C ILE A 234 37.33 12.20 -6.50
N ALA A 235 36.75 11.34 -7.35
CA ALA A 235 36.43 9.97 -6.95
C ALA A 235 37.66 9.17 -6.54
N LEU A 236 38.69 9.20 -7.38
CA LEU A 236 39.91 8.46 -7.10
C LEU A 236 40.63 9.05 -5.88
N GLY A 237 40.57 10.36 -5.73
CA GLY A 237 41.22 10.99 -4.59
C GLY A 237 40.57 10.49 -3.30
N ALA A 238 39.25 10.50 -3.29
CA ALA A 238 38.50 10.06 -2.13
C ALA A 238 38.77 8.59 -1.81
N CYS A 239 38.83 7.75 -2.84
CA CYS A 239 39.07 6.33 -2.66
C CYS A 239 40.47 6.08 -2.08
N ALA A 240 41.43 6.90 -2.48
CA ALA A 240 42.79 6.78 -1.99
C ALA A 240 42.86 7.16 -0.51
N LYS A 241 42.24 8.28 -0.16
CA LYS A 241 42.23 8.73 1.23
C LYS A 241 41.54 7.73 2.14
N LEU A 242 40.38 7.25 1.71
CA LEU A 242 39.65 6.27 2.51
C LEU A 242 40.44 4.97 2.57
N ALA A 243 41.12 4.62 1.47
CA ALA A 243 41.90 3.40 1.42
C ALA A 243 43.03 3.48 2.45
N THR A 244 43.61 4.67 2.58
CA THR A 244 44.70 4.89 3.53
C THR A 244 44.23 4.56 4.94
N LYS A 245 43.10 5.15 5.32
CA LYS A 245 42.54 4.93 6.64
C LYS A 245 42.37 3.45 6.96
N TYR A 246 41.91 2.67 5.98
CA TYR A 246 41.71 1.25 6.21
C TYR A 246 42.99 0.42 6.13
N ALA A 247 44.08 1.04 5.72
CA ALA A 247 45.36 0.35 5.62
C ALA A 247 45.81 -0.09 7.01
N ASN B 5 19.34 8.31 -36.77
CA ASN B 5 20.32 8.05 -35.68
C ASN B 5 20.10 6.71 -34.98
N LEU B 6 20.98 6.40 -34.03
CA LEU B 6 20.95 5.15 -33.28
C LEU B 6 20.11 5.18 -32.01
N LEU B 7 19.66 4.00 -31.58
CA LEU B 7 18.89 3.89 -30.34
C LEU B 7 19.84 4.36 -29.26
N ARG B 8 19.36 5.25 -28.39
CA ARG B 8 20.17 5.82 -27.33
C ARG B 8 21.15 4.90 -26.62
N HIS B 9 20.69 3.75 -26.13
CA HIS B 9 21.58 2.85 -25.40
C HIS B 9 21.96 1.55 -26.07
N LEU B 10 21.18 1.11 -27.05
CA LEU B 10 21.50 -0.11 -27.76
C LEU B 10 22.52 0.23 -28.84
N LYS B 11 22.55 1.50 -29.23
CA LYS B 11 23.48 1.99 -30.24
C LYS B 11 23.31 1.33 -31.61
N ILE B 12 22.07 1.00 -31.95
CA ILE B 12 21.77 0.39 -33.24
C ILE B 12 20.70 1.27 -33.85
N SER B 13 20.60 1.25 -35.18
CA SER B 13 19.60 2.09 -35.85
C SER B 13 18.25 1.39 -35.85
N LYS B 14 17.19 2.16 -36.10
CA LYS B 14 15.85 1.60 -36.12
C LYS B 14 15.73 0.61 -37.27
N GLU B 15 16.34 0.95 -38.40
CA GLU B 15 16.30 0.09 -39.57
C GLU B 15 17.01 -1.24 -39.35
N GLN B 16 17.83 -1.30 -38.31
CA GLN B 16 18.54 -2.54 -37.98
C GLN B 16 17.67 -3.44 -37.09
N ILE B 17 16.48 -2.96 -36.75
CA ILE B 17 15.58 -3.73 -35.90
C ILE B 17 14.61 -4.60 -36.71
N THR B 18 14.66 -5.90 -36.45
CA THR B 18 13.82 -6.88 -37.12
C THR B 18 12.53 -7.05 -36.31
N PRO B 19 11.44 -7.49 -36.97
CA PRO B 19 10.17 -7.67 -36.26
C PRO B 19 10.29 -8.69 -35.10
N VAL B 20 11.20 -9.64 -35.25
CA VAL B 20 11.41 -10.66 -34.24
C VAL B 20 12.77 -10.49 -33.56
N VAL B 21 12.77 -10.53 -32.24
CA VAL B 21 13.99 -10.37 -31.47
C VAL B 21 14.11 -11.38 -30.35
N LEU B 22 15.31 -11.93 -30.21
CA LEU B 22 15.60 -12.90 -29.17
C LEU B 22 16.46 -12.19 -28.13
N VAL B 23 16.05 -12.19 -26.87
CA VAL B 23 16.83 -11.52 -25.85
C VAL B 23 17.34 -12.49 -24.77
N VAL B 24 18.59 -12.29 -24.37
CA VAL B 24 19.20 -13.11 -23.35
C VAL B 24 19.81 -12.16 -22.33
N GLY B 25 20.16 -12.67 -21.16
CA GLY B 25 20.73 -11.81 -20.13
C GLY B 25 22.21 -11.51 -20.27
N ASP B 26 23.01 -12.56 -20.47
CA ASP B 26 24.46 -12.42 -20.60
C ASP B 26 24.89 -11.99 -22.00
N PRO B 27 25.65 -10.88 -22.09
CA PRO B 27 26.09 -10.42 -23.42
C PRO B 27 26.97 -11.49 -24.10
N GLY B 28 27.69 -12.26 -23.28
CA GLY B 28 28.55 -13.30 -23.81
C GLY B 28 27.72 -14.44 -24.38
N ARG B 29 26.49 -14.59 -23.90
CA ARG B 29 25.61 -15.65 -24.38
C ARG B 29 25.20 -15.36 -25.81
N VAL B 30 25.26 -14.09 -26.20
CA VAL B 30 24.89 -13.70 -27.55
C VAL B 30 25.88 -14.25 -28.58
N ASP B 31 27.15 -14.33 -28.19
CA ASP B 31 28.20 -14.85 -29.07
C ASP B 31 28.03 -16.36 -29.20
N LYS B 32 27.79 -17.00 -28.06
CA LYS B 32 27.61 -18.45 -27.99
C LYS B 32 26.43 -18.87 -28.87
N ILE B 33 25.52 -17.94 -29.12
CA ILE B 33 24.34 -18.21 -29.91
C ILE B 33 24.48 -17.85 -31.39
N LYS B 34 25.15 -16.73 -31.68
CA LYS B 34 25.32 -16.31 -33.06
C LYS B 34 26.08 -17.36 -33.88
N VAL B 35 26.98 -18.07 -33.22
CA VAL B 35 27.77 -19.10 -33.88
C VAL B 35 26.94 -20.22 -34.47
N VAL B 36 26.03 -20.77 -33.68
CA VAL B 36 25.20 -21.88 -34.13
C VAL B 36 24.21 -21.52 -35.24
N CYS B 37 24.01 -20.24 -35.49
CA CYS B 37 23.09 -19.83 -36.56
C CYS B 37 23.81 -19.99 -37.90
N ASP B 38 23.06 -19.93 -38.99
CA ASP B 38 23.67 -20.05 -40.32
C ASP B 38 24.83 -19.08 -40.40
N SER B 39 24.53 -17.81 -40.19
CA SER B 39 25.52 -16.75 -40.21
C SER B 39 24.99 -15.60 -39.35
N TYR B 40 25.78 -14.54 -39.23
CA TYR B 40 25.36 -13.40 -38.43
C TYR B 40 26.07 -12.11 -38.84
N VAL B 41 25.70 -11.01 -38.19
CA VAL B 41 26.29 -9.70 -38.46
C VAL B 41 26.26 -8.89 -37.16
N ASP B 42 27.43 -8.67 -36.56
CA ASP B 42 27.51 -7.91 -35.33
C ASP B 42 27.05 -6.47 -35.57
N LEU B 43 26.11 -6.00 -34.75
CA LEU B 43 25.58 -4.65 -34.90
C LEU B 43 26.23 -3.66 -33.95
N ALA B 44 26.27 -4.00 -32.66
CA ALA B 44 26.86 -3.12 -31.66
C ALA B 44 27.06 -3.80 -30.32
N TYR B 45 27.75 -3.10 -29.43
CA TYR B 45 28.01 -3.59 -28.09
C TYR B 45 28.27 -2.36 -27.21
N ASN B 46 27.25 -1.98 -26.45
CA ASN B 46 27.33 -0.83 -25.56
C ASN B 46 26.94 -1.32 -24.16
N ARG B 47 27.76 -0.99 -23.17
CA ARG B 47 27.49 -1.43 -21.81
C ARG B 47 27.25 -2.94 -21.85
N GLU B 48 26.17 -3.40 -21.24
CA GLU B 48 25.87 -4.83 -21.24
C GLU B 48 24.93 -5.23 -22.38
N TYR B 49 24.62 -4.27 -23.25
CA TYR B 49 23.72 -4.51 -24.36
C TYR B 49 24.49 -4.81 -25.66
N LYS B 50 24.55 -6.11 -26.01
CA LYS B 50 25.23 -6.55 -27.22
C LYS B 50 24.20 -6.98 -28.27
N SER B 51 24.22 -6.33 -29.44
CA SER B 51 23.29 -6.65 -30.52
C SER B 51 23.95 -7.35 -31.70
N VAL B 52 23.24 -8.34 -32.23
CA VAL B 52 23.74 -9.12 -33.37
C VAL B 52 22.57 -9.56 -34.22
N GLU B 53 22.73 -9.51 -35.53
CA GLU B 53 21.69 -9.94 -36.44
C GLU B 53 21.94 -11.41 -36.76
N CYS B 54 20.92 -12.23 -36.54
CA CYS B 54 21.05 -13.66 -36.80
C CYS B 54 20.33 -14.11 -38.06
N HIS B 55 20.93 -15.07 -38.74
CA HIS B 55 20.38 -15.63 -39.97
C HIS B 55 20.14 -17.11 -39.68
N TYR B 56 18.88 -17.50 -39.70
CA TYR B 56 18.53 -18.88 -39.40
C TYR B 56 17.38 -19.32 -40.29
N LYS B 57 17.55 -20.45 -40.97
CA LYS B 57 16.54 -20.98 -41.87
C LYS B 57 16.03 -19.90 -42.81
N GLY B 58 16.96 -19.11 -43.34
CA GLY B 58 16.62 -18.05 -44.26
C GLY B 58 15.83 -16.93 -43.62
N GLN B 59 15.89 -16.85 -42.29
CA GLN B 59 15.17 -15.83 -41.54
C GLN B 59 16.09 -14.86 -40.82
N LYS B 60 15.68 -13.60 -40.75
CA LYS B 60 16.47 -12.57 -40.08
C LYS B 60 15.81 -12.08 -38.80
N PHE B 61 16.56 -12.11 -37.70
CA PHE B 61 16.08 -11.65 -36.40
C PHE B 61 17.27 -11.31 -35.51
N LEU B 62 17.11 -10.28 -34.69
CA LEU B 62 18.20 -9.88 -33.81
C LEU B 62 18.25 -10.65 -32.52
N CYS B 63 19.43 -10.68 -31.93
CA CYS B 63 19.65 -11.32 -30.64
C CYS B 63 20.32 -10.22 -29.84
N VAL B 64 19.64 -9.78 -28.78
CA VAL B 64 20.17 -8.70 -27.94
C VAL B 64 20.26 -9.06 -26.47
N SER B 65 21.40 -8.78 -25.84
CA SER B 65 21.56 -9.06 -24.41
C SER B 65 20.90 -7.90 -23.65
N HIS B 66 20.24 -8.21 -22.54
CA HIS B 66 19.54 -7.20 -21.76
C HIS B 66 20.10 -6.92 -20.36
N GLY B 67 21.05 -7.73 -19.93
CA GLY B 67 21.65 -7.52 -18.61
C GLY B 67 20.83 -8.12 -17.47
N VAL B 68 21.38 -8.05 -16.27
CA VAL B 68 20.71 -8.60 -15.09
C VAL B 68 19.83 -7.55 -14.41
N GLY B 69 18.56 -7.90 -14.16
CA GLY B 69 17.66 -6.98 -13.49
C GLY B 69 16.59 -6.31 -14.32
N SER B 70 15.42 -6.12 -13.73
CA SER B 70 14.28 -5.50 -14.39
C SER B 70 14.51 -4.08 -14.91
N ALA B 71 15.11 -3.23 -14.08
CA ALA B 71 15.34 -1.85 -14.49
C ALA B 71 16.27 -1.79 -15.70
N GLY B 72 17.32 -2.61 -15.67
CA GLY B 72 18.24 -2.63 -16.79
C GLY B 72 17.63 -3.12 -18.08
N CYS B 73 16.96 -4.27 -18.04
CA CYS B 73 16.36 -4.81 -19.25
C CYS B 73 15.23 -3.93 -19.78
N ALA B 74 14.57 -3.18 -18.89
CA ALA B 74 13.49 -2.30 -19.32
C ALA B 74 13.99 -1.28 -20.33
N VAL B 75 15.21 -0.79 -20.15
CA VAL B 75 15.77 0.19 -21.07
C VAL B 75 15.85 -0.47 -22.45
N CYS B 76 16.40 -1.67 -22.47
CA CYS B 76 16.56 -2.46 -23.68
C CYS B 76 15.23 -2.72 -24.36
N PHE B 77 14.30 -3.29 -23.61
CA PHE B 77 12.97 -3.63 -24.13
C PHE B 77 12.20 -2.43 -24.67
N GLU B 78 12.27 -1.31 -23.97
CA GLU B 78 11.55 -0.12 -24.43
C GLU B 78 12.11 0.39 -25.76
N GLU B 79 13.44 0.39 -25.89
CA GLU B 79 14.07 0.85 -27.12
C GLU B 79 13.69 -0.04 -28.30
N LEU B 80 13.54 -1.34 -28.03
CA LEU B 80 13.15 -2.29 -29.07
C LEU B 80 11.69 -2.11 -29.43
N CYS B 81 10.82 -2.16 -28.43
CA CYS B 81 9.38 -2.03 -28.64
C CYS B 81 8.98 -0.72 -29.30
N GLN B 82 9.66 0.36 -28.95
CA GLN B 82 9.32 1.65 -29.52
C GLN B 82 9.96 1.92 -30.89
N ASN B 83 10.80 0.98 -31.36
CA ASN B 83 11.46 1.18 -32.64
C ASN B 83 11.38 0.03 -33.65
N GLY B 84 10.27 -0.70 -33.68
CA GLY B 84 10.15 -1.77 -34.66
C GLY B 84 9.91 -3.19 -34.21
N ALA B 85 10.40 -3.58 -33.05
CA ALA B 85 10.18 -4.95 -32.58
C ALA B 85 8.69 -5.26 -32.48
N LYS B 86 8.30 -6.44 -32.97
CA LYS B 86 6.90 -6.87 -32.95
C LYS B 86 6.78 -8.11 -32.09
N VAL B 87 7.88 -8.83 -31.94
CA VAL B 87 7.94 -10.04 -31.13
C VAL B 87 9.27 -10.10 -30.39
N ILE B 88 9.21 -10.40 -29.09
CA ILE B 88 10.42 -10.52 -28.29
C ILE B 88 10.32 -11.78 -27.44
N ILE B 89 11.33 -12.64 -27.56
CA ILE B 89 11.36 -13.89 -26.82
C ILE B 89 12.58 -13.89 -25.92
N ARG B 90 12.36 -14.05 -24.62
CA ARG B 90 13.48 -14.10 -23.69
C ARG B 90 13.91 -15.54 -23.43
N ALA B 91 15.21 -15.77 -23.55
CA ALA B 91 15.74 -17.09 -23.28
C ALA B 91 16.78 -16.87 -22.21
N GLY B 92 16.65 -17.57 -21.10
CA GLY B 92 17.60 -17.40 -20.02
C GLY B 92 17.56 -18.53 -19.02
N SER B 93 18.17 -18.29 -17.86
CA SER B 93 18.22 -19.28 -16.80
C SER B 93 17.24 -18.89 -15.70
N CYS B 94 16.96 -19.82 -14.81
CA CYS B 94 16.03 -19.57 -13.72
C CYS B 94 16.27 -20.57 -12.62
N GLY B 95 15.64 -20.33 -11.47
CA GLY B 95 15.77 -21.22 -10.35
C GLY B 95 14.47 -21.98 -10.25
N SER B 96 14.50 -23.19 -9.71
CA SER B 96 13.27 -23.97 -9.56
C SER B 96 12.56 -23.66 -8.26
N LEU B 97 11.23 -23.57 -8.34
CA LEU B 97 10.42 -23.32 -7.16
C LEU B 97 9.67 -24.59 -6.77
N GLN B 98 9.87 -25.64 -7.56
CA GLN B 98 9.23 -26.94 -7.32
C GLN B 98 10.35 -27.98 -7.45
N PRO B 99 11.30 -27.98 -6.49
CA PRO B 99 12.45 -28.89 -6.46
C PRO B 99 12.18 -30.39 -6.59
N ASP B 100 11.03 -30.85 -6.12
CA ASP B 100 10.72 -32.28 -6.22
C ASP B 100 10.27 -32.68 -7.62
N LEU B 101 9.91 -31.68 -8.43
CA LEU B 101 9.44 -31.93 -9.78
C LEU B 101 10.34 -31.34 -10.85
N ILE B 102 10.79 -30.11 -10.64
CA ILE B 102 11.66 -29.43 -11.59
C ILE B 102 13.08 -29.38 -11.05
N LYS B 103 14.03 -29.90 -11.83
CA LYS B 103 15.42 -29.96 -11.41
C LYS B 103 16.40 -29.35 -12.41
N ARG B 104 17.67 -29.29 -12.01
CA ARG B 104 18.74 -28.74 -12.84
C ARG B 104 18.64 -29.29 -14.25
N GLY B 105 18.79 -28.41 -15.23
CA GLY B 105 18.73 -28.83 -16.62
C GLY B 105 17.36 -28.75 -17.25
N ASP B 106 16.31 -28.87 -16.46
CA ASP B 106 14.95 -28.80 -16.99
C ASP B 106 14.67 -27.50 -17.72
N ILE B 107 13.80 -27.57 -18.72
CA ILE B 107 13.44 -26.41 -19.50
C ILE B 107 11.97 -26.05 -19.27
N CYS B 108 11.71 -24.77 -19.01
CA CYS B 108 10.36 -24.32 -18.74
C CYS B 108 9.97 -23.18 -19.67
N ILE B 109 8.82 -23.32 -20.33
CA ILE B 109 8.31 -22.29 -21.22
C ILE B 109 7.17 -21.64 -20.42
N CYS B 110 7.36 -20.37 -20.06
CA CYS B 110 6.40 -19.63 -19.24
C CYS B 110 5.39 -18.74 -19.96
N ASN B 111 4.15 -18.75 -19.48
CA ASN B 111 3.08 -17.96 -20.07
C ASN B 111 2.70 -16.70 -19.26
N ALA B 112 3.16 -16.62 -18.02
CA ALA B 112 2.86 -15.46 -17.17
C ALA B 112 3.90 -15.33 -16.07
N ALA B 113 3.90 -14.21 -15.36
CA ALA B 113 4.89 -14.04 -14.30
C ALA B 113 4.41 -13.16 -13.14
N VAL B 114 5.10 -13.27 -12.02
CA VAL B 114 4.80 -12.49 -10.82
C VAL B 114 5.59 -11.20 -10.94
N ARG B 115 4.91 -10.07 -10.89
CA ARG B 115 5.55 -8.77 -11.02
C ARG B 115 6.28 -8.28 -9.78
N GLU B 116 7.29 -9.02 -9.34
CA GLU B 116 8.03 -8.58 -8.16
C GLU B 116 9.21 -7.68 -8.55
N ASP B 117 8.89 -6.60 -9.28
CA ASP B 117 9.87 -5.61 -9.72
C ASP B 117 9.25 -4.25 -9.37
N ARG B 118 9.83 -3.17 -9.89
CA ARG B 118 9.28 -1.84 -9.63
C ARG B 118 8.89 -1.15 -10.94
N VAL B 119 9.71 -1.29 -11.96
CA VAL B 119 9.43 -0.62 -13.22
C VAL B 119 8.07 -0.95 -13.81
N SER B 120 7.62 -2.21 -13.74
CA SER B 120 6.30 -2.51 -14.30
C SER B 120 5.21 -1.74 -13.54
N HIS B 121 5.42 -1.57 -12.23
CA HIS B 121 4.45 -0.84 -11.41
C HIS B 121 4.46 0.66 -11.69
N LEU B 122 5.59 1.15 -12.18
CA LEU B 122 5.71 2.57 -12.51
C LEU B 122 5.07 2.79 -13.88
N LEU B 123 4.75 1.71 -14.58
CA LEU B 123 4.12 1.79 -15.91
C LEU B 123 2.61 1.58 -15.82
N ILE B 124 2.18 0.61 -15.01
CA ILE B 124 0.75 0.32 -14.87
C ILE B 124 0.48 -0.26 -13.48
N HIS B 125 -0.76 -0.10 -13.02
CA HIS B 125 -1.17 -0.60 -11.70
C HIS B 125 -0.82 -2.08 -11.49
N GLY B 126 -0.53 -2.43 -10.24
CA GLY B 126 -0.17 -3.80 -9.88
C GLY B 126 -1.20 -4.89 -10.16
N ASP B 127 -2.48 -4.54 -10.22
CA ASP B 127 -3.53 -5.53 -10.50
C ASP B 127 -3.41 -6.06 -11.94
N PHE B 128 -2.76 -5.31 -12.82
CA PHE B 128 -2.58 -5.70 -14.23
C PHE B 128 -1.69 -6.94 -14.28
N PRO B 129 -2.06 -7.92 -15.11
CA PRO B 129 -1.28 -9.16 -15.22
C PRO B 129 -0.04 -9.08 -16.11
N ALA B 130 0.98 -9.83 -15.74
CA ALA B 130 2.20 -9.94 -16.53
C ALA B 130 2.01 -11.27 -17.25
N VAL B 131 1.50 -11.21 -18.48
CA VAL B 131 1.23 -12.42 -19.26
C VAL B 131 1.79 -12.31 -20.70
N GLY B 132 2.35 -13.41 -21.18
CA GLY B 132 2.93 -13.44 -22.52
C GLY B 132 1.89 -13.77 -23.59
N ASP B 133 2.26 -13.55 -24.85
CA ASP B 133 1.37 -13.82 -25.97
C ASP B 133 1.18 -15.33 -26.19
N PHE B 134 -0.06 -15.71 -26.54
CA PHE B 134 -0.39 -17.12 -26.73
C PHE B 134 0.27 -17.80 -27.93
N ASP B 135 0.43 -17.06 -29.03
CA ASP B 135 1.05 -17.63 -30.22
C ASP B 135 2.53 -17.94 -29.94
N VAL B 136 3.21 -17.01 -29.28
CA VAL B 136 4.62 -17.21 -28.97
C VAL B 136 4.79 -18.43 -28.07
N TYR B 137 3.94 -18.52 -27.06
CA TYR B 137 3.96 -19.63 -26.12
C TYR B 137 3.71 -20.92 -26.90
N ASP B 138 2.68 -20.91 -27.74
CA ASP B 138 2.32 -22.07 -28.54
C ASP B 138 3.49 -22.45 -29.45
N THR B 139 3.98 -21.49 -30.22
CA THR B 139 5.09 -21.73 -31.13
C THR B 139 6.25 -22.40 -30.41
N LEU B 140 6.64 -21.85 -29.26
CA LEU B 140 7.73 -22.41 -28.48
C LEU B 140 7.49 -23.86 -28.05
N ASN B 141 6.26 -24.15 -27.63
CA ASN B 141 5.92 -25.50 -27.19
C ASN B 141 5.96 -26.49 -28.35
N LYS B 142 5.41 -26.08 -29.48
CA LYS B 142 5.39 -26.95 -30.64
C LYS B 142 6.80 -27.25 -31.13
N CYS B 143 7.67 -26.24 -31.14
CA CYS B 143 9.06 -26.46 -31.57
C CYS B 143 9.70 -27.48 -30.65
N ALA B 144 9.37 -27.41 -29.37
CA ALA B 144 9.92 -28.34 -28.39
C ALA B 144 9.45 -29.75 -28.73
N GLN B 145 8.19 -29.86 -29.15
CA GLN B 145 7.60 -31.15 -29.52
C GLN B 145 8.39 -31.72 -30.70
N GLU B 146 8.41 -30.96 -31.80
CA GLU B 146 9.11 -31.36 -33.01
C GLU B 146 10.49 -31.92 -32.71
N LEU B 147 11.20 -31.31 -31.77
CA LEU B 147 12.55 -31.73 -31.41
C LEU B 147 12.55 -32.79 -30.32
N ASN B 148 11.36 -33.24 -29.93
CA ASN B 148 11.23 -34.26 -28.89
C ASN B 148 11.97 -33.84 -27.63
N VAL B 149 11.71 -32.62 -27.19
CA VAL B 149 12.33 -32.08 -25.99
C VAL B 149 11.25 -31.85 -24.94
N PRO B 150 11.25 -32.65 -23.86
CA PRO B 150 10.25 -32.51 -22.80
C PRO B 150 10.46 -31.20 -22.06
N VAL B 151 9.39 -30.43 -21.88
CA VAL B 151 9.49 -29.16 -21.18
C VAL B 151 8.31 -28.88 -20.27
N PHE B 152 8.58 -28.19 -19.17
CA PHE B 152 7.54 -27.82 -18.23
C PHE B 152 6.94 -26.50 -18.69
N ASN B 153 5.73 -26.22 -18.21
CA ASN B 153 5.04 -24.97 -18.53
C ASN B 153 4.55 -24.42 -17.19
N GLY B 154 4.51 -23.10 -17.07
CA GLY B 154 4.04 -22.51 -15.83
C GLY B 154 4.34 -21.04 -15.66
N ILE B 155 4.09 -20.54 -14.45
CA ILE B 155 4.31 -19.15 -14.12
C ILE B 155 5.69 -18.94 -13.54
N SER B 156 6.30 -17.82 -13.88
CA SER B 156 7.61 -17.50 -13.35
C SER B 156 7.56 -16.33 -12.38
N VAL B 157 8.29 -16.45 -11.28
CA VAL B 157 8.36 -15.36 -10.32
C VAL B 157 9.53 -14.48 -10.78
N SER B 158 9.24 -13.23 -11.16
CA SER B 158 10.30 -12.30 -11.56
C SER B 158 10.57 -11.38 -10.37
N SER B 159 11.61 -11.69 -9.60
CA SER B 159 11.96 -10.90 -8.43
C SER B 159 13.24 -10.11 -8.55
N ASP B 160 13.20 -8.86 -8.10
CA ASP B 160 14.35 -7.96 -8.14
C ASP B 160 15.35 -8.30 -7.05
N MET B 161 15.02 -9.26 -6.19
CA MET B 161 15.93 -9.63 -5.13
C MET B 161 16.54 -11.00 -5.36
N TYR B 162 17.84 -11.01 -5.66
CA TYR B 162 18.54 -12.26 -5.90
C TYR B 162 19.07 -12.80 -4.59
N TYR B 163 19.72 -11.93 -3.81
CA TYR B 163 20.28 -12.30 -2.51
C TYR B 163 19.36 -11.81 -1.39
N PRO B 164 18.61 -12.73 -0.77
CA PRO B 164 17.69 -12.40 0.32
C PRO B 164 18.37 -11.97 1.62
N ASN B 165 17.61 -11.27 2.45
CA ASN B 165 18.08 -10.77 3.73
C ASN B 165 17.40 -11.59 4.83
N LYS B 166 17.61 -11.21 6.08
CA LYS B 166 17.02 -11.93 7.21
C LYS B 166 15.98 -11.07 7.96
N ILE B 167 15.65 -9.90 7.42
CA ILE B 167 14.69 -9.00 8.06
C ILE B 167 13.31 -9.14 7.44
N ILE B 168 13.21 -8.92 6.13
CA ILE B 168 11.94 -9.04 5.43
C ILE B 168 11.95 -10.43 4.76
N PRO B 169 10.97 -11.29 5.11
CA PRO B 169 10.89 -12.63 4.53
C PRO B 169 10.67 -12.66 3.03
N SER B 170 11.36 -13.58 2.36
CA SER B 170 11.22 -13.75 0.93
C SER B 170 9.80 -14.25 0.65
N ARG B 171 9.26 -13.97 -0.53
CA ARG B 171 7.93 -14.44 -0.88
C ARG B 171 7.97 -15.70 -1.74
N LEU B 172 9.17 -16.17 -2.06
CA LEU B 172 9.33 -17.37 -2.90
C LEU B 172 8.53 -18.57 -2.39
N GLU B 173 8.59 -18.82 -1.08
CA GLU B 173 7.84 -19.93 -0.49
C GLU B 173 6.36 -19.79 -0.84
N ASP B 174 5.80 -18.62 -0.54
CA ASP B 174 4.39 -18.35 -0.82
C ASP B 174 4.07 -18.70 -2.26
N TYR B 175 4.90 -18.22 -3.18
CA TYR B 175 4.70 -18.45 -4.61
C TYR B 175 4.86 -19.91 -5.02
N SER B 176 5.67 -20.66 -4.29
CA SER B 176 5.86 -22.07 -4.57
C SER B 176 4.56 -22.80 -4.20
N LYS B 177 3.96 -22.40 -3.09
CA LYS B 177 2.70 -23.00 -2.65
C LYS B 177 1.60 -22.56 -3.60
N ALA B 178 1.77 -21.37 -4.18
CA ALA B 178 0.81 -20.82 -5.12
C ALA B 178 0.95 -21.50 -6.49
N ASN B 179 1.92 -22.40 -6.57
CA ASN B 179 2.22 -23.18 -7.78
C ASN B 179 3.07 -22.51 -8.85
N ALA B 180 3.83 -21.49 -8.47
CA ALA B 180 4.72 -20.82 -9.41
C ALA B 180 5.79 -21.87 -9.70
N ALA B 181 6.15 -22.02 -10.96
CA ALA B 181 7.13 -23.02 -11.36
C ALA B 181 8.61 -22.66 -11.14
N VAL B 182 9.00 -21.51 -11.67
CA VAL B 182 10.39 -21.08 -11.59
C VAL B 182 10.56 -19.61 -11.17
N VAL B 183 11.80 -19.21 -10.97
CA VAL B 183 12.10 -17.84 -10.58
C VAL B 183 13.33 -17.29 -11.27
N GLU B 184 13.16 -16.13 -11.89
CA GLU B 184 14.25 -15.43 -12.55
C GLU B 184 14.08 -13.92 -12.26
N MET B 185 14.65 -13.05 -13.10
CA MET B 185 14.56 -11.62 -12.78
C MET B 185 14.09 -10.63 -13.85
N GLU B 186 13.66 -11.10 -15.01
CA GLU B 186 13.26 -10.16 -16.04
C GLU B 186 11.97 -10.42 -16.82
N LEU B 187 11.46 -11.65 -16.78
CA LEU B 187 10.27 -11.97 -17.55
C LEU B 187 9.03 -11.10 -17.37
N ALA B 188 8.63 -10.85 -16.12
CA ALA B 188 7.44 -10.04 -15.87
C ALA B 188 7.56 -8.65 -16.51
N THR B 189 8.75 -8.04 -16.37
CA THR B 189 8.98 -6.72 -16.94
C THR B 189 8.81 -6.76 -18.46
N LEU B 190 9.38 -7.80 -19.09
CA LEU B 190 9.24 -7.95 -20.54
C LEU B 190 7.77 -8.04 -20.93
N MET B 191 7.05 -8.93 -20.27
CA MET B 191 5.63 -9.14 -20.55
C MET B 191 4.79 -7.88 -20.46
N VAL B 192 4.93 -7.15 -19.35
CA VAL B 192 4.15 -5.94 -19.18
C VAL B 192 4.48 -4.90 -20.24
N ILE B 193 5.77 -4.67 -20.48
CA ILE B 193 6.17 -3.70 -21.49
C ILE B 193 5.59 -4.10 -22.85
N GLY B 194 5.68 -5.39 -23.18
CA GLY B 194 5.15 -5.87 -24.45
C GLY B 194 3.65 -5.63 -24.59
N THR B 195 2.89 -5.94 -23.53
CA THR B 195 1.45 -5.73 -23.55
C THR B 195 1.12 -4.24 -23.74
N LEU B 196 1.84 -3.39 -23.03
CA LEU B 196 1.61 -1.96 -23.14
C LEU B 196 2.01 -1.41 -24.50
N ARG B 197 3.06 -1.97 -25.08
CA ARG B 197 3.58 -1.50 -26.36
C ARG B 197 3.08 -2.32 -27.55
N LYS B 198 2.08 -3.16 -27.32
CA LYS B 198 1.52 -4.01 -28.36
C LYS B 198 2.58 -4.87 -29.04
N VAL B 199 3.42 -5.51 -28.23
CA VAL B 199 4.48 -6.39 -28.71
C VAL B 199 4.28 -7.77 -28.09
N LYS B 200 4.22 -8.79 -28.94
CA LYS B 200 4.02 -10.16 -28.49
C LYS B 200 5.28 -10.66 -27.80
N THR B 201 5.13 -11.22 -26.60
CA THR B 201 6.29 -11.71 -25.86
C THR B 201 6.14 -13.16 -25.42
N GLY B 202 7.27 -13.74 -25.04
CA GLY B 202 7.28 -15.11 -24.59
C GLY B 202 8.58 -15.39 -23.86
N GLY B 203 8.66 -16.51 -23.16
CA GLY B 203 9.88 -16.83 -22.45
C GLY B 203 10.13 -18.31 -22.30
N ILE B 204 11.41 -18.68 -22.33
CA ILE B 204 11.82 -20.06 -22.17
C ILE B 204 13.05 -20.02 -21.29
N LEU B 205 13.08 -20.84 -20.25
CA LEU B 205 14.19 -20.82 -19.32
C LEU B 205 14.76 -22.17 -19.00
N ILE B 206 16.02 -22.16 -18.57
CA ILE B 206 16.69 -23.40 -18.18
C ILE B 206 17.04 -23.29 -16.70
N VAL B 207 16.70 -24.33 -15.94
CA VAL B 207 16.96 -24.37 -14.50
C VAL B 207 18.43 -24.57 -14.16
N ASP B 208 18.98 -23.68 -13.33
CA ASP B 208 20.38 -23.78 -12.94
C ASP B 208 20.52 -24.01 -11.44
N GLY B 209 19.42 -24.35 -10.79
CA GLY B 209 19.45 -24.60 -9.35
C GLY B 209 18.14 -24.30 -8.66
N CYS B 210 18.17 -24.28 -7.33
CA CYS B 210 16.99 -24.01 -6.52
C CYS B 210 17.41 -23.09 -5.38
N PRO B 211 16.82 -21.89 -5.30
CA PRO B 211 17.14 -20.92 -4.25
C PRO B 211 16.82 -21.42 -2.85
N PHE B 212 15.95 -22.43 -2.77
CA PHE B 212 15.58 -23.00 -1.47
C PHE B 212 16.72 -23.86 -0.96
N LYS B 213 17.60 -24.29 -1.86
CA LYS B 213 18.73 -25.14 -1.49
C LYS B 213 20.10 -24.60 -1.86
N TRP B 214 20.26 -23.28 -1.92
CA TRP B 214 21.55 -22.71 -2.24
C TRP B 214 22.57 -23.03 -1.15
N ASP B 215 22.09 -23.15 0.08
CA ASP B 215 22.96 -23.46 1.21
C ASP B 215 23.42 -24.92 1.17
N GLU B 216 22.92 -25.65 0.18
CA GLU B 216 23.25 -27.06 -0.01
C GLU B 216 24.11 -27.24 -1.26
N GLY B 217 24.51 -26.12 -1.85
CA GLY B 217 25.33 -26.17 -3.04
C GLY B 217 24.51 -26.41 -4.30
N ASP B 218 23.20 -26.33 -4.18
CA ASP B 218 22.31 -26.55 -5.31
C ASP B 218 22.31 -25.36 -6.27
N PHE B 219 23.41 -25.22 -7.00
CA PHE B 219 23.57 -24.13 -7.96
C PHE B 219 24.69 -24.49 -8.96
N ASP B 220 24.38 -24.39 -10.25
CA ASP B 220 25.36 -24.70 -11.29
C ASP B 220 25.87 -23.44 -11.97
N ASN B 221 27.17 -23.18 -11.81
CA ASN B 221 27.78 -22.02 -12.44
C ASN B 221 27.77 -22.21 -13.95
N ASN B 222 27.64 -23.47 -14.36
CA ASN B 222 27.59 -23.85 -15.76
C ASN B 222 26.30 -24.65 -16.01
N LEU B 223 25.56 -24.27 -17.05
CA LEU B 223 24.31 -24.94 -17.40
C LEU B 223 24.54 -26.32 -18.03
N VAL B 224 23.51 -27.15 -18.00
CA VAL B 224 23.60 -28.49 -18.58
C VAL B 224 23.82 -28.39 -20.09
N PRO B 225 24.95 -28.93 -20.58
CA PRO B 225 25.35 -28.93 -21.98
C PRO B 225 24.24 -29.23 -23.00
N HIS B 226 23.83 -30.49 -23.08
CA HIS B 226 22.80 -30.88 -24.03
C HIS B 226 21.52 -30.09 -23.83
N GLN B 227 21.08 -29.97 -22.58
CA GLN B 227 19.86 -29.24 -22.26
C GLN B 227 19.88 -27.81 -22.79
N LEU B 228 20.95 -27.09 -22.51
CA LEU B 228 21.07 -25.71 -22.98
C LEU B 228 21.03 -25.67 -24.49
N GLU B 229 21.74 -26.60 -25.12
CA GLU B 229 21.77 -26.65 -26.59
C GLU B 229 20.37 -26.85 -27.10
N ASN B 230 19.61 -27.73 -26.46
CA ASN B 230 18.24 -28.00 -26.86
C ASN B 230 17.36 -26.77 -26.73
N MET B 231 17.46 -26.08 -25.59
CA MET B 231 16.66 -24.89 -25.37
C MET B 231 16.96 -23.88 -26.47
N ILE B 232 18.25 -23.72 -26.77
CA ILE B 232 18.67 -22.80 -27.79
C ILE B 232 18.09 -23.20 -29.15
N LYS B 233 18.06 -24.50 -29.45
CA LYS B 233 17.47 -24.95 -30.71
C LYS B 233 16.02 -24.47 -30.77
N ILE B 234 15.28 -24.74 -29.69
CA ILE B 234 13.88 -24.35 -29.59
C ILE B 234 13.66 -22.86 -29.82
N ALA B 235 14.44 -22.04 -29.12
CA ALA B 235 14.33 -20.59 -29.23
C ALA B 235 14.57 -20.12 -30.66
N LEU B 236 15.68 -20.57 -31.25
CA LEU B 236 16.01 -20.21 -32.62
C LEU B 236 14.92 -20.71 -33.56
N GLY B 237 14.45 -21.93 -33.30
CA GLY B 237 13.40 -22.49 -34.14
C GLY B 237 12.16 -21.63 -34.08
N ALA B 238 11.78 -21.25 -32.87
CA ALA B 238 10.60 -20.42 -32.65
C ALA B 238 10.74 -19.05 -33.31
N CYS B 239 11.90 -18.43 -33.16
CA CYS B 239 12.14 -17.13 -33.76
C CYS B 239 12.02 -17.25 -35.27
N ALA B 240 12.57 -18.33 -35.80
CA ALA B 240 12.52 -18.59 -37.24
C ALA B 240 11.07 -18.66 -37.72
N LYS B 241 10.27 -19.47 -37.04
CA LYS B 241 8.86 -19.62 -37.41
C LYS B 241 8.11 -18.31 -37.39
N LEU B 242 8.34 -17.51 -36.35
CA LEU B 242 7.65 -16.24 -36.21
C LEU B 242 8.12 -15.21 -37.25
N ALA B 243 9.42 -15.18 -37.51
CA ALA B 243 9.99 -14.24 -38.48
C ALA B 243 9.38 -14.46 -39.86
N THR B 244 9.19 -15.74 -40.20
CA THR B 244 8.61 -16.08 -41.49
C THR B 244 7.25 -15.41 -41.64
N LYS B 245 6.41 -15.55 -40.62
CA LYS B 245 5.08 -14.95 -40.64
C LYS B 245 5.09 -13.44 -40.80
N TYR B 246 6.06 -12.78 -40.18
CA TYR B 246 6.13 -11.32 -40.29
C TYR B 246 6.70 -10.82 -41.61
N ALA B 247 7.41 -11.69 -42.32
CA ALA B 247 7.98 -11.33 -43.61
C ALA B 247 6.86 -11.20 -44.64
N ASN C 5 -22.52 -35.99 2.63
CA ASN C 5 -23.01 -34.58 2.71
C ASN C 5 -22.87 -33.86 1.38
N LEU C 6 -23.53 -32.71 1.28
CA LEU C 6 -23.50 -31.90 0.06
C LEU C 6 -22.58 -30.70 0.24
N LEU C 7 -22.23 -30.06 -0.87
CA LEU C 7 -21.38 -28.87 -0.82
C LEU C 7 -22.19 -27.85 -0.04
N ARG C 8 -21.53 -27.22 0.93
CA ARG C 8 -22.16 -26.25 1.81
C ARG C 8 -23.14 -25.26 1.19
N HIS C 9 -22.79 -24.63 0.08
CA HIS C 9 -23.70 -23.66 -0.49
C HIS C 9 -24.23 -23.97 -1.88
N LEU C 10 -23.56 -24.86 -2.60
CA LEU C 10 -24.03 -25.25 -3.92
C LEU C 10 -25.11 -26.32 -3.75
N LYS C 11 -25.09 -26.97 -2.59
CA LYS C 11 -26.05 -28.01 -2.25
C LYS C 11 -26.04 -29.20 -3.21
N ILE C 12 -24.89 -29.48 -3.81
CA ILE C 12 -24.77 -30.62 -4.70
C ILE C 12 -23.73 -31.53 -4.04
N SER C 13 -23.65 -32.78 -4.47
CA SER C 13 -22.70 -33.70 -3.86
C SER C 13 -21.39 -33.77 -4.61
N LYS C 14 -20.37 -34.28 -3.90
CA LYS C 14 -19.04 -34.45 -4.45
C LYS C 14 -19.12 -35.29 -5.72
N GLU C 15 -19.88 -36.39 -5.66
CA GLU C 15 -20.02 -37.28 -6.79
C GLU C 15 -20.83 -36.70 -7.95
N GLN C 16 -21.46 -35.55 -7.72
CA GLN C 16 -22.24 -34.94 -8.79
C GLN C 16 -21.40 -33.94 -9.57
N ILE C 17 -20.22 -33.64 -9.05
CA ILE C 17 -19.33 -32.69 -9.71
C ILE C 17 -18.53 -33.36 -10.81
N THR C 18 -18.74 -32.90 -12.03
CA THR C 18 -18.03 -33.42 -13.19
C THR C 18 -16.65 -32.76 -13.29
N PRO C 19 -15.70 -33.40 -13.99
CA PRO C 19 -14.37 -32.81 -14.11
C PRO C 19 -14.40 -31.47 -14.83
N VAL C 20 -15.38 -31.29 -15.72
CA VAL C 20 -15.52 -30.05 -16.46
C VAL C 20 -16.79 -29.34 -16.04
N VAL C 21 -16.68 -28.04 -15.82
CA VAL C 21 -17.82 -27.24 -15.40
C VAL C 21 -17.91 -25.90 -16.10
N LEU C 22 -19.09 -25.57 -16.59
CA LEU C 22 -19.32 -24.30 -17.26
C LEU C 22 -20.04 -23.43 -16.24
N VAL C 23 -19.48 -22.26 -15.96
CA VAL C 23 -20.12 -21.36 -15.00
C VAL C 23 -20.56 -20.07 -15.66
N VAL C 24 -21.73 -19.59 -15.26
CA VAL C 24 -22.33 -18.37 -15.77
C VAL C 24 -22.78 -17.52 -14.57
N GLY C 25 -23.08 -16.25 -14.79
CA GLY C 25 -23.49 -15.40 -13.69
C GLY C 25 -24.94 -15.47 -13.27
N ASP C 26 -25.84 -15.39 -14.24
CA ASP C 26 -27.28 -15.42 -13.99
C ASP C 26 -27.84 -16.84 -13.86
N PRO C 27 -28.47 -17.15 -12.71
CA PRO C 27 -29.04 -18.49 -12.52
C PRO C 27 -30.06 -18.82 -13.61
N GLY C 28 -30.67 -17.77 -14.17
CA GLY C 28 -31.63 -17.96 -15.23
C GLY C 28 -30.94 -18.45 -16.50
N ARG C 29 -29.72 -17.98 -16.71
CA ARG C 29 -28.97 -18.37 -17.90
C ARG C 29 -28.74 -19.88 -17.92
N VAL C 30 -28.65 -20.47 -16.73
CA VAL C 30 -28.45 -21.90 -16.63
C VAL C 30 -29.59 -22.68 -17.26
N ASP C 31 -30.83 -22.26 -17.00
CA ASP C 31 -31.98 -22.96 -17.55
C ASP C 31 -32.05 -22.79 -19.07
N LYS C 32 -31.59 -21.65 -19.56
CA LYS C 32 -31.60 -21.37 -21.00
C LYS C 32 -30.53 -22.18 -21.73
N ILE C 33 -29.48 -22.55 -21.01
CA ILE C 33 -28.39 -23.32 -21.60
C ILE C 33 -28.68 -24.82 -21.61
N LYS C 34 -29.26 -25.32 -20.52
CA LYS C 34 -29.57 -26.74 -20.43
C LYS C 34 -30.54 -27.23 -21.50
N VAL C 35 -31.46 -26.36 -21.92
CA VAL C 35 -32.44 -26.74 -22.93
C VAL C 35 -31.87 -26.74 -24.34
N VAL C 36 -30.60 -26.39 -24.49
CA VAL C 36 -29.96 -26.38 -25.79
C VAL C 36 -29.12 -27.65 -25.93
N CYS C 37 -28.86 -28.29 -24.80
CA CYS C 37 -28.08 -29.53 -24.79
C CYS C 37 -29.00 -30.67 -25.21
N ASP C 38 -28.45 -31.87 -25.37
CA ASP C 38 -29.25 -33.02 -25.77
C ASP C 38 -30.19 -33.39 -24.63
N SER C 39 -29.70 -33.29 -23.41
CA SER C 39 -30.49 -33.60 -22.23
C SER C 39 -29.78 -33.07 -21.00
N TYR C 40 -30.44 -33.13 -19.85
CA TYR C 40 -29.85 -32.63 -18.61
C TYR C 40 -30.55 -33.22 -17.38
N VAL C 41 -30.07 -32.83 -16.21
CA VAL C 41 -30.63 -33.29 -14.96
C VAL C 41 -30.43 -32.19 -13.91
N ASP C 42 -31.49 -31.45 -13.58
CA ASP C 42 -31.41 -30.39 -12.59
C ASP C 42 -30.84 -30.99 -11.31
N LEU C 43 -29.81 -30.35 -10.76
CA LEU C 43 -29.21 -30.85 -9.54
C LEU C 43 -29.69 -30.11 -8.30
N ALA C 44 -29.46 -28.80 -8.26
CA ALA C 44 -29.89 -28.00 -7.11
C ALA C 44 -30.02 -26.53 -7.46
N TYR C 45 -30.60 -25.78 -6.54
CA TYR C 45 -30.78 -24.34 -6.68
C TYR C 45 -30.86 -23.73 -5.28
N ASN C 46 -29.72 -23.23 -4.82
CA ASN C 46 -29.64 -22.60 -3.51
C ASN C 46 -29.13 -21.17 -3.71
N ARG C 47 -29.81 -20.20 -3.10
CA ARG C 47 -29.41 -18.80 -3.26
C ARG C 47 -29.30 -18.52 -4.76
N GLU C 48 -28.18 -17.95 -5.21
CA GLU C 48 -28.03 -17.66 -6.63
C GLU C 48 -27.22 -18.75 -7.33
N TYR C 49 -27.05 -19.89 -6.67
CA TYR C 49 -26.29 -20.98 -7.24
C TYR C 49 -27.18 -22.09 -7.78
N LYS C 50 -27.46 -22.06 -9.08
CA LYS C 50 -28.26 -23.08 -9.73
C LYS C 50 -27.35 -24.06 -10.48
N SER C 51 -27.45 -25.34 -10.14
CA SER C 51 -26.64 -26.36 -10.76
C SER C 51 -27.45 -27.34 -11.59
N VAL C 52 -26.93 -27.67 -12.77
CA VAL C 52 -27.59 -28.61 -13.67
C VAL C 52 -26.53 -29.46 -14.39
N GLU C 53 -26.81 -30.74 -14.55
CA GLU C 53 -25.89 -31.62 -15.25
C GLU C 53 -26.27 -31.58 -16.72
N CYS C 54 -25.33 -31.20 -17.58
CA CYS C 54 -25.58 -31.11 -19.01
C CYS C 54 -25.06 -32.31 -19.79
N HIS C 55 -25.81 -32.70 -20.81
CA HIS C 55 -25.45 -33.80 -21.70
C HIS C 55 -25.38 -33.20 -23.09
N TYR C 56 -24.18 -33.13 -23.64
CA TYR C 56 -23.99 -32.53 -24.96
C TYR C 56 -22.90 -33.27 -25.74
N LYS C 57 -23.23 -33.67 -26.97
CA LYS C 57 -22.28 -34.39 -27.82
C LYS C 57 -21.70 -35.60 -27.11
N GLY C 58 -22.57 -36.35 -26.45
CA GLY C 58 -22.14 -37.55 -25.75
C GLY C 58 -21.33 -37.30 -24.50
N GLN C 59 -21.18 -36.03 -24.13
CA GLN C 59 -20.39 -35.67 -22.96
C GLN C 59 -21.23 -35.19 -21.78
N LYS C 60 -20.64 -35.29 -20.59
CA LYS C 60 -21.32 -34.90 -19.37
C LYS C 60 -20.55 -33.81 -18.63
N PHE C 61 -21.18 -32.65 -18.43
CA PHE C 61 -20.56 -31.55 -17.71
C PHE C 61 -21.60 -30.68 -17.02
N LEU C 62 -21.22 -30.10 -15.89
CA LEU C 62 -22.14 -29.26 -15.14
C LEU C 62 -22.15 -27.81 -15.62
N CYS C 63 -23.26 -27.14 -15.36
CA CYS C 63 -23.43 -25.73 -15.67
C CYS C 63 -23.92 -25.18 -14.34
N VAL C 64 -23.16 -24.24 -13.77
CA VAL C 64 -23.51 -23.65 -12.47
C VAL C 64 -23.46 -22.12 -12.53
N SER C 65 -24.45 -21.47 -11.94
CA SER C 65 -24.45 -20.00 -11.92
C SER C 65 -23.63 -19.57 -10.70
N HIS C 66 -22.83 -18.51 -10.85
CA HIS C 66 -21.99 -18.05 -9.73
C HIS C 66 -22.45 -16.74 -9.09
N GLY C 67 -23.39 -16.06 -9.73
CA GLY C 67 -23.88 -14.80 -9.20
C GLY C 67 -23.01 -13.61 -9.56
N VAL C 68 -23.45 -12.42 -9.21
CA VAL C 68 -22.69 -11.20 -9.52
C VAL C 68 -21.62 -10.91 -8.46
N GLY C 69 -20.41 -10.59 -8.90
CA GLY C 69 -19.35 -10.25 -7.95
C GLY C 69 -18.35 -11.31 -7.54
N SER C 70 -17.09 -10.88 -7.39
CA SER C 70 -15.99 -11.76 -7.02
C SER C 70 -16.13 -12.53 -5.72
N ALA C 71 -16.60 -11.88 -4.65
CA ALA C 71 -16.74 -12.57 -3.37
C ALA C 71 -17.78 -13.69 -3.46
N GLY C 72 -18.89 -13.42 -4.14
CA GLY C 72 -19.93 -14.41 -4.28
C GLY C 72 -19.50 -15.57 -5.14
N CYS C 73 -18.91 -15.28 -6.31
CA CYS C 73 -18.50 -16.34 -7.20
C CYS C 73 -17.35 -17.14 -6.60
N ALA C 74 -16.60 -16.52 -5.70
CA ALA C 74 -15.47 -17.18 -5.03
C ALA C 74 -15.98 -18.36 -4.22
N VAL C 75 -17.15 -18.18 -3.60
CA VAL C 75 -17.76 -19.23 -2.81
C VAL C 75 -18.03 -20.43 -3.71
N CYS C 76 -18.59 -20.17 -4.88
CA CYS C 76 -18.91 -21.20 -5.88
C CYS C 76 -17.66 -21.90 -6.40
N PHE C 77 -16.68 -21.12 -6.85
CA PHE C 77 -15.44 -21.65 -7.39
C PHE C 77 -14.64 -22.49 -6.41
N GLU C 78 -14.57 -22.06 -5.15
CA GLU C 78 -13.83 -22.82 -4.15
C GLU C 78 -14.48 -24.18 -3.91
N GLU C 79 -15.80 -24.22 -3.82
CA GLU C 79 -16.49 -25.50 -3.60
C GLU C 79 -16.26 -26.46 -4.76
N LEU C 80 -16.26 -25.92 -5.99
CA LEU C 80 -16.03 -26.72 -7.18
C LEU C 80 -14.60 -27.21 -7.26
N CYS C 81 -13.64 -26.32 -7.05
CA CYS C 81 -12.23 -26.67 -7.12
C CYS C 81 -11.78 -27.62 -6.02
N GLN C 82 -12.38 -27.48 -4.84
CA GLN C 82 -12.00 -28.33 -3.72
C GLN C 82 -12.75 -29.65 -3.70
N ASN C 83 -13.63 -29.85 -4.68
CA ASN C 83 -14.40 -31.08 -4.73
C ASN C 83 -14.43 -31.82 -6.07
N GLY C 84 -13.33 -31.77 -6.82
CA GLY C 84 -13.28 -32.52 -8.07
C GLY C 84 -13.20 -31.80 -9.41
N ALA C 85 -13.69 -30.57 -9.51
CA ALA C 85 -13.61 -29.88 -10.79
C ALA C 85 -12.15 -29.82 -11.24
N LYS C 86 -11.93 -30.02 -12.53
CA LYS C 86 -10.59 -30.01 -13.10
C LYS C 86 -10.46 -28.88 -14.10
N VAL C 87 -11.60 -28.50 -14.67
CA VAL C 87 -11.66 -27.44 -15.65
C VAL C 87 -12.90 -26.61 -15.42
N ILE C 88 -12.74 -25.30 -15.41
CA ILE C 88 -13.87 -24.41 -15.22
C ILE C 88 -13.81 -23.30 -16.25
N ILE C 89 -14.90 -23.14 -17.00
CA ILE C 89 -14.97 -22.11 -18.02
C ILE C 89 -16.11 -21.16 -17.70
N ARG C 90 -15.80 -19.87 -17.66
CA ARG C 90 -16.79 -18.85 -17.38
C ARG C 90 -17.31 -18.27 -18.66
N ALA C 91 -18.64 -18.23 -18.77
CA ALA C 91 -19.29 -17.67 -19.93
C ALA C 91 -20.20 -16.57 -19.40
N GLY C 92 -19.97 -15.34 -19.85
CA GLY C 92 -20.81 -14.26 -19.37
C GLY C 92 -20.75 -13.05 -20.26
N SER C 93 -21.20 -11.92 -19.74
CA SER C 93 -21.20 -10.68 -20.49
C SER C 93 -20.07 -9.78 -19.98
N CYS C 94 -19.80 -8.70 -20.71
CA CYS C 94 -18.75 -7.77 -20.34
C CYS C 94 -18.96 -6.48 -21.09
N GLY C 95 -18.21 -5.46 -20.69
CA GLY C 95 -18.29 -4.17 -21.35
C GLY C 95 -17.03 -3.99 -22.18
N SER C 96 -17.13 -3.25 -23.27
CA SER C 96 -15.97 -3.01 -24.12
C SER C 96 -15.11 -1.87 -23.60
N LEU C 97 -13.79 -2.06 -23.60
CA LEU C 97 -12.86 -1.01 -23.16
C LEU C 97 -12.13 -0.44 -24.39
N GLN C 98 -12.53 -0.92 -25.56
CA GLN C 98 -11.97 -0.48 -26.83
C GLN C 98 -13.18 -0.28 -27.73
N PRO C 99 -14.02 0.72 -27.42
CA PRO C 99 -15.25 1.04 -28.17
C PRO C 99 -15.12 1.18 -29.68
N ASP C 100 -13.96 1.60 -30.18
CA ASP C 100 -13.79 1.76 -31.61
C ASP C 100 -13.51 0.44 -32.32
N LEU C 101 -13.21 -0.60 -31.55
CA LEU C 101 -12.91 -1.90 -32.11
C LEU C 101 -13.93 -2.97 -31.71
N ILE C 102 -14.13 -3.12 -30.40
CA ILE C 102 -15.06 -4.11 -29.86
C ILE C 102 -16.41 -3.47 -29.54
N LYS C 103 -17.46 -3.96 -30.20
CA LYS C 103 -18.80 -3.41 -30.00
C LYS C 103 -19.81 -4.41 -29.43
N ARG C 104 -21.02 -3.91 -29.16
CA ARG C 104 -22.08 -4.74 -28.61
C ARG C 104 -22.25 -6.00 -29.46
N GLY C 105 -22.41 -7.14 -28.80
CA GLY C 105 -22.60 -8.38 -29.51
C GLY C 105 -21.31 -9.14 -29.78
N ASP C 106 -20.19 -8.44 -29.88
CA ASP C 106 -18.93 -9.10 -30.14
C ASP C 106 -18.53 -10.06 -29.03
N ILE C 107 -17.72 -11.05 -29.39
CA ILE C 107 -17.29 -12.06 -28.44
C ILE C 107 -15.78 -11.99 -28.19
N CYS C 108 -15.37 -12.16 -26.94
CA CYS C 108 -13.96 -12.12 -26.59
C CYS C 108 -13.57 -13.31 -25.73
N ILE C 109 -12.48 -13.97 -26.12
CA ILE C 109 -11.96 -15.10 -25.38
C ILE C 109 -10.73 -14.56 -24.65
N CYS C 110 -10.86 -14.43 -23.32
CA CYS C 110 -9.80 -13.87 -22.49
C CYS C 110 -8.81 -14.87 -21.90
N ASN C 111 -7.53 -14.52 -21.99
CA ASN C 111 -6.45 -15.36 -21.48
C ASN C 111 -5.88 -14.92 -20.13
N ALA C 112 -6.21 -13.70 -19.70
CA ALA C 112 -5.72 -13.19 -18.42
C ALA C 112 -6.62 -12.05 -17.94
N ALA C 113 -6.40 -11.56 -16.72
CA ALA C 113 -7.26 -10.49 -16.23
C ALA C 113 -6.65 -9.58 -15.18
N VAL C 114 -7.24 -8.39 -15.02
CA VAL C 114 -6.79 -7.42 -14.03
C VAL C 114 -7.50 -7.78 -12.72
N ARG C 115 -6.72 -7.95 -11.65
CA ARG C 115 -7.28 -8.32 -10.35
C ARG C 115 -7.81 -7.16 -9.53
N GLU C 116 -8.82 -6.47 -10.04
CA GLU C 116 -9.39 -5.36 -9.28
C GLU C 116 -10.50 -5.85 -8.36
N ASP C 117 -10.18 -6.87 -7.55
CA ASP C 117 -11.11 -7.43 -6.58
C ASP C 117 -10.36 -7.41 -5.25
N ARG C 118 -10.84 -8.14 -4.25
CA ARG C 118 -10.16 -8.22 -2.96
C ARG C 118 -9.88 -9.67 -2.58
N VAL C 119 -10.84 -10.56 -2.84
CA VAL C 119 -10.68 -11.97 -2.48
C VAL C 119 -9.38 -12.59 -3.02
N SER C 120 -9.06 -12.36 -4.30
CA SER C 120 -7.82 -12.92 -4.85
C SER C 120 -6.64 -12.38 -4.05
N HIS C 121 -6.70 -11.11 -3.67
CA HIS C 121 -5.61 -10.53 -2.89
C HIS C 121 -5.55 -11.14 -1.48
N LEU C 122 -6.69 -11.62 -0.97
CA LEU C 122 -6.70 -12.23 0.36
C LEU C 122 -6.14 -13.63 0.27
N LEU C 123 -6.01 -14.14 -0.95
CA LEU C 123 -5.50 -15.48 -1.22
C LEU C 123 -4.03 -15.51 -1.59
N ILE C 124 -3.56 -14.49 -2.29
CA ILE C 124 -2.17 -14.44 -2.72
C ILE C 124 -1.78 -12.99 -3.08
N HIS C 125 -0.51 -12.65 -2.88
CA HIS C 125 -0.01 -11.31 -3.15
C HIS C 125 -0.43 -10.76 -4.51
N GLY C 126 -0.64 -9.44 -4.56
CA GLY C 126 -1.06 -8.78 -5.80
C GLY C 126 -0.16 -8.94 -7.02
N ASP C 127 1.13 -9.10 -6.82
CA ASP C 127 2.06 -9.26 -7.95
C ASP C 127 1.77 -10.53 -8.74
N PHE C 128 1.09 -11.50 -8.12
CA PHE C 128 0.76 -12.77 -8.77
C PHE C 128 -0.21 -12.51 -9.91
N PRO C 129 -0.01 -13.16 -11.08
CA PRO C 129 -0.90 -12.93 -12.21
C PRO C 129 -2.21 -13.72 -12.28
N ALA C 130 -3.25 -13.06 -12.78
CA ALA C 130 -4.54 -13.71 -12.99
C ALA C 130 -4.44 -14.13 -14.45
N VAL C 131 -4.18 -15.42 -14.67
CA VAL C 131 -4.04 -15.93 -16.03
C VAL C 131 -4.73 -17.29 -16.21
N GLY C 132 -5.35 -17.48 -17.37
CA GLY C 132 -6.03 -18.73 -17.64
C GLY C 132 -5.11 -19.82 -18.16
N ASP C 133 -5.67 -21.01 -18.38
CA ASP C 133 -4.90 -22.15 -18.89
C ASP C 133 -4.89 -22.08 -20.42
N PHE C 134 -3.71 -22.23 -21.02
CA PHE C 134 -3.63 -22.15 -22.48
C PHE C 134 -4.50 -23.16 -23.21
N ASP C 135 -4.47 -24.42 -22.75
CA ASP C 135 -5.26 -25.47 -23.37
C ASP C 135 -6.72 -25.06 -23.50
N VAL C 136 -7.29 -24.57 -22.41
CA VAL C 136 -8.68 -24.13 -22.40
C VAL C 136 -8.85 -22.94 -23.34
N TYR C 137 -7.90 -22.01 -23.29
CA TYR C 137 -7.92 -20.83 -24.15
C TYR C 137 -7.93 -21.30 -25.60
N ASP C 138 -6.98 -22.16 -25.93
CA ASP C 138 -6.85 -22.68 -27.29
C ASP C 138 -8.08 -23.47 -27.71
N THR C 139 -8.61 -24.28 -26.81
CA THR C 139 -9.81 -25.07 -27.10
C THR C 139 -10.97 -24.17 -27.47
N LEU C 140 -11.16 -23.10 -26.71
CA LEU C 140 -12.23 -22.15 -26.96
C LEU C 140 -12.05 -21.49 -28.33
N ASN C 141 -10.82 -21.17 -28.69
CA ASN C 141 -10.54 -20.55 -29.99
C ASN C 141 -10.72 -21.54 -31.11
N LYS C 142 -10.29 -22.78 -30.90
CA LYS C 142 -10.43 -23.80 -31.93
C LYS C 142 -11.90 -24.10 -32.21
N CYS C 143 -12.76 -23.93 -31.21
CA CYS C 143 -14.18 -24.18 -31.39
C CYS C 143 -14.85 -23.03 -32.13
N ALA C 144 -14.39 -21.81 -31.86
CA ALA C 144 -14.95 -20.63 -32.52
C ALA C 144 -14.63 -20.72 -34.02
N GLN C 145 -13.40 -21.13 -34.32
CA GLN C 145 -12.97 -21.28 -35.71
C GLN C 145 -13.82 -22.30 -36.46
N GLU C 146 -13.97 -23.49 -35.89
CA GLU C 146 -14.75 -24.56 -36.50
C GLU C 146 -16.18 -24.14 -36.76
N LEU C 147 -16.68 -23.21 -35.95
CA LEU C 147 -18.05 -22.74 -36.10
C LEU C 147 -18.07 -21.47 -36.94
N ASN C 148 -16.88 -21.03 -37.35
CA ASN C 148 -16.76 -19.82 -38.15
C ASN C 148 -17.37 -18.63 -37.42
N VAL C 149 -17.02 -18.52 -36.15
CA VAL C 149 -17.48 -17.43 -35.30
C VAL C 149 -16.27 -16.57 -34.99
N PRO C 150 -16.20 -15.35 -35.56
CA PRO C 150 -15.06 -14.47 -35.30
C PRO C 150 -15.10 -13.94 -33.87
N VAL C 151 -13.95 -13.94 -33.21
CA VAL C 151 -13.89 -13.46 -31.84
C VAL C 151 -12.64 -12.63 -31.62
N PHE C 152 -12.58 -12.00 -30.45
CA PHE C 152 -11.42 -11.19 -30.07
C PHE C 152 -10.73 -11.93 -28.93
N ASN C 153 -9.45 -11.61 -28.72
CA ASN C 153 -8.68 -12.22 -27.66
C ASN C 153 -7.98 -11.10 -26.92
N GLY C 154 -7.93 -11.20 -25.59
CA GLY C 154 -7.28 -10.16 -24.82
C GLY C 154 -7.51 -10.27 -23.33
N ILE C 155 -7.05 -9.25 -22.61
CA ILE C 155 -7.15 -9.16 -21.17
C ILE C 155 -8.45 -8.52 -20.73
N SER C 156 -9.06 -9.07 -19.69
CA SER C 156 -10.29 -8.51 -19.15
C SER C 156 -9.99 -7.84 -17.82
N VAL C 157 -10.65 -6.72 -17.55
CA VAL C 157 -10.48 -6.05 -16.27
C VAL C 157 -11.60 -6.60 -15.40
N SER C 158 -11.24 -7.30 -14.32
CA SER C 158 -12.26 -7.83 -13.40
C SER C 158 -12.33 -6.85 -12.23
N SER C 159 -13.32 -5.96 -12.28
CA SER C 159 -13.51 -4.93 -11.25
C SER C 159 -14.73 -5.11 -10.37
N ASP C 160 -14.53 -4.88 -9.07
CA ASP C 160 -15.62 -5.01 -8.10
C ASP C 160 -16.58 -3.84 -8.12
N MET C 161 -16.23 -2.78 -8.85
CA MET C 161 -17.10 -1.62 -8.91
C MET C 161 -17.87 -1.51 -10.21
N TYR C 162 -19.18 -1.70 -10.13
CA TYR C 162 -20.03 -1.61 -11.31
C TYR C 162 -20.48 -0.15 -11.51
N TYR C 163 -20.92 0.49 -10.44
CA TYR C 163 -21.37 1.88 -10.50
C TYR C 163 -20.35 2.85 -9.89
N PRO C 164 -19.52 3.50 -10.72
CA PRO C 164 -18.51 4.45 -10.23
C PRO C 164 -19.07 5.67 -9.50
N ASN C 165 -18.18 6.36 -8.79
CA ASN C 165 -18.50 7.55 -8.02
C ASN C 165 -17.68 8.70 -8.59
N LYS C 166 -17.87 9.90 -8.05
CA LYS C 166 -17.15 11.08 -8.51
C LYS C 166 -15.99 11.48 -7.59
N ILE C 167 -15.66 10.64 -6.62
CA ILE C 167 -14.58 10.97 -5.71
C ILE C 167 -13.28 10.28 -6.11
N ILE C 168 -13.25 8.95 -6.05
CA ILE C 168 -12.08 8.20 -6.45
C ILE C 168 -12.22 7.86 -7.94
N PRO C 169 -11.21 8.22 -8.76
CA PRO C 169 -11.28 7.95 -10.20
C PRO C 169 -11.27 6.47 -10.57
N SER C 170 -12.05 6.15 -11.59
CA SER C 170 -12.11 4.78 -12.10
C SER C 170 -10.80 4.53 -12.81
N ARG C 171 -10.33 3.28 -12.77
CA ARG C 171 -9.08 2.92 -13.44
C ARG C 171 -9.31 2.35 -14.85
N LEU C 172 -10.57 2.32 -15.28
CA LEU C 172 -10.91 1.76 -16.59
C LEU C 172 -10.19 2.44 -17.76
N GLU C 173 -10.13 3.77 -17.76
CA GLU C 173 -9.45 4.47 -18.83
C GLU C 173 -7.97 4.07 -18.86
N ASP C 174 -7.37 3.94 -17.69
CA ASP C 174 -5.97 3.53 -17.59
C ASP C 174 -5.79 2.16 -18.25
N TYR C 175 -6.66 1.23 -17.89
CA TYR C 175 -6.56 -0.13 -18.42
C TYR C 175 -6.85 -0.18 -19.92
N SER C 176 -7.74 0.68 -20.40
CA SER C 176 -8.04 0.72 -21.82
C SER C 176 -6.74 1.12 -22.53
N LYS C 177 -6.10 2.16 -22.03
CA LYS C 177 -4.84 2.64 -22.60
C LYS C 177 -3.78 1.56 -22.50
N ALA C 178 -3.90 0.68 -21.50
CA ALA C 178 -2.97 -0.41 -21.29
C ALA C 178 -3.31 -1.60 -22.20
N ASN C 179 -4.31 -1.41 -23.04
CA ASN C 179 -4.75 -2.43 -24.00
C ASN C 179 -5.59 -3.58 -23.48
N ALA C 180 -6.26 -3.38 -22.34
CA ALA C 180 -7.14 -4.42 -21.83
C ALA C 180 -8.31 -4.34 -22.80
N ALA C 181 -8.91 -5.48 -23.13
CA ALA C 181 -10.01 -5.51 -24.10
C ALA C 181 -11.39 -5.21 -23.54
N VAL C 182 -11.77 -5.91 -22.49
CA VAL C 182 -13.10 -5.73 -21.92
C VAL C 182 -13.04 -5.63 -20.39
N VAL C 183 -14.21 -5.54 -19.78
CA VAL C 183 -14.30 -5.45 -18.33
C VAL C 183 -15.54 -6.18 -17.83
N GLU C 184 -15.36 -7.03 -16.83
CA GLU C 184 -16.46 -7.73 -16.22
C GLU C 184 -16.19 -7.87 -14.72
N MET C 185 -16.85 -8.79 -14.03
CA MET C 185 -16.66 -8.85 -12.59
C MET C 185 -16.22 -10.14 -11.91
N GLU C 186 -15.86 -11.18 -12.66
CA GLU C 186 -15.49 -12.45 -12.02
C GLU C 186 -14.26 -13.23 -12.50
N LEU C 187 -13.84 -13.01 -13.74
CA LEU C 187 -12.73 -13.77 -14.32
C LEU C 187 -11.42 -13.85 -13.53
N ALA C 188 -10.88 -12.70 -13.11
CA ALA C 188 -9.64 -12.70 -12.36
C ALA C 188 -9.72 -13.59 -11.13
N THR C 189 -10.87 -13.59 -10.47
CA THR C 189 -11.06 -14.42 -9.28
C THR C 189 -11.04 -15.90 -9.66
N LEU C 190 -11.74 -16.23 -10.74
CA LEU C 190 -11.75 -17.61 -11.21
C LEU C 190 -10.32 -18.06 -11.49
N MET C 191 -9.62 -17.25 -12.27
CA MET C 191 -8.25 -17.58 -12.65
C MET C 191 -7.31 -17.83 -11.49
N VAL C 192 -7.23 -16.89 -10.56
CA VAL C 192 -6.35 -17.06 -9.41
C VAL C 192 -6.70 -18.28 -8.58
N ILE C 193 -7.99 -18.47 -8.32
CA ILE C 193 -8.44 -19.63 -7.55
C ILE C 193 -8.04 -20.89 -8.31
N GLY C 194 -8.24 -20.88 -9.63
CA GLY C 194 -7.88 -22.03 -10.44
C GLY C 194 -6.41 -22.37 -10.28
N THR C 195 -5.56 -21.36 -10.44
CA THR C 195 -4.13 -21.54 -10.33
C THR C 195 -3.69 -22.10 -8.99
N LEU C 196 -4.19 -21.51 -7.90
CA LEU C 196 -3.83 -21.96 -6.57
C LEU C 196 -4.26 -23.39 -6.28
N ARG C 197 -5.41 -23.80 -6.82
CA ARG C 197 -5.91 -25.16 -6.56
C ARG C 197 -5.75 -26.15 -7.71
N LYS C 198 -4.85 -25.83 -8.63
CA LYS C 198 -4.56 -26.68 -9.80
C LYS C 198 -5.77 -27.04 -10.65
N VAL C 199 -6.58 -26.04 -10.94
CA VAL C 199 -7.76 -26.24 -11.77
C VAL C 199 -7.58 -25.36 -12.99
N LYS C 200 -7.80 -25.92 -14.17
CA LYS C 200 -7.65 -25.19 -15.42
C LYS C 200 -8.84 -24.29 -15.70
N THR C 201 -8.57 -23.02 -15.93
CA THR C 201 -9.64 -22.06 -16.17
C THR C 201 -9.59 -21.38 -17.53
N GLY C 202 -10.73 -20.81 -17.92
CA GLY C 202 -10.83 -20.11 -19.18
C GLY C 202 -12.05 -19.23 -19.12
N GLY C 203 -12.20 -18.34 -20.11
CA GLY C 203 -13.35 -17.47 -20.12
C GLY C 203 -13.70 -16.94 -21.50
N ILE C 204 -15.00 -16.88 -21.78
CA ILE C 204 -15.48 -16.37 -23.05
C ILE C 204 -16.61 -15.40 -22.71
N LEU C 205 -16.55 -14.21 -23.28
CA LEU C 205 -17.52 -13.18 -22.98
C LEU C 205 -18.16 -12.54 -24.21
N ILE C 206 -19.33 -11.93 -23.99
CA ILE C 206 -20.06 -11.25 -25.04
C ILE C 206 -20.33 -9.82 -24.56
N VAL C 207 -19.96 -8.85 -25.38
CA VAL C 207 -20.12 -7.44 -25.06
C VAL C 207 -21.57 -6.98 -25.01
N ASP C 208 -21.95 -6.32 -23.93
CA ASP C 208 -23.32 -5.83 -23.76
C ASP C 208 -23.36 -4.30 -23.68
N GLY C 209 -22.24 -3.66 -24.00
CA GLY C 209 -22.16 -2.21 -23.96
C GLY C 209 -20.76 -1.70 -23.66
N CYS C 210 -20.66 -0.39 -23.41
CA CYS C 210 -19.38 0.23 -23.10
C CYS C 210 -19.60 1.14 -21.90
N PRO C 211 -18.85 0.91 -20.80
CA PRO C 211 -18.95 1.71 -19.57
C PRO C 211 -18.61 3.18 -19.76
N PHE C 212 -17.86 3.50 -20.80
CA PHE C 212 -17.49 4.88 -21.07
C PHE C 212 -18.67 5.63 -21.70
N LYS C 213 -19.70 4.91 -22.10
CA LYS C 213 -20.84 5.53 -22.74
C LYS C 213 -22.22 5.17 -22.19
N TRP C 214 -22.26 4.62 -20.98
CA TRP C 214 -23.56 4.26 -20.39
C TRP C 214 -24.47 5.48 -20.35
N ASP C 215 -23.89 6.64 -20.07
CA ASP C 215 -24.62 7.88 -19.98
C ASP C 215 -25.09 8.36 -21.35
N GLU C 216 -24.89 7.51 -22.37
CA GLU C 216 -25.30 7.83 -23.72
C GLU C 216 -26.21 6.74 -24.28
N GLY C 217 -26.59 5.81 -23.42
CA GLY C 217 -27.48 4.72 -23.82
C GLY C 217 -26.80 3.45 -24.31
N ASP C 218 -25.47 3.41 -24.25
CA ASP C 218 -24.75 2.23 -24.70
C ASP C 218 -24.80 1.07 -23.69
N PHE C 219 -25.94 0.38 -23.67
CA PHE C 219 -26.14 -0.74 -22.77
C PHE C 219 -27.36 -1.57 -23.18
N ASP C 220 -27.14 -2.86 -23.41
CA ASP C 220 -28.22 -3.76 -23.81
C ASP C 220 -28.72 -4.59 -22.65
N ASN C 221 -29.97 -4.35 -22.24
CA ASN C 221 -30.57 -5.12 -21.16
C ASN C 221 -30.71 -6.53 -21.69
N ASN C 222 -30.69 -6.63 -23.02
CA ASN C 222 -30.81 -7.90 -23.72
C ASN C 222 -29.62 -8.05 -24.66
N LEU C 223 -28.99 -9.22 -24.64
CA LEU C 223 -27.83 -9.51 -25.46
C LEU C 223 -28.25 -9.82 -26.90
N VAL C 224 -27.31 -9.69 -27.84
CA VAL C 224 -27.59 -9.96 -29.24
C VAL C 224 -27.81 -11.45 -29.44
N PRO C 225 -29.05 -11.84 -29.79
CA PRO C 225 -29.49 -13.22 -30.03
C PRO C 225 -28.51 -14.14 -30.72
N HIS C 226 -28.26 -13.90 -32.01
CA HIS C 226 -27.35 -14.74 -32.77
C HIS C 226 -25.96 -14.84 -32.15
N GLN C 227 -25.44 -13.69 -31.70
CA GLN C 227 -24.12 -13.68 -31.07
C GLN C 227 -24.12 -14.52 -29.80
N LEU C 228 -25.11 -14.30 -28.95
CA LEU C 228 -25.23 -15.04 -27.69
C LEU C 228 -25.32 -16.53 -28.00
N GLU C 229 -26.10 -16.88 -29.01
CA GLU C 229 -26.26 -18.27 -29.42
C GLU C 229 -24.91 -18.86 -29.85
N ASN C 230 -24.18 -18.12 -30.68
CA ASN C 230 -22.87 -18.57 -31.14
C ASN C 230 -21.86 -18.70 -30.01
N MET C 231 -21.94 -17.81 -29.02
CA MET C 231 -21.02 -17.87 -27.90
C MET C 231 -21.31 -19.13 -27.07
N ILE C 232 -22.58 -19.41 -26.87
CA ILE C 232 -22.96 -20.59 -26.11
C ILE C 232 -22.55 -21.87 -26.84
N LYS C 233 -22.67 -21.86 -28.16
CA LYS C 233 -22.28 -23.03 -28.94
C LYS C 233 -20.79 -23.26 -28.75
N ILE C 234 -20.02 -22.18 -28.85
CA ILE C 234 -18.58 -22.25 -28.65
C ILE C 234 -18.29 -22.78 -27.27
N ALA C 235 -18.92 -22.16 -26.27
CA ALA C 235 -18.77 -22.55 -24.87
C ALA C 235 -19.12 -24.03 -24.69
N LEU C 236 -20.28 -24.43 -25.18
CA LEU C 236 -20.70 -25.82 -25.06
C LEU C 236 -19.75 -26.75 -25.81
N GLY C 237 -19.34 -26.34 -27.00
CA GLY C 237 -18.42 -27.16 -27.78
C GLY C 237 -17.10 -27.35 -27.05
N ALA C 238 -16.60 -26.26 -26.46
CA ALA C 238 -15.35 -26.31 -25.72
C ALA C 238 -15.44 -27.27 -24.54
N CYS C 239 -16.55 -27.21 -23.80
CA CYS C 239 -16.74 -28.09 -22.66
C CYS C 239 -16.80 -29.55 -23.08
N ALA C 240 -17.43 -29.81 -24.22
CA ALA C 240 -17.54 -31.17 -24.73
C ALA C 240 -16.16 -31.75 -25.04
N LYS C 241 -15.35 -30.99 -25.77
CA LYS C 241 -14.02 -31.44 -26.13
C LYS C 241 -13.14 -31.71 -24.91
N LEU C 242 -13.17 -30.80 -23.95
CA LEU C 242 -12.37 -30.98 -22.74
C LEU C 242 -12.88 -32.16 -21.91
N ALA C 243 -14.20 -32.31 -21.85
CA ALA C 243 -14.80 -33.40 -21.06
C ALA C 243 -14.42 -34.75 -21.64
N THR C 244 -14.31 -34.82 -22.96
CA THR C 244 -13.96 -36.06 -23.63
C THR C 244 -12.68 -36.61 -23.03
N LYS C 245 -11.64 -35.77 -23.04
CA LYS C 245 -10.34 -36.14 -22.51
C LYS C 245 -10.40 -36.70 -21.08
N TYR C 246 -11.12 -36.02 -20.20
CA TYR C 246 -11.22 -36.49 -18.81
C TYR C 246 -12.07 -37.74 -18.71
N ALA C 247 -12.98 -37.92 -19.66
CA ALA C 247 -13.84 -39.11 -19.67
C ALA C 247 -12.96 -40.36 -19.75
N ASN D 5 -39.73 3.32 -15.66
CA ASN D 5 -38.51 2.65 -16.18
C ASN D 5 -37.74 1.93 -15.08
N LEU D 6 -37.74 0.60 -15.19
CA LEU D 6 -37.10 -0.28 -14.21
C LEU D 6 -35.62 0.03 -13.97
N LEU D 7 -35.13 -0.39 -12.79
CA LEU D 7 -33.73 -0.21 -12.44
C LEU D 7 -33.00 -1.31 -13.20
N ARG D 8 -31.83 -0.99 -13.74
CA ARG D 8 -31.05 -1.94 -14.51
C ARG D 8 -31.09 -3.40 -14.06
N HIS D 9 -30.71 -3.66 -12.82
CA HIS D 9 -30.66 -5.04 -12.37
C HIS D 9 -31.71 -5.51 -11.36
N LEU D 10 -32.33 -4.58 -10.64
CA LEU D 10 -33.36 -4.97 -9.68
C LEU D 10 -34.67 -5.19 -10.45
N LYS D 11 -34.82 -4.46 -11.54
CA LYS D 11 -35.99 -4.57 -12.40
C LYS D 11 -37.27 -4.04 -11.76
N ILE D 12 -37.13 -3.01 -10.93
CA ILE D 12 -38.28 -2.38 -10.28
C ILE D 12 -38.18 -0.90 -10.62
N SER D 13 -39.27 -0.17 -10.41
CA SER D 13 -39.28 1.26 -10.72
C SER D 13 -38.98 2.11 -9.49
N LYS D 14 -38.62 3.36 -9.73
CA LYS D 14 -38.32 4.28 -8.64
C LYS D 14 -39.54 4.47 -7.76
N GLU D 15 -40.72 4.46 -8.37
CA GLU D 15 -41.96 4.63 -7.63
C GLU D 15 -42.27 3.43 -6.75
N GLN D 16 -41.65 2.29 -7.05
CA GLN D 16 -41.88 1.09 -6.26
C GLN D 16 -40.94 1.04 -5.07
N ILE D 17 -40.00 1.98 -5.02
CA ILE D 17 -39.03 2.04 -3.93
C ILE D 17 -39.54 2.83 -2.73
N THR D 18 -39.60 2.18 -1.57
CA THR D 18 -40.06 2.82 -0.34
C THR D 18 -38.87 3.48 0.37
N PRO D 19 -39.13 4.42 1.28
CA PRO D 19 -38.04 5.09 2.00
C PRO D 19 -37.23 4.15 2.88
N VAL D 20 -37.88 3.11 3.39
CA VAL D 20 -37.21 2.13 4.23
C VAL D 20 -37.14 0.82 3.48
N VAL D 21 -35.95 0.22 3.41
CA VAL D 21 -35.77 -1.04 2.70
C VAL D 21 -35.00 -2.05 3.54
N LEU D 22 -35.52 -3.27 3.61
CA LEU D 22 -34.88 -4.35 4.35
C LEU D 22 -34.18 -5.26 3.32
N VAL D 23 -32.87 -5.41 3.45
CA VAL D 23 -32.15 -6.26 2.50
C VAL D 23 -31.59 -7.51 3.15
N VAL D 24 -31.66 -8.62 2.41
CA VAL D 24 -31.15 -9.90 2.89
C VAL D 24 -30.32 -10.47 1.74
N GLY D 25 -29.48 -11.45 2.03
CA GLY D 25 -28.65 -12.00 0.99
C GLY D 25 -29.31 -13.06 0.12
N ASP D 26 -30.09 -13.93 0.76
CA ASP D 26 -30.76 -15.02 0.08
C ASP D 26 -32.13 -14.66 -0.49
N PRO D 27 -32.29 -14.75 -1.83
CA PRO D 27 -33.56 -14.43 -2.47
C PRO D 27 -34.70 -15.28 -1.89
N GLY D 28 -34.36 -16.49 -1.44
CA GLY D 28 -35.35 -17.36 -0.86
C GLY D 28 -35.82 -16.87 0.51
N ARG D 29 -34.98 -16.08 1.18
CA ARG D 29 -35.33 -15.55 2.49
C ARG D 29 -36.41 -14.50 2.34
N VAL D 30 -36.40 -13.80 1.22
CA VAL D 30 -37.40 -12.77 0.97
C VAL D 30 -38.81 -13.37 0.97
N ASP D 31 -38.94 -14.58 0.42
CA ASP D 31 -40.24 -15.24 0.37
C ASP D 31 -40.66 -15.73 1.76
N LYS D 32 -39.69 -16.07 2.58
CA LYS D 32 -39.94 -16.55 3.93
C LYS D 32 -40.37 -15.41 4.84
N ILE D 33 -39.85 -14.22 4.55
CA ILE D 33 -40.16 -13.03 5.34
C ILE D 33 -41.47 -12.38 4.93
N LYS D 34 -41.74 -12.32 3.63
CA LYS D 34 -42.99 -11.71 3.17
C LYS D 34 -44.21 -12.39 3.79
N VAL D 35 -44.14 -13.70 3.96
CA VAL D 35 -45.25 -14.46 4.52
C VAL D 35 -45.54 -14.16 6.00
N VAL D 36 -44.56 -13.64 6.73
CA VAL D 36 -44.76 -13.33 8.13
C VAL D 36 -45.24 -11.88 8.33
N CYS D 37 -45.35 -11.13 7.23
CA CYS D 37 -45.83 -9.75 7.30
C CYS D 37 -47.36 -9.78 7.31
N ASP D 38 -47.99 -8.62 7.47
CA ASP D 38 -49.45 -8.57 7.48
C ASP D 38 -49.91 -8.95 6.07
N SER D 39 -49.26 -8.37 5.07
CA SER D 39 -49.56 -8.64 3.67
C SER D 39 -48.36 -8.24 2.82
N TYR D 40 -48.32 -8.69 1.57
CA TYR D 40 -47.19 -8.36 0.71
C TYR D 40 -47.54 -8.31 -0.78
N VAL D 41 -46.62 -7.73 -1.55
CA VAL D 41 -46.78 -7.60 -3.00
C VAL D 41 -45.46 -7.92 -3.70
N ASP D 42 -45.43 -9.02 -4.45
CA ASP D 42 -44.21 -9.37 -5.18
C ASP D 42 -43.99 -8.31 -6.26
N LEU D 43 -42.74 -7.86 -6.40
CA LEU D 43 -42.44 -6.83 -7.38
C LEU D 43 -41.63 -7.34 -8.57
N ALA D 44 -40.55 -8.05 -8.31
CA ALA D 44 -39.70 -8.57 -9.36
C ALA D 44 -38.66 -9.56 -8.85
N TYR D 45 -38.06 -10.29 -9.78
CA TYR D 45 -37.04 -11.28 -9.48
C TYR D 45 -36.12 -11.38 -10.69
N ASN D 46 -34.93 -10.81 -10.57
CA ASN D 46 -33.95 -10.83 -11.65
C ASN D 46 -32.62 -11.25 -11.06
N ARG D 47 -32.01 -12.28 -11.65
CA ARG D 47 -30.74 -12.81 -11.14
C ARG D 47 -30.97 -13.17 -9.67
N GLU D 48 -30.08 -12.73 -8.78
CA GLU D 48 -30.25 -13.04 -7.37
C GLU D 48 -31.00 -11.94 -6.62
N TYR D 49 -31.56 -11.00 -7.35
CA TYR D 49 -32.28 -9.89 -6.74
C TYR D 49 -33.80 -10.05 -6.77
N LYS D 50 -34.36 -10.47 -5.64
CA LYS D 50 -35.80 -10.62 -5.53
C LYS D 50 -36.34 -9.49 -4.67
N SER D 51 -37.32 -8.77 -5.21
CA SER D 51 -37.91 -7.65 -4.51
C SER D 51 -39.39 -7.86 -4.24
N VAL D 52 -39.79 -7.59 -3.00
CA VAL D 52 -41.18 -7.75 -2.56
C VAL D 52 -41.54 -6.56 -1.67
N GLU D 53 -42.78 -6.09 -1.78
CA GLU D 53 -43.25 -4.97 -0.96
C GLU D 53 -43.92 -5.57 0.27
N CYS D 54 -43.38 -5.25 1.45
CA CYS D 54 -43.94 -5.78 2.68
C CYS D 54 -44.83 -4.79 3.41
N HIS D 55 -45.76 -5.34 4.20
CA HIS D 55 -46.70 -4.56 4.98
C HIS D 55 -46.66 -5.15 6.39
N TYR D 56 -46.25 -4.33 7.36
CA TYR D 56 -46.15 -4.79 8.73
C TYR D 56 -46.56 -3.69 9.71
N LYS D 57 -47.42 -4.05 10.66
CA LYS D 57 -47.89 -3.09 11.65
C LYS D 57 -48.38 -1.81 10.98
N GLY D 58 -49.20 -1.98 9.94
CA GLY D 58 -49.75 -0.85 9.22
C GLY D 58 -48.70 0.01 8.56
N GLN D 59 -47.53 -0.58 8.31
CA GLN D 59 -46.45 0.14 7.67
C GLN D 59 -46.03 -0.58 6.39
N LYS D 60 -45.44 0.18 5.46
CA LYS D 60 -45.04 -0.36 4.16
C LYS D 60 -43.56 -0.17 3.82
N PHE D 61 -42.86 -1.27 3.55
CA PHE D 61 -41.44 -1.22 3.20
C PHE D 61 -41.00 -2.41 2.35
N LEU D 62 -40.06 -2.18 1.45
CA LEU D 62 -39.56 -3.24 0.57
C LEU D 62 -38.59 -4.18 1.26
N CYS D 63 -38.48 -5.38 0.71
CA CYS D 63 -37.54 -6.39 1.18
C CYS D 63 -36.88 -6.89 -0.09
N VAL D 64 -35.57 -6.66 -0.21
CA VAL D 64 -34.84 -7.05 -1.40
C VAL D 64 -33.63 -7.93 -1.06
N SER D 65 -33.37 -8.93 -1.89
CA SER D 65 -32.21 -9.79 -1.66
C SER D 65 -31.05 -9.16 -2.42
N HIS D 66 -29.87 -9.14 -1.80
CA HIS D 66 -28.70 -8.52 -2.42
C HIS D 66 -27.66 -9.51 -2.92
N GLY D 67 -27.82 -10.79 -2.56
CA GLY D 67 -26.89 -11.81 -3.00
C GLY D 67 -25.62 -11.89 -2.16
N VAL D 68 -24.82 -12.91 -2.41
CA VAL D 68 -23.58 -13.13 -1.69
C VAL D 68 -22.42 -12.25 -2.16
N GLY D 69 -21.76 -11.57 -1.23
CA GLY D 69 -20.61 -10.75 -1.61
C GLY D 69 -20.78 -9.27 -1.85
N SER D 70 -19.73 -8.52 -1.48
CA SER D 70 -19.70 -7.07 -1.61
C SER D 70 -19.93 -6.53 -3.01
N ALA D 71 -19.21 -7.03 -4.00
CA ALA D 71 -19.38 -6.52 -5.36
C ALA D 71 -20.84 -6.69 -5.81
N GLY D 72 -21.41 -7.83 -5.49
CA GLY D 72 -22.78 -8.11 -5.89
C GLY D 72 -23.84 -7.28 -5.18
N CYS D 73 -23.71 -7.12 -3.87
CA CYS D 73 -24.69 -6.35 -3.12
C CYS D 73 -24.57 -4.86 -3.40
N ALA D 74 -23.37 -4.44 -3.81
CA ALA D 74 -23.13 -3.03 -4.14
C ALA D 74 -24.01 -2.60 -5.31
N VAL D 75 -24.22 -3.50 -6.26
CA VAL D 75 -25.07 -3.17 -7.42
C VAL D 75 -26.46 -2.87 -6.89
N CYS D 76 -26.96 -3.77 -6.04
CA CYS D 76 -28.28 -3.63 -5.42
C CYS D 76 -28.35 -2.35 -4.60
N PHE D 77 -27.40 -2.18 -3.68
CA PHE D 77 -27.35 -1.00 -2.81
C PHE D 77 -27.29 0.31 -3.57
N GLU D 78 -26.45 0.38 -4.59
CA GLU D 78 -26.33 1.59 -5.39
C GLU D 78 -27.65 1.92 -6.09
N GLU D 79 -28.32 0.90 -6.63
CA GLU D 79 -29.58 1.14 -7.31
C GLU D 79 -30.64 1.62 -6.31
N LEU D 80 -30.68 1.02 -5.12
CA LEU D 80 -31.63 1.44 -4.10
C LEU D 80 -31.34 2.89 -3.68
N CYS D 81 -30.10 3.15 -3.28
CA CYS D 81 -29.68 4.48 -2.83
C CYS D 81 -29.84 5.61 -3.85
N GLN D 82 -29.59 5.33 -5.12
CA GLN D 82 -29.70 6.35 -6.16
C GLN D 82 -31.10 6.51 -6.74
N ASN D 83 -32.09 5.90 -6.10
CA ASN D 83 -33.46 6.01 -6.58
C ASN D 83 -34.51 6.18 -5.48
N GLY D 84 -34.15 6.82 -4.38
CA GLY D 84 -35.13 7.06 -3.35
C GLY D 84 -35.01 6.47 -1.95
N ALA D 85 -34.36 5.32 -1.80
CA ALA D 85 -34.23 4.72 -0.47
C ALA D 85 -33.62 5.72 0.52
N LYS D 86 -34.12 5.72 1.76
CA LYS D 86 -33.61 6.63 2.79
C LYS D 86 -33.01 5.86 3.96
N VAL D 87 -33.53 4.66 4.19
CA VAL D 87 -33.09 3.81 5.27
C VAL D 87 -32.93 2.37 4.77
N ILE D 88 -31.75 1.82 4.91
CA ILE D 88 -31.53 0.44 4.49
C ILE D 88 -30.97 -0.36 5.65
N ILE D 89 -31.67 -1.43 6.02
CA ILE D 89 -31.24 -2.29 7.10
C ILE D 89 -30.92 -3.69 6.56
N ARG D 90 -29.70 -4.15 6.80
CA ARG D 90 -29.33 -5.48 6.36
C ARG D 90 -29.61 -6.46 7.48
N ALA D 91 -30.23 -7.57 7.13
CA ALA D 91 -30.52 -8.63 8.09
C ALA D 91 -29.96 -9.90 7.49
N GLY D 92 -29.05 -10.54 8.19
CA GLY D 92 -28.47 -11.75 7.65
C GLY D 92 -27.82 -12.62 8.69
N SER D 93 -26.96 -13.52 8.23
CA SER D 93 -26.27 -14.43 9.12
C SER D 93 -24.81 -14.00 9.25
N CYS D 94 -24.11 -14.57 10.21
CA CYS D 94 -22.72 -14.23 10.43
C CYS D 94 -22.01 -15.30 11.25
N GLY D 95 -20.69 -15.17 11.33
CA GLY D 95 -19.91 -16.11 12.10
C GLY D 95 -19.43 -15.39 13.35
N SER D 96 -19.19 -16.14 14.41
CA SER D 96 -18.73 -15.53 15.66
C SER D 96 -17.22 -15.41 15.67
N LEU D 97 -16.73 -14.26 16.11
CA LEU D 97 -15.29 -14.02 16.21
C LEU D 97 -14.92 -14.01 17.70
N GLN D 98 -15.88 -14.41 18.53
CA GLN D 98 -15.72 -14.49 19.99
C GLN D 98 -16.46 -15.75 20.44
N PRO D 99 -15.91 -16.93 20.11
CA PRO D 99 -16.48 -18.25 20.44
C PRO D 99 -16.81 -18.53 21.91
N ASP D 100 -16.15 -17.86 22.84
CA ASP D 100 -16.42 -18.09 24.25
C ASP D 100 -17.58 -17.24 24.75
N LEU D 101 -18.04 -16.31 23.92
CA LEU D 101 -19.13 -15.42 24.33
C LEU D 101 -20.33 -15.41 23.39
N ILE D 102 -20.07 -15.37 22.09
CA ILE D 102 -21.13 -15.36 21.09
C ILE D 102 -21.19 -16.72 20.40
N LYS D 103 -22.36 -17.35 20.46
CA LYS D 103 -22.52 -18.68 19.88
C LYS D 103 -23.65 -18.79 18.86
N ARG D 104 -23.76 -19.95 18.23
CA ARG D 104 -24.80 -20.18 17.23
C ARG D 104 -26.18 -19.86 17.77
N GLY D 105 -26.94 -19.06 17.01
CA GLY D 105 -28.27 -18.69 17.41
C GLY D 105 -28.31 -17.27 17.95
N ASP D 106 -27.18 -16.80 18.45
CA ASP D 106 -27.12 -15.44 19.00
C ASP D 106 -27.31 -14.36 17.94
N ILE D 107 -27.89 -13.25 18.38
CA ILE D 107 -28.14 -12.12 17.51
C ILE D 107 -27.19 -10.98 17.87
N CYS D 108 -26.71 -10.28 16.85
CA CYS D 108 -25.82 -9.15 17.07
C CYS D 108 -26.26 -8.00 16.19
N ILE D 109 -26.43 -6.84 16.81
CA ILE D 109 -26.82 -5.63 16.10
C ILE D 109 -25.52 -4.83 16.00
N CYS D 110 -25.05 -4.64 14.77
CA CYS D 110 -23.79 -3.94 14.50
C CYS D 110 -23.90 -2.48 14.14
N ASN D 111 -22.94 -1.69 14.62
CA ASN D 111 -22.92 -0.24 14.35
C ASN D 111 -21.79 0.19 13.43
N ALA D 112 -20.86 -0.72 13.14
CA ALA D 112 -19.74 -0.39 12.26
C ALA D 112 -19.10 -1.67 11.73
N ALA D 113 -18.21 -1.55 10.75
CA ALA D 113 -17.60 -2.75 10.20
C ALA D 113 -16.22 -2.54 9.60
N VAL D 114 -15.48 -3.63 9.51
CA VAL D 114 -14.15 -3.64 8.91
C VAL D 114 -14.35 -3.75 7.39
N ARG D 115 -13.72 -2.84 6.64
CA ARG D 115 -13.87 -2.83 5.19
C ARG D 115 -12.91 -3.77 4.46
N GLU D 116 -13.07 -5.07 4.69
CA GLU D 116 -12.20 -6.01 4.00
C GLU D 116 -12.82 -6.46 2.68
N ASP D 117 -13.16 -5.47 1.85
CA ASP D 117 -13.75 -5.69 0.53
C ASP D 117 -12.87 -4.88 -0.43
N ARG D 118 -13.40 -4.57 -1.61
CA ARG D 118 -12.65 -3.76 -2.56
C ARG D 118 -13.53 -2.61 -3.06
N VAL D 119 -14.81 -2.88 -3.30
CA VAL D 119 -15.66 -1.84 -3.82
C VAL D 119 -15.71 -0.57 -2.96
N SER D 120 -15.76 -0.70 -1.64
CA SER D 120 -15.80 0.51 -0.81
C SER D 120 -14.52 1.31 -1.05
N HIS D 121 -13.40 0.63 -1.24
CA HIS D 121 -12.14 1.29 -1.49
C HIS D 121 -12.08 1.94 -2.86
N LEU D 122 -12.84 1.40 -3.82
CA LEU D 122 -12.88 1.97 -5.16
C LEU D 122 -13.80 3.20 -5.11
N LEU D 123 -14.52 3.33 -4.00
CA LEU D 123 -15.46 4.44 -3.80
C LEU D 123 -14.88 5.55 -2.91
N ILE D 124 -14.08 5.18 -1.90
CA ILE D 124 -13.48 6.17 -0.99
C ILE D 124 -12.25 5.57 -0.30
N HIS D 125 -11.28 6.42 0.01
CA HIS D 125 -10.03 6.00 0.66
C HIS D 125 -10.27 5.08 1.85
N GLY D 126 -9.33 4.17 2.08
CA GLY D 126 -9.44 3.22 3.17
C GLY D 126 -9.57 3.77 4.59
N ASP D 127 -9.03 4.96 4.86
CA ASP D 127 -9.12 5.55 6.19
C ASP D 127 -10.56 5.89 6.59
N PHE D 128 -11.44 6.06 5.60
CA PHE D 128 -12.84 6.40 5.87
C PHE D 128 -13.51 5.23 6.63
N PRO D 129 -14.28 5.54 7.68
CA PRO D 129 -14.94 4.49 8.46
C PRO D 129 -16.21 3.91 7.84
N ALA D 130 -16.42 2.63 8.05
CA ALA D 130 -17.64 1.95 7.61
C ALA D 130 -18.47 2.01 8.89
N VAL D 131 -19.45 2.90 8.95
CA VAL D 131 -20.27 3.05 10.16
C VAL D 131 -21.74 3.27 9.84
N GLY D 132 -22.62 2.66 10.63
CA GLY D 132 -24.03 2.80 10.40
C GLY D 132 -24.65 4.01 11.09
N ASP D 133 -25.91 4.27 10.78
CA ASP D 133 -26.63 5.38 11.38
C ASP D 133 -27.00 4.97 12.79
N PHE D 134 -26.65 5.80 13.77
CA PHE D 134 -26.96 5.44 15.15
C PHE D 134 -28.43 5.47 15.52
N ASP D 135 -29.24 6.22 14.76
CA ASP D 135 -30.67 6.26 15.04
C ASP D 135 -31.24 4.91 14.61
N VAL D 136 -30.79 4.42 13.45
CA VAL D 136 -31.22 3.12 12.94
C VAL D 136 -30.78 2.06 13.93
N TYR D 137 -29.53 2.19 14.37
CA TYR D 137 -28.91 1.28 15.35
C TYR D 137 -29.75 1.25 16.63
N ASP D 138 -30.09 2.43 17.13
CA ASP D 138 -30.87 2.56 18.35
C ASP D 138 -32.25 1.93 18.19
N THR D 139 -32.90 2.18 17.06
CA THR D 139 -34.22 1.60 16.81
C THR D 139 -34.18 0.08 16.90
N LEU D 140 -33.14 -0.53 16.38
CA LEU D 140 -33.00 -1.99 16.39
C LEU D 140 -32.86 -2.53 17.81
N ASN D 141 -32.07 -1.86 18.64
CA ASN D 141 -31.88 -2.32 20.01
C ASN D 141 -33.15 -2.17 20.83
N LYS D 142 -33.87 -1.08 20.62
CA LYS D 142 -35.10 -0.85 21.37
C LYS D 142 -36.12 -1.92 21.04
N CYS D 143 -36.28 -2.22 19.75
CA CYS D 143 -37.21 -3.25 19.34
C CYS D 143 -36.84 -4.57 19.99
N ALA D 144 -35.54 -4.83 20.10
CA ALA D 144 -35.09 -6.07 20.71
C ALA D 144 -35.53 -6.10 22.18
N GLN D 145 -35.34 -4.99 22.87
CA GLN D 145 -35.74 -4.89 24.28
C GLN D 145 -37.22 -5.18 24.44
N GLU D 146 -38.04 -4.41 23.75
CA GLU D 146 -39.49 -4.54 23.80
C GLU D 146 -39.97 -5.97 23.56
N LEU D 147 -39.17 -6.75 22.85
CA LEU D 147 -39.53 -8.13 22.54
C LEU D 147 -38.87 -9.11 23.51
N ASN D 148 -38.05 -8.58 24.42
CA ASN D 148 -37.34 -9.39 25.39
C ASN D 148 -36.39 -10.36 24.72
N VAL D 149 -35.71 -9.88 23.68
CA VAL D 149 -34.74 -10.68 22.94
C VAL D 149 -33.32 -10.20 23.24
N PRO D 150 -32.56 -10.97 24.03
CA PRO D 150 -31.18 -10.56 24.34
C PRO D 150 -30.33 -10.53 23.08
N VAL D 151 -29.47 -9.52 22.97
CA VAL D 151 -28.62 -9.39 21.79
C VAL D 151 -27.23 -8.86 22.12
N PHE D 152 -26.30 -9.07 21.21
CA PHE D 152 -24.95 -8.56 21.37
C PHE D 152 -24.86 -7.35 20.47
N ASN D 153 -23.91 -6.47 20.74
CA ASN D 153 -23.69 -5.28 19.94
C ASN D 153 -22.21 -5.22 19.61
N GLY D 154 -21.86 -4.60 18.49
CA GLY D 154 -20.45 -4.53 18.15
C GLY D 154 -20.10 -4.30 16.69
N ILE D 155 -18.84 -4.52 16.38
CA ILE D 155 -18.30 -4.36 15.04
C ILE D 155 -18.29 -5.69 14.29
N SER D 156 -18.60 -5.64 13.01
CA SER D 156 -18.58 -6.84 12.20
C SER D 156 -17.44 -6.75 11.19
N VAL D 157 -16.74 -7.86 10.96
CA VAL D 157 -15.68 -7.87 9.97
C VAL D 157 -16.37 -8.31 8.68
N SER D 158 -16.39 -7.42 7.68
CA SER D 158 -16.98 -7.72 6.38
C SER D 158 -15.84 -8.09 5.45
N SER D 159 -15.64 -9.39 5.26
CA SER D 159 -14.56 -9.89 4.41
C SER D 159 -15.03 -10.60 3.14
N ASP D 160 -14.33 -10.34 2.04
CA ASP D 160 -14.65 -10.95 0.76
C ASP D 160 -14.19 -12.40 0.69
N MET D 161 -13.44 -12.85 1.70
CA MET D 161 -12.96 -14.22 1.69
C MET D 161 -13.72 -15.13 2.67
N TYR D 162 -14.47 -16.07 2.12
CA TYR D 162 -15.25 -17.01 2.93
C TYR D 162 -14.41 -18.26 3.17
N TYR D 163 -13.82 -18.79 2.10
CA TYR D 163 -12.97 -19.97 2.18
C TYR D 163 -11.51 -19.56 2.07
N PRO D 164 -10.78 -19.55 3.20
CA PRO D 164 -9.36 -19.18 3.20
C PRO D 164 -8.42 -20.27 2.70
N ASN D 165 -7.27 -19.86 2.17
CA ASN D 165 -6.29 -20.81 1.69
C ASN D 165 -5.24 -20.86 2.79
N LYS D 166 -4.10 -21.49 2.52
CA LYS D 166 -3.04 -21.59 3.53
C LYS D 166 -1.75 -20.81 3.24
N ILE D 167 -1.79 -19.86 2.33
CA ILE D 167 -0.60 -19.08 1.99
C ILE D 167 -0.60 -17.74 2.72
N ILE D 168 -1.65 -16.95 2.49
CA ILE D 168 -1.78 -15.65 3.12
C ILE D 168 -2.62 -15.81 4.39
N PRO D 169 -2.09 -15.41 5.55
CA PRO D 169 -2.87 -15.56 6.78
C PRO D 169 -4.14 -14.71 6.74
N SER D 170 -5.19 -15.22 7.37
CA SER D 170 -6.45 -14.51 7.44
C SER D 170 -6.31 -13.48 8.56
N ARG D 171 -7.06 -12.37 8.48
CA ARG D 171 -6.97 -11.36 9.53
C ARG D 171 -8.05 -11.52 10.60
N LEU D 172 -8.87 -12.56 10.49
CA LEU D 172 -9.94 -12.76 11.46
C LEU D 172 -9.49 -12.82 12.90
N GLU D 173 -8.40 -13.54 13.16
CA GLU D 173 -7.89 -13.62 14.53
C GLU D 173 -7.46 -12.23 15.03
N ASP D 174 -6.78 -11.46 14.18
CA ASP D 174 -6.34 -10.12 14.56
C ASP D 174 -7.57 -9.31 15.00
N TYR D 175 -8.61 -9.34 14.17
CA TYR D 175 -9.83 -8.61 14.45
C TYR D 175 -10.57 -9.12 15.68
N SER D 176 -10.43 -10.41 15.97
CA SER D 176 -11.07 -10.96 17.16
C SER D 176 -10.35 -10.32 18.35
N LYS D 177 -9.02 -10.28 18.29
CA LYS D 177 -8.25 -9.68 19.37
C LYS D 177 -8.57 -8.18 19.49
N ALA D 178 -8.91 -7.57 18.36
CA ALA D 178 -9.24 -6.14 18.32
C ALA D 178 -10.67 -5.90 18.82
N ASN D 179 -11.33 -6.98 19.21
CA ASN D 179 -12.69 -6.95 19.73
C ASN D 179 -13.83 -6.85 18.73
N ALA D 180 -13.60 -7.27 17.49
CA ALA D 180 -14.68 -7.27 16.51
C ALA D 180 -15.54 -8.44 16.99
N ALA D 181 -16.86 -8.31 16.88
CA ALA D 181 -17.74 -9.37 17.36
C ALA D 181 -18.03 -10.51 16.40
N VAL D 182 -18.41 -10.16 15.17
CA VAL D 182 -18.75 -11.17 14.19
C VAL D 182 -18.14 -10.88 12.83
N VAL D 183 -18.39 -11.79 11.90
CA VAL D 183 -17.89 -11.66 10.54
C VAL D 183 -18.91 -12.10 9.51
N GLU D 184 -19.12 -11.26 8.51
CA GLU D 184 -20.00 -11.60 7.41
C GLU D 184 -19.41 -11.01 6.11
N MET D 185 -20.23 -10.74 5.10
CA MET D 185 -19.64 -10.28 3.85
C MET D 185 -20.26 -9.06 3.14
N GLU D 186 -21.23 -8.41 3.76
CA GLU D 186 -21.86 -7.27 3.07
C GLU D 186 -22.04 -5.96 3.85
N LEU D 187 -22.07 -6.03 5.17
CA LEU D 187 -22.34 -4.84 5.97
C LEU D 187 -21.47 -3.60 5.70
N ALA D 188 -20.15 -3.75 5.68
CA ALA D 188 -19.28 -2.60 5.44
C ALA D 188 -19.58 -1.90 4.11
N THR D 189 -19.83 -2.69 3.07
CA THR D 189 -20.14 -2.12 1.76
C THR D 189 -21.44 -1.32 1.86
N LEU D 190 -22.43 -1.87 2.55
CA LEU D 190 -23.69 -1.16 2.69
C LEU D 190 -23.44 0.16 3.42
N MET D 191 -22.74 0.09 4.54
CA MET D 191 -22.48 1.28 5.34
C MET D 191 -21.78 2.40 4.59
N VAL D 192 -20.71 2.08 3.88
CA VAL D 192 -19.98 3.11 3.15
C VAL D 192 -20.82 3.71 2.01
N ILE D 193 -21.50 2.87 1.25
CA ILE D 193 -22.32 3.37 0.15
C ILE D 193 -23.40 4.27 0.77
N GLY D 194 -23.92 3.84 1.92
CA GLY D 194 -24.95 4.61 2.61
C GLY D 194 -24.50 6.02 2.99
N THR D 195 -23.34 6.14 3.62
CA THR D 195 -22.87 7.46 4.03
C THR D 195 -22.54 8.32 2.81
N LEU D 196 -21.98 7.72 1.77
CA LEU D 196 -21.67 8.49 0.57
C LEU D 196 -22.94 8.96 -0.14
N ARG D 197 -24.02 8.19 -0.01
CA ARG D 197 -25.30 8.53 -0.65
C ARG D 197 -26.34 9.09 0.31
N LYS D 198 -25.89 9.54 1.49
CA LYS D 198 -26.81 10.11 2.47
C LYS D 198 -28.01 9.21 2.75
N VAL D 199 -27.73 7.92 2.97
CA VAL D 199 -28.77 6.95 3.29
C VAL D 199 -28.42 6.30 4.62
N LYS D 200 -29.41 6.22 5.50
CA LYS D 200 -29.22 5.65 6.82
C LYS D 200 -29.20 4.13 6.77
N THR D 201 -28.14 3.52 7.27
CA THR D 201 -28.00 2.07 7.24
C THR D 201 -27.85 1.47 8.62
N GLY D 202 -28.11 0.16 8.71
CA GLY D 202 -27.99 -0.55 9.96
C GLY D 202 -27.82 -2.02 9.68
N GLY D 203 -27.56 -2.82 10.71
CA GLY D 203 -27.41 -4.24 10.48
C GLY D 203 -27.69 -5.14 11.68
N ILE D 204 -28.43 -6.21 11.43
CA ILE D 204 -28.73 -7.17 12.49
C ILE D 204 -28.39 -8.54 11.94
N LEU D 205 -27.64 -9.32 12.72
CA LEU D 205 -27.19 -10.62 12.24
C LEU D 205 -27.37 -11.73 13.26
N ILE D 206 -27.50 -12.95 12.78
CA ILE D 206 -27.64 -14.12 13.64
C ILE D 206 -26.48 -15.05 13.34
N VAL D 207 -25.84 -15.56 14.38
CA VAL D 207 -24.68 -16.46 14.23
C VAL D 207 -25.04 -17.87 13.80
N ASP D 208 -24.31 -18.39 12.81
CA ASP D 208 -24.56 -19.75 12.34
C ASP D 208 -23.32 -20.60 12.49
N GLY D 209 -22.34 -20.10 13.24
CA GLY D 209 -21.12 -20.85 13.44
C GLY D 209 -19.94 -19.95 13.77
N CYS D 210 -18.76 -20.56 13.81
CA CYS D 210 -17.54 -19.84 14.11
C CYS D 210 -16.46 -20.34 13.15
N PRO D 211 -16.01 -19.47 12.22
CA PRO D 211 -14.97 -19.83 11.24
C PRO D 211 -13.70 -20.39 11.86
N PHE D 212 -13.47 -20.08 13.13
CA PHE D 212 -12.29 -20.58 13.83
C PHE D 212 -12.44 -22.07 14.11
N LYS D 213 -13.69 -22.55 14.09
CA LYS D 213 -13.93 -23.96 14.38
C LYS D 213 -14.67 -24.76 13.30
N TRP D 214 -14.55 -24.34 12.03
CA TRP D 214 -15.21 -25.07 10.95
C TRP D 214 -14.67 -26.49 10.81
N ASP D 215 -13.38 -26.65 11.06
CA ASP D 215 -12.74 -27.96 10.96
C ASP D 215 -13.33 -28.96 11.95
N GLU D 216 -13.88 -28.44 13.05
CA GLU D 216 -14.47 -29.30 14.07
C GLU D 216 -15.98 -29.43 13.84
N GLY D 217 -16.45 -28.83 12.75
CA GLY D 217 -17.87 -28.90 12.43
C GLY D 217 -18.72 -27.82 13.07
N ASP D 218 -18.10 -26.74 13.54
CA ASP D 218 -18.85 -25.65 14.17
C ASP D 218 -19.57 -24.82 13.11
N PHE D 219 -20.52 -25.45 12.43
CA PHE D 219 -21.29 -24.78 11.39
C PHE D 219 -22.65 -25.45 11.23
N ASP D 220 -23.70 -24.63 11.16
CA ASP D 220 -25.06 -25.14 10.98
C ASP D 220 -25.58 -24.81 9.60
N ASN D 221 -25.95 -25.84 8.84
CA ASN D 221 -26.48 -25.63 7.50
C ASN D 221 -27.73 -24.77 7.61
N ASN D 222 -28.44 -24.92 8.71
CA ASN D 222 -29.67 -24.19 8.96
C ASN D 222 -29.55 -23.40 10.27
N LEU D 223 -30.19 -22.23 10.29
CA LEU D 223 -30.17 -21.36 11.46
C LEU D 223 -31.15 -21.85 12.52
N VAL D 224 -30.93 -21.47 13.77
CA VAL D 224 -31.81 -21.89 14.86
C VAL D 224 -33.19 -21.26 14.65
N PRO D 225 -34.19 -22.09 14.32
CA PRO D 225 -35.59 -21.71 14.07
C PRO D 225 -36.16 -20.62 14.95
N HIS D 226 -36.18 -20.87 16.26
CA HIS D 226 -36.72 -19.93 17.22
C HIS D 226 -36.08 -18.54 17.11
N GLN D 227 -34.76 -18.50 17.14
CA GLN D 227 -34.03 -17.24 17.08
C GLN D 227 -34.12 -16.51 15.74
N LEU D 228 -34.14 -17.24 14.64
CA LEU D 228 -34.26 -16.60 13.34
C LEU D 228 -35.55 -15.77 13.34
N GLU D 229 -36.61 -16.36 13.89
CA GLU D 229 -37.91 -15.69 13.96
C GLU D 229 -37.80 -14.41 14.79
N ASN D 230 -37.15 -14.50 15.93
CA ASN D 230 -36.97 -13.35 16.80
C ASN D 230 -36.23 -12.23 16.06
N MET D 231 -35.13 -12.56 15.42
CA MET D 231 -34.37 -11.55 14.68
C MET D 231 -35.22 -10.88 13.60
N ILE D 232 -35.98 -11.68 12.86
CA ILE D 232 -36.83 -11.12 11.81
C ILE D 232 -37.89 -10.20 12.43
N LYS D 233 -38.40 -10.58 13.60
CA LYS D 233 -39.39 -9.73 14.29
C LYS D 233 -38.72 -8.39 14.58
N ILE D 234 -37.54 -8.46 15.20
CA ILE D 234 -36.78 -7.27 15.52
C ILE D 234 -36.59 -6.41 14.28
N ALA D 235 -36.12 -7.04 13.21
CA ALA D 235 -35.88 -6.36 11.94
C ALA D 235 -37.13 -5.71 11.36
N LEU D 236 -38.21 -6.50 11.27
CA LEU D 236 -39.46 -5.97 10.74
C LEU D 236 -39.97 -4.85 11.64
N GLY D 237 -39.92 -5.07 12.95
CA GLY D 237 -40.37 -4.05 13.88
C GLY D 237 -39.64 -2.75 13.65
N ALA D 238 -38.32 -2.83 13.49
CA ALA D 238 -37.50 -1.65 13.25
C ALA D 238 -37.89 -0.94 11.96
N CYS D 239 -37.97 -1.69 10.87
CA CYS D 239 -38.33 -1.12 9.58
C CYS D 239 -39.67 -0.39 9.68
N ALA D 240 -40.62 -1.01 10.38
CA ALA D 240 -41.94 -0.42 10.56
C ALA D 240 -41.82 0.91 11.29
N LYS D 241 -41.17 0.89 12.46
CA LYS D 241 -40.99 2.10 13.25
C LYS D 241 -40.30 3.21 12.48
N LEU D 242 -39.24 2.86 11.75
CA LEU D 242 -38.50 3.83 10.95
C LEU D 242 -39.32 4.34 9.77
N ALA D 243 -40.11 3.44 9.18
CA ALA D 243 -40.94 3.81 8.03
C ALA D 243 -41.97 4.85 8.44
N THR D 244 -42.50 4.70 9.64
CA THR D 244 -43.50 5.62 10.19
C THR D 244 -43.04 7.06 10.07
N LYS D 245 -41.72 7.28 10.16
CA LYS D 245 -41.15 8.62 10.10
C LYS D 245 -41.14 9.26 8.71
N TYR D 246 -41.38 8.46 7.67
CA TYR D 246 -41.39 9.00 6.32
C TYR D 246 -42.80 8.97 5.73
N ALA D 247 -43.69 8.21 6.39
CA ALA D 247 -45.07 8.10 5.94
C ALA D 247 -45.77 9.44 6.16
N ASN E 5 3.73 3.81 42.39
CA ASN E 5 4.27 4.33 41.09
C ASN E 5 3.27 5.27 40.43
N LEU E 6 3.74 5.99 39.42
CA LEU E 6 2.90 6.92 38.70
C LEU E 6 2.91 6.54 37.22
N LEU E 7 1.93 7.06 36.48
CA LEU E 7 1.92 6.79 35.05
C LEU E 7 3.14 7.54 34.55
N ARG E 8 3.88 6.91 33.64
CA ARG E 8 5.11 7.48 33.11
C ARG E 8 5.04 8.93 32.64
N HIS E 9 4.01 9.30 31.89
CA HIS E 9 3.94 10.66 31.40
C HIS E 9 2.83 11.55 31.93
N LEU E 10 1.74 10.97 32.40
CA LEU E 10 0.68 11.80 32.97
C LEU E 10 1.08 12.17 34.40
N LYS E 11 1.94 11.35 35.00
CA LYS E 11 2.42 11.56 36.35
C LYS E 11 1.34 11.51 37.42
N ILE E 12 0.36 10.65 37.22
CA ILE E 12 -0.70 10.47 38.20
C ILE E 12 -0.70 8.97 38.46
N SER E 13 -1.31 8.54 39.56
CA SER E 13 -1.34 7.13 39.90
C SER E 13 -2.59 6.45 39.36
N LYS E 14 -2.54 5.13 39.27
CA LYS E 14 -3.67 4.36 38.77
C LYS E 14 -4.90 4.63 39.63
N GLU E 15 -4.67 4.83 40.91
CA GLU E 15 -5.75 5.09 41.86
C GLU E 15 -6.39 6.45 41.68
N GLN E 16 -5.69 7.37 41.01
CA GLN E 16 -6.22 8.71 40.78
C GLN E 16 -7.07 8.81 39.52
N ILE E 17 -7.10 7.74 38.73
CA ILE E 17 -7.88 7.74 37.51
C ILE E 17 -9.32 7.35 37.81
N THR E 18 -10.26 8.19 37.40
CA THR E 18 -11.67 7.93 37.60
C THR E 18 -12.15 7.12 36.41
N PRO E 19 -13.33 6.50 36.50
CA PRO E 19 -13.84 5.71 35.37
C PRO E 19 -14.16 6.56 34.15
N VAL E 20 -14.57 7.80 34.37
CA VAL E 20 -14.89 8.69 33.27
C VAL E 20 -13.86 9.80 33.17
N VAL E 21 -13.38 10.04 31.95
CA VAL E 21 -12.39 11.08 31.71
C VAL E 21 -12.75 12.00 30.55
N LEU E 22 -12.55 13.29 30.78
CA LEU E 22 -12.81 14.32 29.79
C LEU E 22 -11.45 14.81 29.30
N VAL E 23 -11.16 14.63 28.01
CA VAL E 23 -9.88 15.07 27.49
C VAL E 23 -10.03 16.24 26.53
N VAL E 24 -9.09 17.18 26.61
CA VAL E 24 -9.09 18.35 25.74
C VAL E 24 -7.67 18.49 25.22
N GLY E 25 -7.49 19.25 24.15
CA GLY E 25 -6.16 19.40 23.60
C GLY E 25 -5.25 20.35 24.35
N ASP E 26 -5.75 21.55 24.61
CA ASP E 26 -4.99 22.61 25.28
C ASP E 26 -4.92 22.50 26.81
N PRO E 27 -3.72 22.37 27.38
CA PRO E 27 -3.57 22.28 28.83
C PRO E 27 -4.20 23.49 29.54
N GLY E 28 -4.12 24.64 28.90
CA GLY E 28 -4.70 25.84 29.49
C GLY E 28 -6.21 25.73 29.54
N ARG E 29 -6.77 24.84 28.72
CA ARG E 29 -8.21 24.65 28.69
C ARG E 29 -8.77 23.94 29.92
N VAL E 30 -7.99 23.03 30.50
CA VAL E 30 -8.49 22.32 31.67
C VAL E 30 -8.61 23.25 32.88
N ASP E 31 -7.82 24.32 32.92
CA ASP E 31 -7.92 25.27 34.03
C ASP E 31 -9.18 26.12 33.85
N LYS E 32 -9.52 26.39 32.58
CA LYS E 32 -10.71 27.17 32.28
C LYS E 32 -11.95 26.32 32.50
N ILE E 33 -11.79 25.01 32.45
CA ILE E 33 -12.91 24.10 32.66
C ILE E 33 -13.14 23.80 34.14
N LYS E 34 -12.07 23.45 34.86
CA LYS E 34 -12.20 23.11 36.27
C LYS E 34 -12.90 24.20 37.06
N VAL E 35 -12.71 25.46 36.67
CA VAL E 35 -13.32 26.57 37.38
C VAL E 35 -14.84 26.66 37.25
N VAL E 36 -15.41 25.99 36.25
CA VAL E 36 -16.86 26.01 36.09
C VAL E 36 -17.51 24.84 36.81
N CYS E 37 -16.68 23.96 37.37
CA CYS E 37 -17.19 22.80 38.09
C CYS E 37 -17.40 23.21 39.56
N ASP E 38 -18.08 22.38 40.34
CA ASP E 38 -18.33 22.69 41.74
C ASP E 38 -17.03 22.90 42.49
N SER E 39 -16.10 21.95 42.35
CA SER E 39 -14.79 22.02 42.98
C SER E 39 -13.85 21.14 42.17
N TYR E 40 -12.57 21.18 42.50
CA TYR E 40 -11.60 20.38 41.77
C TYR E 40 -10.36 20.12 42.61
N VAL E 41 -9.53 19.20 42.14
CA VAL E 41 -8.28 18.86 42.80
C VAL E 41 -7.21 18.70 41.71
N ASP E 42 -6.25 19.61 41.69
CA ASP E 42 -5.19 19.51 40.69
C ASP E 42 -4.36 18.27 41.03
N LEU E 43 -4.07 17.46 40.02
CA LEU E 43 -3.31 16.25 40.26
C LEU E 43 -1.87 16.36 39.77
N ALA E 44 -1.71 16.81 38.52
CA ALA E 44 -0.37 16.94 37.97
C ALA E 44 -0.36 17.73 36.67
N TYR E 45 0.83 18.16 36.27
CA TYR E 45 1.03 18.91 35.04
C TYR E 45 2.42 18.58 34.54
N ASN E 46 2.50 17.66 33.58
CA ASN E 46 3.78 17.25 33.01
C ASN E 46 3.73 17.45 31.51
N ARG E 47 4.76 18.08 30.95
CA ARG E 47 4.79 18.35 29.51
C ARG E 47 3.47 19.05 29.17
N GLU E 48 2.78 18.62 28.12
CA GLU E 48 1.52 19.26 27.77
C GLU E 48 0.33 18.55 28.40
N TYR E 49 0.60 17.62 29.30
CA TYR E 49 -0.45 16.85 29.95
C TYR E 49 -0.82 17.35 31.35
N LYS E 50 -1.91 18.10 31.46
CA LYS E 50 -2.37 18.59 32.75
C LYS E 50 -3.60 17.78 33.17
N SER E 51 -3.58 17.28 34.40
CA SER E 51 -4.68 16.49 34.95
C SER E 51 -5.26 17.13 36.19
N VAL E 52 -6.58 17.26 36.20
CA VAL E 52 -7.32 17.83 37.33
C VAL E 52 -8.58 16.98 37.56
N GLU E 53 -8.86 16.65 38.81
CA GLU E 53 -10.08 15.88 39.11
C GLU E 53 -11.20 16.89 39.27
N CYS E 54 -12.26 16.71 38.51
CA CYS E 54 -13.39 17.63 38.57
C CYS E 54 -14.56 17.05 39.35
N HIS E 55 -15.28 17.92 40.04
CA HIS E 55 -16.46 17.54 40.81
C HIS E 55 -17.60 18.33 40.21
N TYR E 56 -18.59 17.62 39.67
CA TYR E 56 -19.69 18.31 39.02
C TYR E 56 -20.97 17.52 39.15
N LYS E 57 -22.05 18.22 39.48
CA LYS E 57 -23.37 17.63 39.65
C LYS E 57 -23.35 16.31 40.43
N GLY E 58 -22.58 16.31 41.52
CA GLY E 58 -22.50 15.14 42.37
C GLY E 58 -21.56 14.02 41.93
N GLN E 59 -20.85 14.24 40.83
CA GLN E 59 -19.94 13.20 40.33
C GLN E 59 -18.50 13.66 40.26
N LYS E 60 -17.58 12.70 40.11
CA LYS E 60 -16.17 12.98 40.01
C LYS E 60 -15.61 12.34 38.74
N PHE E 61 -14.85 13.12 37.98
CA PHE E 61 -14.22 12.64 36.77
C PHE E 61 -13.02 13.54 36.45
N LEU E 62 -11.99 12.97 35.84
CA LEU E 62 -10.80 13.75 35.51
C LEU E 62 -10.96 14.53 34.21
N CYS E 63 -10.22 15.63 34.11
CA CYS E 63 -10.15 16.43 32.90
C CYS E 63 -8.65 16.40 32.66
N VAL E 64 -8.25 15.94 31.48
CA VAL E 64 -6.83 15.83 31.13
C VAL E 64 -6.56 16.38 29.73
N SER E 65 -5.52 17.21 29.59
CA SER E 65 -5.18 17.75 28.27
C SER E 65 -4.29 16.72 27.57
N HIS E 66 -4.47 16.55 26.26
CA HIS E 66 -3.69 15.56 25.51
C HIS E 66 -2.70 16.13 24.50
N GLY E 67 -2.73 17.45 24.32
CA GLY E 67 -1.83 18.09 23.38
C GLY E 67 -2.26 17.98 21.92
N VAL E 68 -1.52 18.62 21.03
CA VAL E 68 -1.85 18.57 19.60
C VAL E 68 -1.25 17.36 18.88
N GLY E 69 -2.05 16.68 18.08
CA GLY E 69 -1.54 15.56 17.32
C GLY E 69 -1.81 14.18 17.86
N SER E 70 -2.03 13.24 16.94
CA SER E 70 -2.35 11.86 17.28
C SER E 70 -1.26 11.09 18.05
N ALA E 71 -0.01 11.24 17.64
CA ALA E 71 1.06 10.50 18.33
C ALA E 71 1.13 10.93 19.79
N GLY E 72 1.05 12.24 20.02
CA GLY E 72 1.10 12.74 21.38
C GLY E 72 -0.09 12.34 22.23
N CYS E 73 -1.30 12.44 21.67
CA CYS E 73 -2.48 12.08 22.45
C CYS E 73 -2.58 10.58 22.71
N ALA E 74 -1.97 9.77 21.85
CA ALA E 74 -2.01 8.32 22.03
C ALA E 74 -1.32 7.95 23.35
N VAL E 75 -0.26 8.68 23.66
CA VAL E 75 0.48 8.45 24.90
C VAL E 75 -0.47 8.64 26.07
N CYS E 76 -1.19 9.75 26.04
CA CYS E 76 -2.17 10.10 27.06
C CYS E 76 -3.30 9.07 27.11
N PHE E 77 -3.91 8.82 25.95
CA PHE E 77 -5.03 7.86 25.88
C PHE E 77 -4.64 6.46 26.35
N GLU E 78 -3.45 6.00 25.95
CA GLU E 78 -3.00 4.66 26.34
C GLU E 78 -2.81 4.54 27.85
N GLU E 79 -2.19 5.56 28.45
CA GLU E 79 -1.96 5.53 29.89
C GLU E 79 -3.30 5.51 30.65
N LEU E 80 -4.29 6.22 30.14
CA LEU E 80 -5.61 6.24 30.77
C LEU E 80 -6.34 4.91 30.58
N CYS E 81 -6.37 4.42 29.34
CA CYS E 81 -7.07 3.16 29.05
C CYS E 81 -6.49 1.92 29.70
N GLN E 82 -5.17 1.86 29.82
CA GLN E 82 -4.53 0.71 30.44
C GLN E 82 -4.53 0.83 31.96
N ASN E 83 -5.03 1.93 32.49
CA ASN E 83 -5.04 2.12 33.93
C ASN E 83 -6.36 2.43 34.60
N GLY E 84 -7.46 1.90 34.05
CA GLY E 84 -8.74 2.12 34.69
C GLY E 84 -9.82 2.92 34.03
N ALA E 85 -9.48 3.81 33.10
CA ALA E 85 -10.51 4.61 32.44
C ALA E 85 -11.51 3.68 31.75
N LYS E 86 -12.79 4.03 31.80
CA LYS E 86 -13.83 3.22 31.18
C LYS E 86 -14.56 4.05 30.12
N VAL E 87 -14.52 5.36 30.28
CA VAL E 87 -15.18 6.28 29.35
C VAL E 87 -14.27 7.49 29.13
N ILE E 88 -14.02 7.83 27.87
CA ILE E 88 -13.20 8.99 27.55
C ILE E 88 -13.89 9.84 26.49
N ILE E 89 -14.19 11.08 26.83
CA ILE E 89 -14.85 11.97 25.88
C ILE E 89 -13.91 13.10 25.49
N ARG E 90 -13.75 13.30 24.19
CA ARG E 90 -12.89 14.37 23.71
C ARG E 90 -13.74 15.58 23.39
N ALA E 91 -13.30 16.74 23.87
CA ALA E 91 -13.98 17.99 23.58
C ALA E 91 -12.88 18.90 23.07
N GLY E 92 -13.03 19.36 21.84
CA GLY E 92 -12.03 20.22 21.25
C GLY E 92 -12.63 21.07 20.16
N SER E 93 -11.76 21.63 19.32
CA SER E 93 -12.20 22.46 18.23
C SER E 93 -11.96 21.71 16.92
N CYS E 94 -12.54 22.20 15.83
CA CYS E 94 -12.39 21.56 14.53
C CYS E 94 -12.62 22.57 13.41
N GLY E 95 -12.45 22.12 12.17
CA GLY E 95 -12.68 22.96 11.02
C GLY E 95 -13.92 22.42 10.33
N SER E 96 -14.62 23.25 9.57
CA SER E 96 -15.82 22.78 8.88
C SER E 96 -15.45 22.24 7.50
N LEU E 97 -16.04 21.13 7.13
CA LEU E 97 -15.78 20.53 5.82
C LEU E 97 -17.01 20.76 4.95
N GLN E 98 -18.02 21.41 5.51
CA GLN E 98 -19.27 21.73 4.83
C GLN E 98 -19.57 23.18 5.19
N PRO E 99 -18.76 24.13 4.67
CA PRO E 99 -18.90 25.56 4.94
C PRO E 99 -20.24 26.22 4.61
N ASP E 100 -21.14 25.52 3.94
CA ASP E 100 -22.42 26.11 3.62
C ASP E 100 -23.47 25.69 4.64
N LEU E 101 -23.13 24.71 5.46
CA LEU E 101 -24.04 24.22 6.49
C LEU E 101 -23.45 24.36 7.89
N ILE E 102 -22.19 23.98 8.05
CA ILE E 102 -21.53 24.05 9.34
C ILE E 102 -20.61 25.27 9.37
N LYS E 103 -20.92 26.20 10.26
CA LYS E 103 -20.15 27.44 10.34
C LYS E 103 -19.48 27.70 11.68
N ARG E 104 -18.62 28.71 11.70
CA ARG E 104 -17.89 29.09 12.89
C ARG E 104 -18.79 29.10 14.12
N GLY E 105 -18.33 28.48 15.21
CA GLY E 105 -19.13 28.45 16.42
C GLY E 105 -20.08 27.29 16.55
N ASP E 106 -20.40 26.62 15.44
CA ASP E 106 -21.30 25.49 15.53
C ASP E 106 -20.65 24.35 16.29
N ILE E 107 -21.47 23.49 16.86
CA ILE E 107 -21.01 22.35 17.63
C ILE E 107 -21.35 21.06 16.91
N CYS E 108 -20.42 20.11 16.89
CA CYS E 108 -20.66 18.84 16.23
C CYS E 108 -20.30 17.66 17.12
N ILE E 109 -21.25 16.76 17.31
CA ILE E 109 -21.02 15.57 18.12
C ILE E 109 -20.72 14.47 17.11
N CYS E 110 -19.48 13.97 17.13
CA CYS E 110 -19.05 12.96 16.17
C CYS E 110 -19.16 11.53 16.65
N ASN E 111 -19.62 10.65 15.76
CA ASN E 111 -19.78 9.24 16.10
C ASN E 111 -18.72 8.33 15.47
N ALA E 112 -17.94 8.87 14.52
CA ALA E 112 -16.90 8.09 13.86
C ALA E 112 -15.86 9.03 13.24
N ALA E 113 -14.74 8.49 12.78
CA ALA E 113 -13.70 9.35 12.21
C ALA E 113 -12.86 8.70 11.12
N VAL E 114 -12.22 9.54 10.31
CA VAL E 114 -11.34 9.09 9.23
C VAL E 114 -9.96 8.93 9.86
N ARG E 115 -9.37 7.76 9.69
CA ARG E 115 -8.06 7.46 10.28
C ARG E 115 -6.87 7.99 9.50
N GLU E 116 -6.75 9.30 9.39
CA GLU E 116 -5.62 9.84 8.66
C GLU E 116 -4.46 10.16 9.61
N ASP E 117 -4.11 9.17 10.42
CA ASP E 117 -3.00 9.28 11.37
C ASP E 117 -2.09 8.10 11.02
N ARG E 118 -1.16 7.77 11.91
CA ARG E 118 -0.28 6.63 11.69
C ARG E 118 -0.41 5.67 12.87
N VAL E 119 -0.41 6.21 14.09
CA VAL E 119 -0.48 5.36 15.27
C VAL E 119 -1.63 4.34 15.26
N SER E 120 -2.83 4.75 14.85
CA SER E 120 -3.93 3.78 14.83
C SER E 120 -3.59 2.61 13.89
N HIS E 121 -2.85 2.92 12.82
CA HIS E 121 -2.45 1.88 11.86
C HIS E 121 -1.34 0.99 12.40
N LEU E 122 -0.56 1.50 13.34
CA LEU E 122 0.50 0.71 13.94
C LEU E 122 -0.12 -0.22 14.99
N LEU E 123 -1.39 0.02 15.32
CA LEU E 123 -2.13 -0.76 16.30
C LEU E 123 -3.08 -1.80 15.66
N ILE E 124 -3.67 -1.45 14.52
CA ILE E 124 -4.60 -2.37 13.86
C ILE E 124 -4.73 -2.00 12.39
N HIS E 125 -5.06 -2.98 11.56
CA HIS E 125 -5.18 -2.77 10.11
C HIS E 125 -6.07 -1.57 9.75
N GLY E 126 -5.78 -0.96 8.60
CA GLY E 126 -6.52 0.19 8.15
C GLY E 126 -8.01 -0.02 7.87
N ASP E 127 -8.40 -1.24 7.49
CA ASP E 127 -9.80 -1.52 7.21
C ASP E 127 -10.68 -1.40 8.45
N PHE E 128 -10.05 -1.44 9.63
CA PHE E 128 -10.79 -1.34 10.89
C PHE E 128 -11.39 0.07 11.05
N PRO E 129 -12.63 0.15 11.53
CA PRO E 129 -13.26 1.45 11.68
C PRO E 129 -12.93 2.22 12.97
N ALA E 130 -12.89 3.55 12.85
CA ALA E 130 -12.68 4.42 14.00
C ALA E 130 -14.10 4.87 14.32
N VAL E 131 -14.70 4.26 15.33
CA VAL E 131 -16.07 4.59 15.69
C VAL E 131 -16.23 4.73 17.19
N GLY E 132 -17.08 5.66 17.62
CA GLY E 132 -17.30 5.88 19.03
C GLY E 132 -18.38 4.99 19.61
N ASP E 133 -18.52 5.03 20.92
CA ASP E 133 -19.52 4.24 21.61
C ASP E 133 -20.89 4.94 21.50
N PHE E 134 -21.95 4.17 21.25
CA PHE E 134 -23.28 4.75 21.12
C PHE E 134 -23.82 5.40 22.40
N ASP E 135 -23.61 4.73 23.53
CA ASP E 135 -24.06 5.25 24.81
C ASP E 135 -23.53 6.67 25.02
N VAL E 136 -22.24 6.84 24.76
CA VAL E 136 -21.59 8.14 24.91
C VAL E 136 -22.16 9.15 23.93
N TYR E 137 -22.28 8.73 22.67
CA TYR E 137 -22.82 9.57 21.62
C TYR E 137 -24.24 10.02 21.98
N ASP E 138 -25.04 9.06 22.42
CA ASP E 138 -26.43 9.31 22.79
C ASP E 138 -26.49 10.25 24.00
N THR E 139 -25.64 10.01 24.99
CA THR E 139 -25.62 10.85 26.19
C THR E 139 -25.30 12.30 25.81
N LEU E 140 -24.28 12.49 24.98
CA LEU E 140 -23.90 13.82 24.54
C LEU E 140 -25.04 14.53 23.84
N ASN E 141 -25.77 13.81 22.99
CA ASN E 141 -26.88 14.42 22.27
C ASN E 141 -28.02 14.78 23.21
N LYS E 142 -28.32 13.90 24.15
CA LYS E 142 -29.39 14.17 25.09
C LYS E 142 -29.08 15.37 25.98
N CYS E 143 -27.81 15.55 26.32
CA CYS E 143 -27.42 16.68 27.14
C CYS E 143 -27.58 17.97 26.34
N ALA E 144 -27.20 17.94 25.06
CA ALA E 144 -27.33 19.11 24.21
C ALA E 144 -28.82 19.45 24.11
N GLN E 145 -29.65 18.41 24.02
CA GLN E 145 -31.09 18.58 23.93
C GLN E 145 -31.63 19.29 25.18
N GLU E 146 -31.31 18.73 26.34
CA GLU E 146 -31.76 19.30 27.61
C GLU E 146 -31.41 20.78 27.74
N LEU E 147 -30.24 21.16 27.23
CA LEU E 147 -29.79 22.54 27.30
C LEU E 147 -30.24 23.38 26.12
N ASN E 148 -31.10 22.81 25.29
CA ASN E 148 -31.61 23.50 24.11
C ASN E 148 -30.46 24.03 23.26
N VAL E 149 -29.44 23.20 23.09
CA VAL E 149 -28.28 23.55 22.29
C VAL E 149 -28.29 22.77 20.99
N PRO E 150 -28.52 23.46 19.86
CA PRO E 150 -28.54 22.76 18.58
C PRO E 150 -27.14 22.27 18.23
N VAL E 151 -27.06 21.06 17.70
CA VAL E 151 -25.77 20.50 17.32
C VAL E 151 -25.88 19.67 16.05
N PHE E 152 -24.75 19.52 15.36
CA PHE E 152 -24.69 18.70 14.16
C PHE E 152 -24.10 17.37 14.61
N ASN E 153 -24.29 16.35 13.77
CA ASN E 153 -23.75 15.04 14.05
C ASN E 153 -23.12 14.58 12.75
N GLY E 154 -21.98 13.90 12.86
CA GLY E 154 -21.32 13.45 11.65
C GLY E 154 -19.96 12.83 11.90
N ILE E 155 -19.27 12.59 10.80
CA ILE E 155 -17.94 11.99 10.82
C ILE E 155 -16.89 13.08 10.78
N SER E 156 -15.83 12.90 11.55
CA SER E 156 -14.75 13.86 11.57
C SER E 156 -13.54 13.27 10.86
N VAL E 157 -12.82 14.10 10.11
CA VAL E 157 -11.62 13.65 9.46
C VAL E 157 -10.51 13.96 10.47
N SER E 158 -9.82 12.92 10.96
CA SER E 158 -8.72 13.13 11.90
C SER E 158 -7.46 13.03 11.08
N SER E 159 -6.90 14.18 10.72
CA SER E 159 -5.70 14.23 9.88
C SER E 159 -4.48 14.79 10.61
N ASP E 160 -3.34 14.12 10.43
CA ASP E 160 -2.09 14.54 11.05
C ASP E 160 -1.47 15.75 10.40
N MET E 161 -2.05 16.22 9.29
CA MET E 161 -1.51 17.38 8.60
C MET E 161 -2.39 18.61 8.78
N TYR E 162 -1.85 19.63 9.42
CA TYR E 162 -2.58 20.86 9.66
C TYR E 162 -2.27 21.86 8.55
N TYR E 163 -0.99 21.95 8.19
CA TYR E 163 -0.53 22.85 7.14
C TYR E 163 -0.12 22.02 5.92
N PRO E 164 -0.98 21.96 4.90
CA PRO E 164 -0.68 21.19 3.68
C PRO E 164 0.33 21.87 2.77
N ASN E 165 0.89 21.10 1.82
CA ASN E 165 1.84 21.66 0.87
C ASN E 165 1.29 21.49 -0.54
N LYS E 166 2.04 21.93 -1.54
CA LYS E 166 1.58 21.87 -2.93
C LYS E 166 2.02 20.67 -3.75
N ILE E 167 2.63 19.67 -3.11
CA ILE E 167 3.09 18.50 -3.85
C ILE E 167 2.09 17.36 -3.84
N ILE E 168 1.67 16.93 -2.66
CA ILE E 168 0.71 15.85 -2.50
C ILE E 168 -0.63 16.47 -2.14
N PRO E 169 -1.65 16.25 -2.98
CA PRO E 169 -2.98 16.81 -2.69
C PRO E 169 -3.62 16.35 -1.38
N SER E 170 -4.26 17.30 -0.71
CA SER E 170 -4.95 17.05 0.54
C SER E 170 -6.20 16.26 0.20
N ARG E 171 -6.60 15.33 1.06
CA ARG E 171 -7.81 14.54 0.81
C ARG E 171 -9.06 15.17 1.41
N LEU E 172 -8.93 16.39 1.94
CA LEU E 172 -10.09 17.05 2.57
C LEU E 172 -11.29 17.25 1.65
N GLU E 173 -11.03 17.70 0.41
CA GLU E 173 -12.13 17.90 -0.54
C GLU E 173 -12.82 16.55 -0.75
N ASP E 174 -12.01 15.50 -0.93
CA ASP E 174 -12.54 14.16 -1.11
C ASP E 174 -13.49 13.78 0.03
N TYR E 175 -13.04 14.01 1.26
CA TYR E 175 -13.85 13.68 2.42
C TYR E 175 -15.07 14.58 2.57
N SER E 176 -14.95 15.82 2.11
CA SER E 176 -16.09 16.73 2.15
C SER E 176 -17.15 16.10 1.24
N LYS E 177 -16.73 15.73 0.03
CA LYS E 177 -17.65 15.10 -0.91
C LYS E 177 -18.25 13.82 -0.35
N ALA E 178 -17.47 13.07 0.45
CA ALA E 178 -17.94 11.82 1.04
C ALA E 178 -18.85 12.07 2.24
N ASN E 179 -19.16 13.34 2.49
CA ASN E 179 -20.05 13.76 3.57
C ASN E 179 -19.47 13.74 4.98
N ALA E 180 -18.15 13.90 5.09
CA ALA E 180 -17.52 13.97 6.39
C ALA E 180 -17.94 15.37 6.86
N ALA E 181 -18.22 15.54 8.15
CA ALA E 181 -18.67 16.83 8.66
C ALA E 181 -17.60 17.86 9.00
N VAL E 182 -16.62 17.46 9.80
CA VAL E 182 -15.58 18.37 10.21
C VAL E 182 -14.20 17.72 10.17
N VAL E 183 -13.18 18.51 10.49
CA VAL E 183 -11.82 18.00 10.51
C VAL E 183 -11.04 18.46 11.75
N GLU E 184 -10.33 17.52 12.36
CA GLU E 184 -9.50 17.83 13.52
C GLU E 184 -8.31 16.87 13.54
N MET E 185 -7.69 16.66 14.70
CA MET E 185 -6.49 15.86 14.72
C MET E 185 -6.33 14.71 15.71
N GLU E 186 -7.35 14.40 16.50
CA GLU E 186 -7.18 13.36 17.51
C GLU E 186 -8.30 12.33 17.72
N LEU E 187 -9.50 12.62 17.26
CA LEU E 187 -10.62 11.73 17.49
C LEU E 187 -10.48 10.28 17.02
N ALA E 188 -10.02 10.09 15.78
CA ALA E 188 -9.88 8.74 15.27
C ALA E 188 -8.95 7.91 16.16
N THR E 189 -7.85 8.52 16.61
CA THR E 189 -6.89 7.83 17.44
C THR E 189 -7.53 7.40 18.77
N LEU E 190 -8.31 8.30 19.37
CA LEU E 190 -9.01 8.01 20.63
C LEU E 190 -9.96 6.84 20.40
N MET E 191 -10.75 6.93 19.33
CA MET E 191 -11.70 5.88 19.03
C MET E 191 -11.09 4.50 18.89
N VAL E 192 -10.09 4.37 18.02
CA VAL E 192 -9.46 3.08 17.79
C VAL E 192 -8.83 2.52 19.06
N ILE E 193 -8.12 3.38 19.81
CA ILE E 193 -7.48 2.91 21.04
C ILE E 193 -8.53 2.44 22.03
N GLY E 194 -9.66 3.15 22.10
CA GLY E 194 -10.72 2.75 23.01
C GLY E 194 -11.34 1.41 22.63
N THR E 195 -11.62 1.22 21.35
CA THR E 195 -12.20 -0.04 20.88
C THR E 195 -11.27 -1.20 21.24
N LEU E 196 -9.97 -0.99 21.03
CA LEU E 196 -8.98 -2.03 21.30
C LEU E 196 -8.82 -2.33 22.80
N ARG E 197 -8.94 -1.29 23.62
CA ARG E 197 -8.76 -1.41 25.07
C ARG E 197 -10.07 -1.56 25.83
N LYS E 198 -11.19 -1.69 25.11
CA LYS E 198 -12.50 -1.82 25.72
C LYS E 198 -12.88 -0.60 26.54
N VAL E 199 -12.67 0.58 25.99
CA VAL E 199 -13.02 1.82 26.67
C VAL E 199 -14.02 2.55 25.78
N LYS E 200 -15.08 3.08 26.37
CA LYS E 200 -16.10 3.80 25.60
C LYS E 200 -15.67 5.22 25.31
N THR E 201 -15.75 5.63 24.03
CA THR E 201 -15.31 6.97 23.66
C THR E 201 -16.36 7.79 22.91
N GLY E 202 -16.11 9.09 22.89
CA GLY E 202 -16.99 10.02 22.21
C GLY E 202 -16.26 11.31 21.92
N GLY E 203 -16.91 12.19 21.16
CA GLY E 203 -16.30 13.46 20.84
C GLY E 203 -17.31 14.55 20.54
N ILE E 204 -17.03 15.75 21.02
CA ILE E 204 -17.89 16.89 20.79
C ILE E 204 -16.89 17.99 20.44
N LEU E 205 -17.15 18.70 19.34
CA LEU E 205 -16.25 19.71 18.84
C LEU E 205 -16.91 21.01 18.43
N ILE E 206 -16.18 22.11 18.56
CA ILE E 206 -16.71 23.42 18.17
C ILE E 206 -15.89 23.90 16.98
N VAL E 207 -16.59 24.35 15.94
CA VAL E 207 -15.95 24.83 14.73
C VAL E 207 -15.28 26.18 14.94
N ASP E 208 -14.01 26.28 14.54
CA ASP E 208 -13.28 27.54 14.71
C ASP E 208 -12.76 28.03 13.36
N GLY E 209 -13.32 27.48 12.27
CA GLY E 209 -12.89 27.90 10.94
C GLY E 209 -13.13 26.85 9.88
N CYS E 210 -12.66 27.13 8.66
CA CYS E 210 -12.80 26.21 7.54
C CYS E 210 -11.48 26.15 6.77
N PRO E 211 -10.90 24.95 6.65
CA PRO E 211 -9.63 24.78 5.94
C PRO E 211 -9.68 25.21 4.47
N PHE E 212 -10.87 25.14 3.86
CA PHE E 212 -11.04 25.52 2.46
C PHE E 212 -11.00 27.04 2.29
N LYS E 213 -11.15 27.77 3.39
CA LYS E 213 -11.16 29.23 3.33
C LYS E 213 -10.14 29.93 4.22
N TRP E 214 -9.11 29.20 4.67
CA TRP E 214 -8.09 29.80 5.52
C TRP E 214 -7.49 31.05 4.91
N ASP E 215 -7.14 30.95 3.62
CA ASP E 215 -6.53 32.07 2.91
C ASP E 215 -7.38 33.34 2.90
N GLU E 216 -8.71 33.18 2.87
CA GLU E 216 -9.59 34.35 2.87
C GLU E 216 -9.87 34.80 4.30
N GLY E 217 -9.02 34.36 5.23
CA GLY E 217 -9.16 34.73 6.63
C GLY E 217 -10.26 34.00 7.39
N ASP E 218 -10.58 32.78 6.98
CA ASP E 218 -11.64 32.01 7.64
C ASP E 218 -11.13 31.23 8.85
N PHE E 219 -10.47 31.92 9.78
CA PHE E 219 -9.96 31.27 10.97
C PHE E 219 -10.33 32.06 12.22
N ASP E 220 -10.73 31.34 13.27
CA ASP E 220 -11.13 31.93 14.53
C ASP E 220 -9.98 31.90 15.53
N ASN E 221 -9.36 33.06 15.77
CA ASN E 221 -8.26 33.13 16.73
C ASN E 221 -8.78 32.73 18.10
N ASN E 222 -10.05 33.03 18.35
CA ASN E 222 -10.70 32.70 19.61
C ASN E 222 -12.08 32.12 19.34
N LEU E 223 -12.40 31.04 20.05
CA LEU E 223 -13.69 30.37 19.90
C LEU E 223 -14.82 31.28 20.32
N VAL E 224 -15.98 31.14 19.67
CA VAL E 224 -17.15 31.94 20.00
C VAL E 224 -17.51 31.71 21.47
N PRO E 225 -17.42 32.75 22.30
CA PRO E 225 -17.71 32.72 23.74
C PRO E 225 -18.91 31.90 24.19
N HIS E 226 -20.12 32.35 23.86
CA HIS E 226 -21.34 31.66 24.27
C HIS E 226 -21.47 30.24 23.75
N GLN E 227 -20.90 29.98 22.57
CA GLN E 227 -20.98 28.64 21.99
C GLN E 227 -20.03 27.68 22.72
N LEU E 228 -18.83 28.16 23.00
CA LEU E 228 -17.84 27.35 23.70
C LEU E 228 -18.39 27.00 25.07
N GLU E 229 -19.00 27.98 25.72
CA GLU E 229 -19.59 27.81 27.03
C GLU E 229 -20.64 26.70 27.00
N ASN E 230 -21.50 26.73 25.99
CA ASN E 230 -22.55 25.71 25.84
C ASN E 230 -21.99 24.31 25.63
N MET E 231 -20.98 24.18 24.78
CA MET E 231 -20.40 22.89 24.50
C MET E 231 -19.76 22.31 25.75
N ILE E 232 -19.09 23.16 26.53
CA ILE E 232 -18.46 22.73 27.76
C ILE E 232 -19.52 22.22 28.71
N LYS E 233 -20.65 22.92 28.79
CA LYS E 233 -21.75 22.49 29.67
C LYS E 233 -22.25 21.12 29.22
N ILE E 234 -22.37 20.93 27.90
CA ILE E 234 -22.83 19.66 27.36
C ILE E 234 -21.86 18.55 27.75
N ALA E 235 -20.57 18.78 27.51
CA ALA E 235 -19.55 17.80 27.82
C ALA E 235 -19.48 17.48 29.32
N LEU E 236 -19.55 18.52 30.15
CA LEU E 236 -19.50 18.31 31.59
C LEU E 236 -20.75 17.56 32.03
N GLY E 237 -21.89 17.91 31.45
CA GLY E 237 -23.12 17.24 31.80
C GLY E 237 -23.09 15.78 31.40
N ALA E 238 -22.54 15.48 30.22
CA ALA E 238 -22.46 14.11 29.75
C ALA E 238 -21.56 13.29 30.67
N CYS E 239 -20.40 13.84 30.98
CA CYS E 239 -19.47 13.15 31.87
C CYS E 239 -20.11 12.76 33.20
N ALA E 240 -20.84 13.70 33.80
CA ALA E 240 -21.50 13.43 35.09
C ALA E 240 -22.51 12.30 34.96
N LYS E 241 -23.33 12.35 33.91
CA LYS E 241 -24.31 11.30 33.69
C LYS E 241 -23.64 9.94 33.54
N LEU E 242 -22.62 9.87 32.69
CA LEU E 242 -21.90 8.62 32.49
C LEU E 242 -21.20 8.18 33.78
N ALA E 243 -20.72 9.15 34.56
CA ALA E 243 -20.02 8.82 35.81
C ALA E 243 -20.91 8.09 36.82
N THR E 244 -22.18 8.47 36.88
CA THR E 244 -23.11 7.85 37.82
C THR E 244 -23.23 6.34 37.60
N LYS E 245 -23.04 5.92 36.36
CA LYS E 245 -23.12 4.50 36.04
C LYS E 245 -22.01 3.71 36.69
N TYR E 246 -20.95 4.41 37.12
CA TYR E 246 -19.83 3.73 37.76
C TYR E 246 -19.69 4.08 39.24
N ALA E 247 -20.50 5.02 39.72
CA ALA E 247 -20.47 5.42 41.11
C ALA E 247 -20.93 4.27 42.02
N ASN F 5 1.70 40.91 13.55
CA ASN F 5 1.09 39.60 13.20
C ASN F 5 1.81 38.50 13.97
N LEU F 6 1.04 37.60 14.59
CA LEU F 6 1.63 36.51 15.34
C LEU F 6 1.31 35.18 14.66
N LEU F 7 2.26 34.24 14.72
CA LEU F 7 2.05 32.93 14.13
C LEU F 7 0.84 32.34 14.84
N ARG F 8 0.02 31.59 14.12
CA ARG F 8 -1.19 31.00 14.69
C ARG F 8 -1.05 30.33 16.04
N HIS F 9 -0.17 29.35 16.14
CA HIS F 9 -0.04 28.62 17.38
C HIS F 9 1.20 28.86 18.25
N LEU F 10 2.26 29.43 17.67
CA LEU F 10 3.45 29.72 18.44
C LEU F 10 3.25 31.08 19.14
N LYS F 11 2.34 31.88 18.60
CA LYS F 11 2.00 33.18 19.16
C LYS F 11 3.15 34.20 19.21
N ILE F 12 4.07 34.10 18.26
CA ILE F 12 5.18 35.03 18.17
C ILE F 12 5.09 35.64 16.77
N SER F 13 5.72 36.80 16.58
CA SER F 13 5.67 37.44 15.27
C SER F 13 6.81 36.90 14.41
N LYS F 14 6.71 37.10 13.11
CA LYS F 14 7.76 36.63 12.21
C LYS F 14 9.07 37.32 12.55
N GLU F 15 8.98 38.57 12.97
CA GLU F 15 10.16 39.36 13.32
C GLU F 15 10.92 38.83 14.52
N GLN F 16 10.24 38.04 15.37
CA GLN F 16 10.88 37.48 16.57
C GLN F 16 11.62 36.17 16.28
N ILE F 17 11.42 35.65 15.07
CA ILE F 17 12.06 34.40 14.69
C ILE F 17 13.48 34.64 14.21
N THR F 18 14.42 33.93 14.84
CA THR F 18 15.83 34.05 14.50
C THR F 18 16.17 33.01 13.44
N PRO F 19 17.25 33.21 12.68
CA PRO F 19 17.64 32.26 11.65
C PRO F 19 17.89 30.85 12.19
N VAL F 20 18.38 30.77 13.42
CA VAL F 20 18.63 29.48 14.04
C VAL F 20 17.68 29.23 15.19
N VAL F 21 17.12 28.03 15.23
CA VAL F 21 16.18 27.67 16.28
C VAL F 21 16.48 26.30 16.90
N LEU F 22 16.50 26.26 18.22
CA LEU F 22 16.73 25.03 18.96
C LEU F 22 15.36 24.55 19.42
N VAL F 23 14.96 23.35 19.03
CA VAL F 23 13.66 22.82 19.44
C VAL F 23 13.77 21.61 20.35
N VAL F 24 12.88 21.56 21.34
CA VAL F 24 12.85 20.48 22.31
C VAL F 24 11.40 20.05 22.48
N GLY F 25 11.16 18.86 22.98
CA GLY F 25 9.79 18.40 23.13
C GLY F 25 9.00 18.98 24.30
N ASP F 26 9.62 18.99 25.47
CA ASP F 26 8.98 19.46 26.69
C ASP F 26 9.12 20.97 26.95
N PRO F 27 7.99 21.67 27.07
CA PRO F 27 8.00 23.11 27.32
C PRO F 27 8.74 23.40 28.62
N GLY F 28 8.71 22.43 29.54
CA GLY F 28 9.39 22.58 30.81
C GLY F 28 10.89 22.62 30.56
N ARG F 29 11.33 21.91 29.54
CA ARG F 29 12.76 21.87 29.21
C ARG F 29 13.27 23.22 28.70
N VAL F 30 12.39 23.99 28.06
CA VAL F 30 12.78 25.30 27.55
C VAL F 30 13.28 26.16 28.70
N ASP F 31 12.52 26.19 29.79
CA ASP F 31 12.88 26.99 30.95
C ASP F 31 14.21 26.55 31.56
N LYS F 32 14.47 25.25 31.59
CA LYS F 32 15.72 24.77 32.16
C LYS F 32 16.91 25.15 31.28
N ILE F 33 16.65 25.35 29.99
CA ILE F 33 17.70 25.72 29.05
C ILE F 33 18.03 27.21 29.10
N LYS F 34 17.01 28.07 29.08
CA LYS F 34 17.23 29.50 29.08
C LYS F 34 18.11 29.99 30.23
N VAL F 35 17.95 29.40 31.41
CA VAL F 35 18.75 29.81 32.57
C VAL F 35 20.22 29.43 32.41
N VAL F 36 20.50 28.45 31.56
CA VAL F 36 21.87 28.01 31.31
C VAL F 36 22.56 28.93 30.29
N CYS F 37 21.77 29.80 29.66
CA CYS F 37 22.33 30.73 28.67
C CYS F 37 22.78 32.01 29.38
N ASP F 38 23.49 32.87 28.66
CA ASP F 38 23.98 34.13 29.26
C ASP F 38 22.79 34.98 29.72
N SER F 39 21.78 35.09 28.86
CA SER F 39 20.57 35.85 29.17
C SER F 39 19.47 35.38 28.22
N TYR F 40 18.22 35.73 28.53
CA TYR F 40 17.11 35.30 27.70
C TYR F 40 15.93 36.26 27.77
N VAL F 41 14.97 36.04 26.89
CA VAL F 41 13.76 36.85 26.83
C VAL F 41 12.60 35.92 26.49
N ASP F 42 11.60 35.84 27.37
CA ASP F 42 10.46 34.99 27.11
C ASP F 42 9.60 35.66 26.04
N LEU F 43 9.24 34.89 25.00
CA LEU F 43 8.41 35.42 23.92
C LEU F 43 6.94 35.06 24.13
N ALA F 44 6.64 33.78 24.27
CA ALA F 44 5.27 33.35 24.44
C ALA F 44 5.16 31.91 24.91
N TYR F 45 3.96 31.55 25.34
CA TYR F 45 3.66 30.21 25.82
C TYR F 45 2.20 29.90 25.50
N ASN F 46 1.97 29.16 24.43
CA ASN F 46 0.63 28.80 24.01
C ASN F 46 0.56 27.29 23.86
N ARG F 47 -0.46 26.67 24.46
CA ARG F 47 -0.59 25.22 24.40
C ARG F 47 0.71 24.62 24.90
N GLU F 48 1.31 23.71 24.14
CA GLU F 48 2.57 23.11 24.58
C GLU F 48 3.76 23.77 23.92
N TYR F 49 3.52 24.89 23.24
CA TYR F 49 4.58 25.60 22.54
C TYR F 49 5.08 26.81 23.33
N LYS F 50 6.28 26.70 23.90
CA LYS F 50 6.87 27.81 24.65
C LYS F 50 8.06 28.33 23.88
N SER F 51 8.08 29.65 23.65
CA SER F 51 9.16 30.28 22.91
C SER F 51 9.96 31.25 23.77
N VAL F 52 11.29 31.16 23.64
CA VAL F 52 12.21 32.01 24.38
C VAL F 52 13.42 32.36 23.53
N GLU F 53 13.79 33.64 23.51
CA GLU F 53 14.96 34.06 22.75
C GLU F 53 16.18 33.86 23.64
N CYS F 54 17.11 33.03 23.19
CA CYS F 54 18.31 32.75 23.96
C CYS F 54 19.53 33.55 23.51
N HIS F 55 20.34 33.95 24.48
CA HIS F 55 21.56 34.70 24.20
C HIS F 55 22.69 33.83 24.74
N TYR F 56 23.57 33.39 23.86
CA TYR F 56 24.66 32.51 24.25
C TYR F 56 25.91 32.78 23.44
N LYS F 57 27.05 32.87 24.11
CA LYS F 57 28.33 33.13 23.46
C LYS F 57 28.21 34.27 22.45
N GLY F 58 27.56 35.35 22.89
CA GLY F 58 27.40 36.51 22.04
C GLY F 58 26.63 36.17 20.77
N GLN F 59 25.67 35.27 20.89
CA GLN F 59 24.87 34.86 19.75
C GLN F 59 23.40 34.87 20.13
N LYS F 60 22.53 34.94 19.13
CA LYS F 60 21.10 34.97 19.40
C LYS F 60 20.34 33.88 18.66
N PHE F 61 19.51 33.15 19.39
CA PHE F 61 18.69 32.10 18.79
C PHE F 61 17.55 31.69 19.71
N LEU F 62 16.45 31.26 19.11
CA LEU F 62 15.29 30.86 19.90
C LEU F 62 15.33 29.41 20.36
N CYS F 63 14.59 29.15 21.43
CA CYS F 63 14.44 27.80 21.96
C CYS F 63 12.93 27.64 22.03
N VAL F 64 12.40 26.70 21.25
CA VAL F 64 10.96 26.48 21.21
C VAL F 64 10.61 25.03 21.48
N SER F 65 9.56 24.81 22.28
CA SER F 65 9.14 23.44 22.59
C SER F 65 8.13 23.04 21.50
N HIS F 66 8.18 21.79 21.06
CA HIS F 66 7.29 21.34 19.98
C HIS F 66 6.26 20.30 20.38
N GLY F 67 6.33 19.85 21.63
CA GLY F 67 5.39 18.86 22.13
C GLY F 67 5.71 17.43 21.74
N VAL F 68 4.92 16.50 22.26
CA VAL F 68 5.10 15.08 21.95
C VAL F 68 4.36 14.69 20.66
N GLY F 69 5.06 14.08 19.70
CA GLY F 69 4.38 13.64 18.49
C GLY F 69 4.61 14.36 17.18
N SER F 70 4.66 13.59 16.10
CA SER F 70 4.90 14.14 14.75
C SER F 70 3.86 15.15 14.27
N ALA F 71 2.58 14.89 14.51
CA ALA F 71 1.54 15.82 14.06
C ALA F 71 1.63 17.13 14.82
N GLY F 72 1.87 17.03 16.13
CA GLY F 72 1.98 18.23 16.94
C GLY F 72 3.21 19.05 16.63
N CYS F 73 4.37 18.39 16.47
CA CYS F 73 5.59 19.14 16.18
C CYS F 73 5.61 19.70 14.77
N ALA F 74 4.87 19.07 13.85
CA ALA F 74 4.82 19.56 12.47
C ALA F 74 4.21 20.96 12.44
N VAL F 75 3.24 21.21 13.31
CA VAL F 75 2.60 22.52 13.37
C VAL F 75 3.65 23.56 13.74
N CYS F 76 4.44 23.24 14.75
CA CYS F 76 5.50 24.11 15.22
C CYS F 76 6.56 24.32 14.13
N PHE F 77 7.01 23.23 13.55
CA PHE F 77 8.03 23.27 12.52
C PHE F 77 7.63 24.07 11.28
N GLU F 78 6.40 23.90 10.82
CA GLU F 78 5.92 24.62 9.65
C GLU F 78 5.87 26.13 9.90
N GLU F 79 5.41 26.52 11.09
CA GLU F 79 5.32 27.93 11.41
C GLU F 79 6.71 28.56 11.46
N LEU F 80 7.70 27.80 11.93
CA LEU F 80 9.06 28.30 11.99
C LEU F 80 9.67 28.38 10.59
N CYS F 81 9.55 27.29 9.82
CA CYS F 81 10.10 27.22 8.47
C CYS F 81 9.48 28.23 7.51
N GLN F 82 8.16 28.39 7.58
CA GLN F 82 7.47 29.32 6.71
C GLN F 82 7.59 30.79 7.15
N ASN F 83 8.35 31.04 8.21
CA ASN F 83 8.49 32.41 8.70
C ASN F 83 9.90 32.88 9.05
N GLY F 84 10.90 32.39 8.34
CA GLY F 84 12.26 32.85 8.59
C GLY F 84 13.33 31.92 9.13
N ALA F 85 12.94 30.79 9.72
CA ALA F 85 13.94 29.89 10.27
C ALA F 85 14.77 29.32 9.13
N LYS F 86 16.08 29.28 9.33
CA LYS F 86 16.99 28.75 8.32
C LYS F 86 17.65 27.47 8.80
N VAL F 87 17.71 27.33 10.13
CA VAL F 87 18.30 26.16 10.76
C VAL F 87 17.49 25.77 11.98
N ILE F 88 17.19 24.48 12.10
CA ILE F 88 16.45 23.98 13.25
C ILE F 88 17.13 22.71 13.76
N ILE F 89 17.52 22.73 15.03
CA ILE F 89 18.19 21.60 15.65
C ILE F 89 17.29 21.05 16.75
N ARG F 90 16.94 19.78 16.65
CA ARG F 90 16.12 19.17 17.69
C ARG F 90 17.03 18.52 18.71
N ALA F 91 16.74 18.78 19.97
CA ALA F 91 17.50 18.18 21.05
C ALA F 91 16.44 17.54 21.92
N GLY F 92 16.55 16.22 22.10
CA GLY F 92 15.56 15.52 22.89
C GLY F 92 16.08 14.20 23.43
N SER F 93 15.18 13.39 23.96
CA SER F 93 15.54 12.08 24.50
C SER F 93 15.14 11.04 23.48
N CYS F 94 15.62 9.82 23.68
CA CYS F 94 15.32 8.73 22.76
C CYS F 94 15.58 7.41 23.46
N GLY F 95 15.20 6.32 22.81
CA GLY F 95 15.42 5.01 23.36
C GLY F 95 16.48 4.35 22.53
N SER F 96 17.25 3.44 23.10
CA SER F 96 18.30 2.76 22.35
C SER F 96 17.75 1.54 21.64
N LEU F 97 18.17 1.36 20.40
CA LEU F 97 17.76 0.18 19.62
C LEU F 97 18.97 -0.74 19.48
N GLN F 98 20.06 -0.37 20.15
CA GLN F 98 21.30 -1.16 20.13
C GLN F 98 21.75 -1.28 21.60
N PRO F 99 20.98 -1.98 22.43
CA PRO F 99 21.28 -2.18 23.86
C PRO F 99 22.66 -2.74 24.21
N ASP F 100 23.32 -3.34 23.22
CA ASP F 100 24.66 -3.91 23.45
C ASP F 100 25.75 -2.84 23.32
N LEU F 101 25.38 -1.68 22.79
CA LEU F 101 26.36 -0.61 22.59
C LEU F 101 25.93 0.74 23.14
N ILE F 102 24.73 1.18 22.77
CA ILE F 102 24.22 2.46 23.23
C ILE F 102 23.35 2.29 24.47
N LYS F 103 23.87 2.79 25.60
CA LYS F 103 23.18 2.69 26.87
C LYS F 103 22.58 4.02 27.33
N ARG F 104 21.88 3.97 28.46
CA ARG F 104 21.25 5.15 29.03
C ARG F 104 22.28 6.25 29.29
N GLY F 105 21.90 7.48 28.97
CA GLY F 105 22.79 8.60 29.18
C GLY F 105 23.69 8.86 28.00
N ASP F 106 23.84 7.87 27.11
CA ASP F 106 24.68 8.06 25.94
C ASP F 106 24.02 9.07 25.01
N ILE F 107 24.85 9.80 24.25
CA ILE F 107 24.34 10.80 23.33
C ILE F 107 24.54 10.35 21.88
N CYS F 108 23.52 10.56 21.06
CA CYS F 108 23.60 10.20 19.64
C CYS F 108 23.20 11.39 18.76
N ILE F 109 24.05 11.68 17.78
CA ILE F 109 23.80 12.76 16.83
C ILE F 109 23.37 12.03 15.55
N CYS F 110 22.14 12.29 15.12
CA CYS F 110 21.57 11.60 13.97
C CYS F 110 21.60 12.33 12.62
N ASN F 111 21.92 11.58 11.57
CA ASN F 111 22.01 12.13 10.22
C ASN F 111 20.78 11.82 9.37
N ALA F 112 19.95 10.88 9.83
CA ALA F 112 18.75 10.50 9.07
C ALA F 112 17.75 9.75 9.95
N ALA F 113 16.53 9.58 9.45
CA ALA F 113 15.52 8.89 10.24
C ALA F 113 14.54 8.03 9.45
N VAL F 114 13.86 7.14 10.16
CA VAL F 114 12.86 6.25 9.57
C VAL F 114 11.54 7.03 9.68
N ARG F 115 10.81 7.11 8.58
CA ARG F 115 9.56 7.87 8.55
C ARG F 115 8.34 7.08 9.01
N GLU F 116 8.30 6.70 10.28
CA GLU F 116 7.13 5.97 10.76
C GLU F 116 6.11 6.93 11.38
N ASP F 117 5.74 7.94 10.59
CA ASP F 117 4.75 8.93 10.99
C ASP F 117 3.72 8.94 9.87
N ARG F 118 2.88 9.98 9.82
CA ARG F 118 1.90 10.09 8.74
C ARG F 118 2.05 11.45 8.05
N VAL F 119 2.28 12.50 8.83
CA VAL F 119 2.41 13.84 8.28
C VAL F 119 3.44 13.94 7.15
N SER F 120 4.63 13.38 7.35
CA SER F 120 5.63 13.47 6.29
C SER F 120 5.08 12.83 5.01
N HIS F 121 4.29 11.76 5.17
CA HIS F 121 3.71 11.07 4.02
C HIS F 121 2.60 11.88 3.36
N LEU F 122 1.96 12.75 4.13
CA LEU F 122 0.90 13.58 3.60
C LEU F 122 1.53 14.77 2.87
N LEU F 123 2.84 14.91 3.05
CA LEU F 123 3.63 15.99 2.45
C LEU F 123 4.39 15.54 1.19
N ILE F 124 4.93 14.33 1.23
CA ILE F 124 5.68 13.78 0.08
C ILE F 124 5.69 12.25 0.15
N HIS F 125 5.86 11.60 -1.00
CA HIS F 125 5.88 10.14 -1.12
C HIS F 125 6.84 9.47 -0.13
N GLY F 126 6.48 8.26 0.29
CA GLY F 126 7.26 7.51 1.25
C GLY F 126 8.69 7.19 0.86
N ASP F 127 8.93 6.99 -0.44
CA ASP F 127 10.28 6.69 -0.92
C ASP F 127 11.29 7.81 -0.63
N PHE F 128 10.79 9.02 -0.39
CA PHE F 128 11.65 10.19 -0.12
C PHE F 128 12.35 10.01 1.23
N PRO F 129 13.65 10.29 1.31
CA PRO F 129 14.38 10.13 2.58
C PRO F 129 14.27 11.25 3.60
N ALA F 130 14.29 10.87 4.87
CA ALA F 130 14.26 11.81 5.97
C ALA F 130 15.74 11.90 6.32
N VAL F 131 16.40 12.96 5.85
CA VAL F 131 17.82 13.14 6.08
C VAL F 131 18.12 14.57 6.54
N GLY F 132 19.05 14.70 7.49
CA GLY F 132 19.41 16.01 8.01
C GLY F 132 20.47 16.69 7.15
N ASP F 133 20.74 17.95 7.45
CA ASP F 133 21.74 18.71 6.71
C ASP F 133 23.13 18.33 7.21
N PHE F 134 24.08 18.15 6.28
CA PHE F 134 25.44 17.77 6.70
C PHE F 134 26.12 18.80 7.59
N ASP F 135 26.04 20.07 7.23
CA ASP F 135 26.68 21.13 8.00
C ASP F 135 26.24 21.13 9.45
N VAL F 136 24.93 20.97 9.67
CA VAL F 136 24.39 20.95 11.03
C VAL F 136 24.94 19.73 11.77
N TYR F 137 24.92 18.59 11.09
CA TYR F 137 25.42 17.33 11.64
C TYR F 137 26.88 17.51 12.05
N ASP F 138 27.68 18.01 11.12
CA ASP F 138 29.11 18.23 11.30
C ASP F 138 29.38 19.19 12.45
N THR F 139 28.57 20.25 12.54
CA THR F 139 28.73 21.24 13.60
C THR F 139 28.49 20.62 14.98
N LEU F 140 27.50 19.75 15.06
CA LEU F 140 27.18 19.10 16.31
C LEU F 140 28.31 18.19 16.75
N ASN F 141 28.87 17.41 15.81
CA ASN F 141 29.97 16.51 16.15
C ASN F 141 31.22 17.29 16.55
N LYS F 142 31.49 18.39 15.87
CA LYS F 142 32.66 19.20 16.17
C LYS F 142 32.55 19.80 17.57
N CYS F 143 31.35 20.27 17.93
CA CYS F 143 31.17 20.85 19.26
C CYS F 143 31.34 19.77 20.32
N ALA F 144 30.94 18.55 19.98
CA ALA F 144 31.06 17.42 20.91
C ALA F 144 32.55 17.12 21.12
N GLN F 145 33.29 17.08 20.01
CA GLN F 145 34.73 16.82 20.08
C GLN F 145 35.45 17.89 20.89
N GLU F 146 35.14 19.16 20.62
CA GLU F 146 35.77 20.26 21.33
C GLU F 146 35.49 20.18 22.83
N LEU F 147 34.27 19.79 23.19
CA LEU F 147 33.89 19.68 24.60
C LEU F 147 34.35 18.34 25.18
N ASN F 148 34.99 17.53 24.34
CA ASN F 148 35.49 16.23 24.77
C ASN F 148 34.38 15.29 25.26
N VAL F 149 33.23 15.35 24.59
CA VAL F 149 32.08 14.52 24.93
C VAL F 149 31.92 13.41 23.90
N PRO F 150 32.14 12.15 24.30
CA PRO F 150 31.97 11.06 23.33
C PRO F 150 30.51 10.96 22.91
N VAL F 151 30.26 10.69 21.63
CA VAL F 151 28.89 10.59 21.15
C VAL F 151 28.78 9.51 20.09
N PHE F 152 27.57 9.00 19.89
CA PHE F 152 27.33 8.01 18.85
C PHE F 152 26.72 8.75 17.66
N ASN F 153 26.77 8.12 16.49
CA ASN F 153 26.18 8.68 15.28
C ASN F 153 25.36 7.59 14.63
N GLY F 154 24.22 7.94 14.04
CA GLY F 154 23.40 6.94 13.41
C GLY F 154 22.00 7.39 13.02
N ILE F 155 21.20 6.42 12.58
CA ILE F 155 19.84 6.66 12.16
C ILE F 155 18.84 6.49 13.30
N SER F 156 17.85 7.37 13.35
CA SER F 156 16.82 7.30 14.37
C SER F 156 15.51 6.81 13.78
N VAL F 157 14.79 5.98 14.53
CA VAL F 157 13.49 5.53 14.06
C VAL F 157 12.51 6.52 14.69
N SER F 158 11.78 7.27 13.86
CA SER F 158 10.79 8.21 14.38
C SER F 158 9.41 7.53 14.24
N SER F 159 8.93 6.95 15.34
CA SER F 159 7.66 6.24 15.33
C SER F 159 6.56 6.93 16.12
N ASP F 160 5.36 6.96 15.54
CA ASP F 160 4.19 7.57 16.17
C ASP F 160 3.62 6.71 17.30
N MET F 161 4.07 5.45 17.38
CA MET F 161 3.57 4.54 18.42
C MET F 161 4.60 4.36 19.53
N TYR F 162 4.28 4.90 20.71
CA TYR F 162 5.15 4.80 21.88
C TYR F 162 4.82 3.55 22.68
N TYR F 163 3.53 3.31 22.89
CA TYR F 163 3.04 2.14 23.62
C TYR F 163 2.44 1.16 22.61
N PRO F 164 3.17 0.09 22.27
CA PRO F 164 2.71 -0.92 21.31
C PRO F 164 1.64 -1.87 21.84
N ASN F 165 0.92 -2.53 20.94
CA ASN F 165 -0.09 -3.51 21.33
C ASN F 165 0.40 -4.88 20.88
N LYS F 166 -0.42 -5.90 21.11
CA LYS F 166 -0.01 -7.27 20.76
C LYS F 166 -0.63 -7.82 19.48
N ILE F 167 -1.25 -6.96 18.67
CA ILE F 167 -1.87 -7.45 17.45
C ILE F 167 -0.94 -7.28 16.25
N ILE F 168 -0.58 -6.04 15.96
CA ILE F 168 0.32 -5.73 14.86
C ILE F 168 1.72 -5.65 15.45
N PRO F 169 2.65 -6.49 14.96
CA PRO F 169 4.01 -6.44 15.51
C PRO F 169 4.70 -5.11 15.29
N SER F 170 5.50 -4.71 16.27
CA SER F 170 6.25 -3.47 16.21
C SER F 170 7.41 -3.69 15.24
N ARG F 171 7.79 -2.64 14.52
CA ARG F 171 8.89 -2.75 13.57
C ARG F 171 10.25 -2.42 14.18
N LEU F 172 10.28 -2.10 15.48
CA LEU F 172 11.54 -1.74 16.13
C LEU F 172 12.62 -2.82 16.02
N GLU F 173 12.25 -4.08 16.14
CA GLU F 173 13.21 -5.16 16.02
C GLU F 173 13.80 -5.20 14.60
N ASP F 174 12.95 -5.01 13.60
CA ASP F 174 13.42 -5.00 12.21
C ASP F 174 14.43 -3.88 12.02
N TYR F 175 14.10 -2.71 12.53
CA TYR F 175 14.99 -1.56 12.37
C TYR F 175 16.29 -1.72 13.17
N SER F 176 16.23 -2.37 14.32
CA SER F 176 17.43 -2.60 15.12
C SER F 176 18.37 -3.47 14.27
N LYS F 177 17.78 -4.47 13.61
CA LYS F 177 18.54 -5.37 12.75
C LYS F 177 19.09 -4.63 11.55
N ALA F 178 18.31 -3.67 11.05
CA ALA F 178 18.74 -2.88 9.90
C ALA F 178 19.81 -1.86 10.34
N ASN F 179 20.18 -1.92 11.61
CA ASN F 179 21.19 -1.06 12.21
C ASN F 179 20.79 0.36 12.60
N ALA F 180 19.49 0.57 12.86
CA ALA F 180 19.03 1.88 13.30
C ALA F 180 19.61 1.93 14.71
N ALA F 181 20.03 3.11 15.16
CA ALA F 181 20.63 3.23 16.47
C ALA F 181 19.73 3.58 17.63
N VAL F 182 18.75 4.42 17.35
CA VAL F 182 17.87 4.91 18.39
C VAL F 182 16.43 5.15 17.91
N VAL F 183 15.52 5.40 18.85
CA VAL F 183 14.12 5.64 18.50
C VAL F 183 13.51 6.77 19.30
N GLU F 184 12.83 7.66 18.59
CA GLU F 184 12.13 8.77 19.23
C GLU F 184 10.87 9.08 18.43
N MET F 185 10.31 10.28 18.57
CA MET F 185 9.05 10.54 17.88
C MET F 185 8.89 11.77 17.01
N GLU F 186 9.96 12.52 16.74
CA GLU F 186 9.79 13.72 15.93
C GLU F 186 10.85 14.05 14.89
N LEU F 187 12.02 13.41 14.96
CA LEU F 187 13.09 13.74 14.03
C LEU F 187 12.80 13.61 12.54
N ALA F 188 12.17 12.52 12.12
CA ALA F 188 11.89 12.34 10.71
C ALA F 188 10.97 13.43 10.16
N THR F 189 10.00 13.85 10.97
CA THR F 189 9.06 14.89 10.56
C THR F 189 9.82 16.22 10.37
N LEU F 190 10.77 16.48 11.26
CA LEU F 190 11.58 17.71 11.18
C LEU F 190 12.41 17.69 9.89
N MET F 191 13.09 16.58 9.65
CA MET F 191 13.94 16.45 8.47
C MET F 191 13.18 16.66 7.16
N VAL F 192 12.09 15.93 6.97
CA VAL F 192 11.31 16.04 5.75
C VAL F 192 10.77 17.45 5.55
N ILE F 193 10.19 18.04 6.59
CA ILE F 193 9.68 19.40 6.46
C ILE F 193 10.82 20.36 6.11
N GLY F 194 11.97 20.15 6.75
CA GLY F 194 13.13 20.98 6.49
C GLY F 194 13.57 20.90 5.03
N THR F 195 13.71 19.69 4.52
CA THR F 195 14.12 19.49 3.14
C THR F 195 13.15 20.19 2.19
N LEU F 196 11.86 19.99 2.42
CA LEU F 196 10.82 20.59 1.59
C LEU F 196 10.78 22.12 1.63
N ARG F 197 11.08 22.68 2.80
CA ARG F 197 11.06 24.12 3.00
C ARG F 197 12.43 24.77 2.91
N LYS F 198 13.43 23.98 2.51
CA LYS F 198 14.80 24.47 2.40
C LYS F 198 15.35 25.00 3.71
N VAL F 199 15.09 24.26 4.78
CA VAL F 199 15.61 24.63 6.09
C VAL F 199 16.56 23.52 6.52
N LYS F 200 17.73 23.90 7.02
CA LYS F 200 18.74 22.94 7.46
C LYS F 200 18.39 22.37 8.83
N THR F 201 18.33 21.06 8.93
CA THR F 201 17.98 20.43 10.20
C THR F 201 19.01 19.47 10.73
N GLY F 202 18.91 19.22 12.03
CA GLY F 202 19.81 18.30 12.69
C GLY F 202 19.15 17.81 13.95
N GLY F 203 19.78 16.84 14.60
CA GLY F 203 19.22 16.31 15.82
C GLY F 203 20.25 15.69 16.72
N ILE F 204 20.11 15.93 18.02
CA ILE F 204 21.00 15.35 19.02
C ILE F 204 20.08 14.82 20.11
N LEU F 205 20.28 13.57 20.49
CA LEU F 205 19.43 12.91 21.47
C LEU F 205 20.17 12.22 22.61
N ILE F 206 19.55 12.16 23.77
CA ILE F 206 20.14 11.50 24.92
C ILE F 206 19.25 10.30 25.25
N VAL F 207 19.87 9.13 25.38
CA VAL F 207 19.16 7.87 25.68
C VAL F 207 18.56 7.80 27.08
N ASP F 208 17.28 7.48 27.16
CA ASP F 208 16.59 7.38 28.45
C ASP F 208 16.15 5.96 28.76
N GLY F 209 16.58 5.02 27.94
CA GLY F 209 16.21 3.64 28.16
C GLY F 209 16.20 2.83 26.87
N CYS F 210 15.60 1.65 26.91
CA CYS F 210 15.50 0.78 25.74
C CYS F 210 14.10 0.16 25.72
N PRO F 211 13.29 0.48 24.69
CA PRO F 211 11.94 -0.09 24.60
C PRO F 211 11.88 -1.62 24.64
N PHE F 212 12.97 -2.27 24.25
CA PHE F 212 13.01 -3.74 24.27
C PHE F 212 13.09 -4.24 25.71
N LYS F 213 13.46 -3.37 26.64
CA LYS F 213 13.59 -3.78 28.03
C LYS F 213 12.76 -2.98 29.05
N TRP F 214 11.70 -2.32 28.59
CA TRP F 214 10.86 -1.56 29.51
C TRP F 214 10.26 -2.48 30.56
N ASP F 215 9.92 -3.69 30.15
CA ASP F 215 9.32 -4.64 31.08
C ASP F 215 10.31 -5.07 32.16
N GLU F 216 11.56 -4.64 32.01
CA GLU F 216 12.60 -4.97 32.99
C GLU F 216 12.97 -3.69 33.72
N GLY F 217 12.11 -2.68 33.62
CA GLY F 217 12.35 -1.41 34.28
C GLY F 217 13.46 -0.56 33.68
N ASP F 218 13.89 -0.87 32.46
CA ASP F 218 14.96 -0.11 31.82
C ASP F 218 14.46 1.21 31.23
N PHE F 219 14.26 2.18 32.12
CA PHE F 219 13.79 3.50 31.75
C PHE F 219 14.07 4.50 32.88
N ASP F 220 14.65 5.64 32.54
CA ASP F 220 14.94 6.67 33.53
C ASP F 220 13.94 7.80 33.44
N ASN F 221 13.19 8.03 34.52
CA ASN F 221 12.23 9.13 34.54
C ASN F 221 13.04 10.42 34.53
N ASN F 222 14.29 10.30 34.96
CA ASN F 222 15.22 11.43 35.00
C ASN F 222 16.46 11.05 34.19
N LEU F 223 16.86 11.93 33.29
CA LEU F 223 18.03 11.70 32.45
C LEU F 223 19.31 11.82 33.28
N VAL F 224 20.37 11.13 32.86
CA VAL F 224 21.65 11.18 33.56
C VAL F 224 22.07 12.64 33.63
N PRO F 225 22.08 13.23 34.84
CA PRO F 225 22.45 14.62 35.10
C PRO F 225 23.60 15.20 34.29
N HIS F 226 24.79 14.64 34.46
CA HIS F 226 25.96 15.16 33.73
C HIS F 226 25.80 15.04 32.23
N GLN F 227 25.29 13.89 31.78
CA GLN F 227 25.08 13.66 30.36
C GLN F 227 24.12 14.67 29.76
N LEU F 228 23.02 14.94 30.46
CA LEU F 228 22.04 15.90 29.95
C LEU F 228 22.69 17.27 29.80
N GLU F 229 23.51 17.65 30.78
CA GLU F 229 24.20 18.93 30.73
C GLU F 229 25.19 18.97 29.57
N ASN F 230 25.92 17.88 29.38
CA ASN F 230 26.87 17.82 28.29
C ASN F 230 26.16 17.98 26.95
N MET F 231 25.03 17.29 26.77
CA MET F 231 24.29 17.38 25.52
C MET F 231 23.78 18.78 25.25
N ILE F 232 23.23 19.42 26.28
CA ILE F 232 22.72 20.77 26.11
C ILE F 232 23.85 21.74 25.72
N LYS F 233 25.05 21.52 26.26
CA LYS F 233 26.18 22.39 25.94
C LYS F 233 26.54 22.22 24.47
N ILE F 234 26.55 20.97 24.01
CA ILE F 234 26.83 20.67 22.61
C ILE F 234 25.77 21.36 21.73
N ALA F 235 24.51 21.23 22.15
CA ALA F 235 23.39 21.82 21.43
C ALA F 235 23.51 23.34 21.31
N LEU F 236 23.61 24.00 22.46
CA LEU F 236 23.74 25.46 22.48
C LEU F 236 25.01 25.88 21.76
N GLY F 237 26.06 25.09 21.92
CA GLY F 237 27.31 25.40 21.25
C GLY F 237 27.14 25.41 19.75
N ALA F 238 26.36 24.45 19.25
CA ALA F 238 26.13 24.34 17.82
C ALA F 238 25.28 25.49 17.30
N CYS F 239 24.21 25.80 18.02
CA CYS F 239 23.33 26.89 17.62
C CYS F 239 24.12 28.20 17.56
N ALA F 240 25.03 28.39 18.51
CA ALA F 240 25.85 29.59 18.54
C ALA F 240 26.72 29.66 17.28
N LYS F 241 27.44 28.57 17.00
CA LYS F 241 28.30 28.52 15.82
C LYS F 241 27.54 28.78 14.52
N LEU F 242 26.39 28.12 14.35
CA LEU F 242 25.58 28.30 13.15
C LEU F 242 24.91 29.67 13.09
N ALA F 243 24.59 30.23 14.25
CA ALA F 243 23.93 31.53 14.30
C ALA F 243 24.89 32.63 13.85
N THR F 244 26.16 32.49 14.21
CA THR F 244 27.19 33.45 13.86
C THR F 244 27.20 33.69 12.36
N LYS F 245 27.17 32.59 11.61
CA LYS F 245 27.19 32.66 10.16
C LYS F 245 26.09 33.53 9.56
N TYR F 246 24.86 33.41 10.08
CA TYR F 246 23.77 34.22 9.55
C TYR F 246 23.83 35.66 10.06
N ALA F 247 24.55 35.86 11.15
CA ALA F 247 24.69 37.18 11.74
C ALA F 247 25.55 38.09 10.86
#